data_1MQL
#
_entry.id   1MQL
#
_cell.length_a   147.678
_cell.length_b   147.098
_cell.length_c   251.985
_cell.angle_alpha   90.00
_cell.angle_beta   90.00
_cell.angle_gamma   90.00
#
_symmetry.space_group_name_H-M   'C 2 2 21'
#
loop_
_entity.id
_entity.type
_entity.pdbx_description
1 polymer 'Hemagglutinin HA1 chain'
2 polymer 'Hemagglutinin HA2 chain'
3 non-polymer 2-acetamido-2-deoxy-beta-D-glucopyranose
4 non-polymer 2-acetamido-2-deoxy-alpha-D-glucopyranose
5 non-polymer alpha-D-mannopyranose
6 water water
#
loop_
_entity_poly.entity_id
_entity_poly.type
_entity_poly.pdbx_seq_one_letter_code
_entity_poly.pdbx_strand_id
1 'polypeptide(L)'
;QDLPGNDNSTATLCLGHHAVPNGTIVKTITDDQIEVTNATELVQSSSTGKICNNPHRILDGRACTLIDALLGDPHCDVFQ
NETWDLFVERSNAFSNCYPYDIPDYASLRSLVASSGTLEFITEGFTWTGVTQNGGSSACKRGPANGFFSRLNWLTKSESA
YPVLNVTMPNNDNFDKLYIWGVHHPSTNQEQTNLYVQASGRVTVSTRRSQQTIIPNIGSRPWVRGQPGRISIYWTIVKPG
DVLVINSNGNLIAPRGYFKMRTGKSSIMRSDAPIDTCISECITPNGSIPNDKPFQNVNKITYGACPKYVKQNTLKLATGM
RNVPEKQTR
;
A,D,G
2 'polypeptide(L)'
;GLFGAIAGFIENGWEGMIDGWYGFRHQNSEGTGQAADLKSTQAAIDQINRKLNRVIEKTNEKFHQIEKEFSEVEGRIQDL
EKYVEDTKIDLWSYNAELLVALENQHTIDLADSEMNKLFEKTRRQLRENAEDMGNGCFKIYHKCDNACIESIRNGTYDHD
IYRDEALNNRFQIKGVELKSGYKDWILWISFAISCLLLCVVLLGFIMWACQRGNIRCNICI
;
B,E,H
#
loop_
_chem_comp.id
_chem_comp.type
_chem_comp.name
_chem_comp.formula
MAN D-saccharide, alpha linking alpha-D-mannopyranose 'C6 H12 O6'
NAG D-saccharide, beta linking 2-acetamido-2-deoxy-beta-D-glucopyranose 'C8 H15 N O6'
NDG D-saccharide, alpha linking 2-acetamido-2-deoxy-alpha-D-glucopyranose 'C8 H15 N O6'
#
# COMPACT_ATOMS: atom_id res chain seq x y z
N SER A 9 18.57 59.77 -29.15
CA SER A 9 19.41 59.02 -30.15
C SER A 9 19.11 57.53 -30.16
N THR A 10 19.32 56.88 -29.02
CA THR A 10 19.06 55.46 -28.87
C THR A 10 18.05 55.32 -27.72
N ALA A 11 17.65 54.10 -27.44
CA ALA A 11 16.72 53.81 -26.36
C ALA A 11 17.16 52.47 -25.80
N THR A 12 16.63 52.09 -24.65
CA THR A 12 17.01 50.81 -24.08
C THR A 12 15.76 50.09 -23.57
N LEU A 13 15.50 48.89 -24.10
CA LEU A 13 14.34 48.12 -23.70
C LEU A 13 14.74 46.94 -22.84
N CYS A 14 14.09 46.81 -21.69
CA CYS A 14 14.42 45.73 -20.78
C CYS A 14 13.21 44.86 -20.46
N LEU A 15 13.44 43.55 -20.37
CA LEU A 15 12.38 42.61 -20.03
C LEU A 15 12.60 42.08 -18.60
N GLY A 16 11.52 41.86 -17.87
CA GLY A 16 11.65 41.38 -16.51
C GLY A 16 10.44 40.61 -16.01
N HIS A 17 10.41 40.38 -14.70
CA HIS A 17 9.34 39.66 -14.04
C HIS A 17 9.18 40.33 -12.69
N HIS A 18 8.08 40.07 -12.00
CA HIS A 18 7.90 40.69 -10.71
C HIS A 18 8.59 39.95 -9.57
N ALA A 19 8.32 40.42 -8.35
CA ALA A 19 8.83 39.87 -7.10
C ALA A 19 7.88 40.41 -6.03
N VAL A 20 8.05 40.00 -4.78
CA VAL A 20 7.17 40.50 -3.75
C VAL A 20 7.93 40.84 -2.47
N PRO A 21 7.24 41.51 -1.52
CA PRO A 21 7.93 41.86 -0.27
C PRO A 21 8.29 40.54 0.42
N ASN A 22 7.28 39.88 0.95
CA ASN A 22 7.45 38.62 1.64
C ASN A 22 6.94 37.49 0.74
N GLY A 23 7.88 36.65 0.28
CA GLY A 23 7.50 35.54 -0.56
C GLY A 23 7.12 34.34 0.30
N THR A 24 7.14 33.15 -0.31
CA THR A 24 6.83 31.92 0.40
C THR A 24 7.89 30.86 0.08
N ILE A 25 8.48 30.26 1.11
CA ILE A 25 9.48 29.22 0.88
C ILE A 25 8.82 27.94 0.36
N VAL A 26 9.49 27.26 -0.56
CA VAL A 26 8.96 26.03 -1.13
C VAL A 26 10.04 24.98 -1.38
N LYS A 27 9.62 23.71 -1.39
CA LYS A 27 10.52 22.57 -1.61
C LYS A 27 10.38 22.04 -3.04
N THR A 28 11.52 21.78 -3.69
CA THR A 28 11.52 21.24 -5.04
C THR A 28 12.42 20.02 -5.06
N ILE A 29 12.91 19.66 -6.24
CA ILE A 29 13.76 18.49 -6.35
C ILE A 29 15.22 18.84 -6.11
N THR A 30 15.53 20.12 -6.11
CA THR A 30 16.91 20.52 -5.89
C THR A 30 17.06 21.51 -4.72
N ASP A 31 16.03 21.60 -3.89
CA ASP A 31 15.99 22.48 -2.69
C ASP A 31 14.90 22.04 -1.73
N ASP A 32 15.21 22.04 -0.44
CA ASP A 32 14.20 21.69 0.54
C ASP A 32 13.66 23.06 1.00
N GLN A 33 14.30 24.11 0.48
CA GLN A 33 13.95 25.48 0.80
C GLN A 33 14.29 26.39 -0.36
N ILE A 34 13.26 26.97 -0.96
CA ILE A 34 13.46 27.91 -2.05
C ILE A 34 12.25 28.84 -2.19
N GLU A 35 12.50 30.13 -2.10
CA GLU A 35 11.42 31.10 -2.16
C GLU A 35 10.80 31.30 -3.53
N VAL A 36 9.47 31.35 -3.52
CA VAL A 36 8.66 31.59 -4.72
C VAL A 36 7.79 32.79 -4.36
N THR A 37 7.16 33.41 -5.36
CA THR A 37 6.32 34.57 -5.12
C THR A 37 5.07 34.19 -4.37
N ASN A 38 4.66 32.93 -4.46
CA ASN A 38 3.47 32.50 -3.74
C ASN A 38 3.18 31.04 -3.86
N ALA A 39 2.37 30.53 -2.93
CA ALA A 39 1.97 29.13 -2.92
C ALA A 39 0.60 28.88 -2.28
N THR A 40 0.23 27.62 -2.06
CA THR A 40 -1.06 27.29 -1.44
C THR A 40 -0.93 25.97 -0.66
N GLU A 41 -1.47 25.91 0.55
CA GLU A 41 -1.40 24.73 1.41
C GLU A 41 -2.20 23.56 0.86
N LEU A 42 -1.72 22.33 1.08
CA LEU A 42 -2.42 21.13 0.62
C LEU A 42 -2.78 20.19 1.77
N VAL A 43 -2.39 20.57 2.97
CA VAL A 43 -2.65 19.77 4.18
C VAL A 43 -3.63 20.44 5.17
N GLN A 44 -4.90 20.05 5.07
CA GLN A 44 -5.94 20.55 5.96
C GLN A 44 -5.44 20.13 7.34
N SER A 45 -5.09 21.08 8.19
CA SER A 45 -4.59 20.72 9.52
C SER A 45 -5.42 21.25 10.68
N SER A 46 -6.53 21.90 10.39
CA SER A 46 -7.35 22.46 11.43
C SER A 46 -8.79 22.02 11.33
N SER A 47 -9.44 21.84 12.47
CA SER A 47 -10.85 21.46 12.49
C SER A 47 -11.64 22.41 13.37
N THR A 48 -12.93 22.52 13.07
CA THR A 48 -13.82 23.37 13.82
C THR A 48 -13.92 22.85 15.26
N GLY A 49 -13.97 21.53 15.40
CA GLY A 49 -14.08 20.92 16.72
C GLY A 49 -15.48 20.42 16.98
N LYS A 50 -16.27 20.39 15.90
CA LYS A 50 -17.67 19.97 15.93
C LYS A 50 -18.00 19.21 14.66
N ILE A 51 -18.92 18.26 14.79
CA ILE A 51 -19.28 17.43 13.65
C ILE A 51 -20.58 17.96 13.02
N CYS A 52 -20.54 18.38 11.75
CA CYS A 52 -21.76 18.90 11.11
C CYS A 52 -22.85 17.87 11.03
N ASN A 53 -24.06 18.31 11.37
CA ASN A 53 -25.20 17.40 11.38
C ASN A 53 -25.55 16.71 10.07
N ASN A 54 -24.93 17.11 8.98
CA ASN A 54 -25.23 16.42 7.75
C ASN A 54 -24.28 16.99 6.70
N PRO A 55 -24.42 16.63 5.41
CA PRO A 55 -25.42 15.79 4.75
C PRO A 55 -25.56 14.39 5.19
N HIS A 56 -24.76 14.02 6.18
CA HIS A 56 -24.77 12.66 6.70
C HIS A 56 -25.67 12.52 7.91
N ARG A 57 -26.56 11.53 7.88
CA ARG A 57 -27.46 11.28 8.97
C ARG A 57 -26.60 10.81 10.15
N ILE A 58 -26.42 11.71 11.12
CA ILE A 58 -25.61 11.39 12.29
C ILE A 58 -26.47 11.05 13.48
N LEU A 59 -26.02 10.05 14.24
CA LEU A 59 -26.72 9.58 15.43
C LEU A 59 -25.77 9.54 16.62
N ASP A 60 -26.05 10.37 17.62
CA ASP A 60 -25.25 10.47 18.84
C ASP A 60 -25.68 9.42 19.87
N GLY A 61 -24.84 8.41 20.06
CA GLY A 61 -25.14 7.35 21.00
C GLY A 61 -25.34 7.83 22.42
N ARG A 62 -24.84 9.03 22.69
CA ARG A 62 -24.96 9.67 24.01
C ARG A 62 -24.34 8.96 25.20
N ALA A 63 -24.89 7.82 25.59
CA ALA A 63 -24.32 7.09 26.71
C ALA A 63 -24.64 5.65 26.42
N CYS A 64 -24.94 5.41 25.16
CA CYS A 64 -25.27 4.08 24.70
C CYS A 64 -24.30 3.62 23.65
N THR A 65 -23.94 2.36 23.75
CA THR A 65 -23.04 1.76 22.80
C THR A 65 -23.90 1.09 21.75
N LEU A 66 -23.53 1.23 20.49
CA LEU A 66 -24.31 0.62 19.41
C LEU A 66 -24.69 -0.83 19.72
N ILE A 67 -24.00 -1.46 20.67
CA ILE A 67 -24.32 -2.83 21.03
C ILE A 67 -25.44 -2.79 22.06
N ASP A 68 -25.24 -1.98 23.10
CA ASP A 68 -26.23 -1.81 24.15
C ASP A 68 -27.57 -1.44 23.53
N ALA A 69 -27.54 -0.58 22.53
CA ALA A 69 -28.75 -0.17 21.84
C ALA A 69 -29.39 -1.42 21.21
N LEU A 70 -28.63 -2.07 20.33
CA LEU A 70 -29.09 -3.29 19.67
C LEU A 70 -29.74 -4.28 20.63
N LEU A 71 -29.05 -4.58 21.74
CA LEU A 71 -29.55 -5.53 22.73
C LEU A 71 -30.77 -5.03 23.45
N GLY A 72 -30.82 -3.72 23.64
CA GLY A 72 -31.97 -3.14 24.32
C GLY A 72 -31.73 -2.90 25.80
N ASP A 73 -30.61 -2.27 26.13
CA ASP A 73 -30.31 -1.95 27.53
C ASP A 73 -31.32 -0.86 27.87
N PRO A 74 -32.02 -0.98 29.01
CA PRO A 74 -33.02 0.02 29.41
C PRO A 74 -32.80 1.46 28.95
N HIS A 75 -31.78 2.13 29.48
CA HIS A 75 -31.54 3.52 29.11
C HIS A 75 -31.14 3.69 27.65
N CYS A 76 -31.24 2.63 26.86
CA CYS A 76 -30.88 2.70 25.44
C CYS A 76 -32.02 2.29 24.53
N ASP A 77 -33.22 2.17 25.10
CA ASP A 77 -34.38 1.80 24.31
C ASP A 77 -34.76 2.97 23.44
N VAL A 78 -34.33 4.16 23.85
CA VAL A 78 -34.61 5.36 23.10
C VAL A 78 -34.16 5.22 21.65
N PHE A 79 -33.18 4.34 21.42
CA PHE A 79 -32.64 4.13 20.09
C PHE A 79 -33.37 3.06 19.30
N GLN A 80 -34.38 2.46 19.92
CA GLN A 80 -35.11 1.40 19.24
C GLN A 80 -35.45 1.64 17.78
N ASN A 81 -34.76 0.91 16.92
CA ASN A 81 -34.95 0.99 15.48
C ASN A 81 -34.40 2.20 14.77
N GLU A 82 -33.56 2.97 15.45
CA GLU A 82 -32.98 4.14 14.83
C GLU A 82 -32.24 3.72 13.55
N THR A 83 -31.78 4.70 12.79
CA THR A 83 -31.03 4.45 11.57
C THR A 83 -29.87 5.42 11.61
N TRP A 84 -28.91 5.27 10.70
CA TRP A 84 -27.79 6.20 10.75
C TRP A 84 -26.84 6.10 9.57
N ASP A 85 -26.21 7.23 9.25
CA ASP A 85 -25.22 7.25 8.20
C ASP A 85 -23.92 7.06 8.95
N LEU A 86 -23.86 7.64 10.16
CA LEU A 86 -22.68 7.54 10.99
C LEU A 86 -22.99 7.59 12.47
N PHE A 87 -23.01 6.42 13.11
CA PHE A 87 -23.26 6.33 14.56
C PHE A 87 -22.03 6.88 15.27
N VAL A 88 -22.23 7.65 16.34
CA VAL A 88 -21.11 8.24 17.07
C VAL A 88 -21.11 7.84 18.54
N GLU A 89 -20.20 6.95 18.93
CA GLU A 89 -20.12 6.51 20.31
C GLU A 89 -19.27 7.43 21.15
N ARG A 90 -19.74 7.72 22.37
CA ARG A 90 -19.04 8.61 23.29
C ARG A 90 -18.21 7.85 24.32
N SER A 91 -17.13 8.48 24.75
CA SER A 91 -16.21 7.90 25.72
C SER A 91 -16.85 7.73 27.08
N ASN A 92 -17.98 8.37 27.30
CA ASN A 92 -18.62 8.27 28.59
C ASN A 92 -19.79 7.30 28.66
N ALA A 93 -20.17 6.72 27.52
CA ALA A 93 -21.27 5.76 27.49
C ALA A 93 -21.03 4.67 28.53
N PHE A 94 -22.07 3.93 28.90
CA PHE A 94 -21.94 2.87 29.89
C PHE A 94 -23.02 1.81 29.69
N SER A 95 -22.90 0.71 30.42
CA SER A 95 -23.88 -0.36 30.35
C SER A 95 -24.39 -0.55 31.77
N ASN A 96 -25.70 -0.73 31.94
CA ASN A 96 -26.25 -0.92 33.30
C ASN A 96 -27.31 -2.00 33.38
N CYS A 97 -27.30 -2.92 32.42
CA CYS A 97 -28.24 -4.03 32.41
C CYS A 97 -27.42 -5.24 32.84
N TYR A 98 -27.98 -6.45 32.73
CA TYR A 98 -27.29 -7.67 33.13
C TYR A 98 -25.89 -7.77 32.54
N PRO A 99 -24.94 -8.34 33.30
CA PRO A 99 -23.55 -8.50 32.82
C PRO A 99 -23.47 -9.41 31.60
N TYR A 100 -22.85 -8.93 30.52
CA TYR A 100 -22.72 -9.76 29.32
C TYR A 100 -21.32 -9.79 28.72
N ASP A 101 -21.16 -10.70 27.77
CA ASP A 101 -19.88 -10.90 27.14
C ASP A 101 -20.12 -11.45 25.73
N ILE A 102 -19.59 -10.76 24.72
CA ILE A 102 -19.80 -11.17 23.34
C ILE A 102 -18.52 -11.59 22.62
N PRO A 103 -18.41 -12.89 22.30
CA PRO A 103 -17.21 -13.38 21.61
C PRO A 103 -17.22 -12.68 20.25
N ASP A 104 -16.07 -12.15 19.83
CA ASP A 104 -15.99 -11.41 18.58
C ASP A 104 -16.99 -10.25 18.61
N TYR A 105 -16.81 -9.40 19.63
CA TYR A 105 -17.61 -8.21 19.86
C TYR A 105 -17.34 -7.32 18.66
N ALA A 106 -16.07 -7.08 18.41
CA ALA A 106 -15.64 -6.25 17.30
C ALA A 106 -16.43 -6.60 16.05
N SER A 107 -16.50 -7.88 15.72
CA SER A 107 -17.22 -8.28 14.52
C SER A 107 -18.69 -7.89 14.52
N LEU A 108 -19.39 -8.18 15.62
CA LEU A 108 -20.80 -7.82 15.68
C LEU A 108 -20.92 -6.32 15.50
N ARG A 109 -20.37 -5.55 16.43
CA ARG A 109 -20.42 -4.10 16.36
C ARG A 109 -20.24 -3.67 14.91
N SER A 110 -19.27 -4.27 14.24
CA SER A 110 -18.98 -3.91 12.85
C SER A 110 -20.15 -4.13 11.88
N LEU A 111 -20.52 -5.38 11.67
CA LEU A 111 -21.59 -5.72 10.75
C LEU A 111 -22.90 -4.97 10.97
N VAL A 112 -23.16 -4.56 12.20
CA VAL A 112 -24.38 -3.82 12.51
C VAL A 112 -24.18 -2.39 12.04
N ALA A 113 -23.07 -1.81 12.46
CA ALA A 113 -22.71 -0.44 12.13
C ALA A 113 -22.81 -0.19 10.64
N SER A 114 -22.35 -1.16 9.85
CA SER A 114 -22.37 -1.03 8.41
C SER A 114 -23.77 -1.22 7.83
N SER A 115 -24.63 -1.90 8.58
CA SER A 115 -26.01 -2.13 8.15
C SER A 115 -26.73 -0.79 8.28
N GLY A 116 -26.32 -0.03 9.30
CA GLY A 116 -26.88 1.28 9.56
C GLY A 116 -28.34 1.34 9.93
N THR A 117 -28.78 0.42 10.78
CA THR A 117 -30.18 0.40 11.19
C THR A 117 -30.42 -0.60 12.30
N LEU A 118 -31.45 -0.35 13.10
CA LEU A 118 -31.79 -1.25 14.20
C LEU A 118 -33.20 -1.83 14.01
N GLU A 119 -33.70 -1.77 12.78
CA GLU A 119 -35.03 -2.28 12.45
C GLU A 119 -35.34 -3.64 13.05
N PHE A 120 -36.10 -3.63 14.16
CA PHE A 120 -36.48 -4.88 14.81
C PHE A 120 -37.91 -5.33 14.49
N ILE A 121 -38.00 -6.55 13.98
CA ILE A 121 -39.26 -7.15 13.60
C ILE A 121 -39.59 -8.30 14.55
N THR A 122 -40.37 -8.03 15.60
CA THR A 122 -40.74 -9.08 16.54
C THR A 122 -41.42 -10.24 15.81
N GLU A 123 -41.16 -11.46 16.26
CA GLU A 123 -41.74 -12.63 15.64
C GLU A 123 -42.45 -13.54 16.62
N GLY A 124 -43.09 -14.57 16.08
CA GLY A 124 -43.83 -15.52 16.90
C GLY A 124 -43.01 -16.44 17.80
N PHE A 125 -43.18 -16.26 19.09
CA PHE A 125 -42.49 -17.09 20.08
C PHE A 125 -43.17 -18.45 19.97
N THR A 126 -42.65 -19.43 20.71
CA THR A 126 -43.22 -20.77 20.71
C THR A 126 -42.65 -21.53 21.91
N TRP A 127 -42.22 -20.77 22.91
CA TRP A 127 -41.65 -21.32 24.14
C TRP A 127 -42.70 -22.01 25.00
N THR A 128 -43.05 -23.22 24.61
CA THR A 128 -44.05 -24.00 25.33
C THR A 128 -43.42 -24.87 26.41
N GLY A 129 -43.71 -24.53 27.66
CA GLY A 129 -43.15 -25.30 28.77
C GLY A 129 -42.21 -24.53 29.66
N VAL A 130 -41.92 -23.28 29.32
CA VAL A 130 -41.01 -22.46 30.12
C VAL A 130 -41.55 -21.10 30.52
N THR A 131 -41.01 -20.58 31.60
CA THR A 131 -41.39 -19.27 32.13
C THR A 131 -40.56 -18.22 31.40
N GLN A 132 -41.25 -17.27 30.77
CA GLN A 132 -40.57 -16.22 30.00
C GLN A 132 -40.29 -14.89 30.71
N ASN A 133 -39.74 -13.96 29.94
CA ASN A 133 -39.42 -12.62 30.40
C ASN A 133 -38.69 -12.56 31.73
N GLY A 134 -37.56 -13.25 31.81
CA GLY A 134 -36.78 -13.25 33.03
C GLY A 134 -36.23 -11.86 33.22
N GLY A 135 -36.04 -11.43 34.46
CA GLY A 135 -35.52 -10.09 34.69
C GLY A 135 -34.48 -10.04 35.78
N SER A 136 -33.75 -8.93 35.87
CA SER A 136 -32.71 -8.80 36.87
C SER A 136 -32.63 -7.43 37.50
N SER A 137 -32.22 -7.42 38.77
CA SER A 137 -32.07 -6.19 39.51
C SER A 137 -30.85 -5.44 38.98
N ALA A 138 -29.98 -6.16 38.28
CA ALA A 138 -28.79 -5.53 37.72
C ALA A 138 -29.19 -4.87 36.40
N CYS A 139 -30.47 -5.00 36.05
CA CYS A 139 -30.98 -4.41 34.82
C CYS A 139 -32.36 -3.83 35.11
N LYS A 140 -32.45 -2.96 36.11
CA LYS A 140 -33.74 -2.36 36.47
C LYS A 140 -34.42 -1.68 35.29
N ARG A 141 -35.73 -1.89 35.19
CA ARG A 141 -36.55 -1.27 34.15
C ARG A 141 -37.66 -0.54 34.88
N GLY A 142 -37.31 0.63 35.40
CA GLY A 142 -38.25 1.40 36.18
C GLY A 142 -38.01 0.94 37.61
N PRO A 143 -39.05 0.46 38.32
CA PRO A 143 -38.84 -0.01 39.68
C PRO A 143 -38.59 -1.50 39.63
N ALA A 144 -39.09 -2.11 38.56
CA ALA A 144 -38.98 -3.55 38.31
C ALA A 144 -37.61 -4.04 37.82
N ASN A 145 -37.41 -5.35 37.85
CA ASN A 145 -36.16 -5.92 37.37
C ASN A 145 -36.38 -6.19 35.89
N GLY A 146 -35.61 -5.52 35.05
CA GLY A 146 -35.75 -5.69 33.61
C GLY A 146 -34.66 -6.53 32.99
N PHE A 147 -34.53 -6.42 31.67
CA PHE A 147 -33.52 -7.16 30.91
C PHE A 147 -33.50 -6.52 29.54
N PHE A 148 -32.52 -6.88 28.72
CA PHE A 148 -32.43 -6.31 27.37
C PHE A 148 -33.79 -6.45 26.67
N SER A 149 -34.27 -5.34 26.11
CA SER A 149 -35.55 -5.31 25.42
C SER A 149 -35.75 -6.40 24.36
N ARG A 150 -34.71 -6.69 23.59
CA ARG A 150 -34.84 -7.68 22.53
C ARG A 150 -34.58 -9.13 22.92
N LEU A 151 -34.27 -9.37 24.18
CA LEU A 151 -34.00 -10.73 24.60
C LEU A 151 -35.04 -11.28 25.56
N ASN A 152 -35.29 -12.58 25.45
CA ASN A 152 -36.26 -13.22 26.31
C ASN A 152 -35.61 -14.28 27.22
N TRP A 153 -35.50 -13.96 28.52
CA TRP A 153 -34.89 -14.87 29.48
C TRP A 153 -35.82 -16.00 29.88
N LEU A 154 -35.54 -17.20 29.39
CA LEU A 154 -36.37 -18.37 29.69
C LEU A 154 -35.91 -19.23 30.89
N THR A 155 -36.85 -19.50 31.81
CA THR A 155 -36.57 -20.34 32.98
C THR A 155 -37.51 -21.55 33.01
N LYS A 156 -37.50 -22.26 34.13
CA LYS A 156 -38.34 -23.45 34.28
C LYS A 156 -39.81 -23.07 34.47
N SER A 157 -40.68 -24.07 34.40
CA SER A 157 -42.12 -23.88 34.60
C SER A 157 -42.72 -25.17 35.15
N GLU A 158 -43.19 -25.11 36.40
CA GLU A 158 -43.76 -26.28 37.05
C GLU A 158 -42.73 -27.39 37.19
N SER A 159 -41.61 -27.08 37.83
CA SER A 159 -40.52 -28.05 38.06
C SER A 159 -40.02 -28.79 36.83
N ALA A 160 -39.68 -28.08 35.77
CA ALA A 160 -39.20 -28.75 34.58
C ALA A 160 -38.90 -27.85 33.40
N TYR A 161 -37.74 -28.05 32.80
CA TYR A 161 -37.36 -27.24 31.64
C TYR A 161 -37.33 -28.15 30.42
N PRO A 162 -38.33 -28.01 29.55
CA PRO A 162 -38.50 -28.77 28.31
C PRO A 162 -37.29 -28.80 27.40
N VAL A 163 -37.30 -29.71 26.43
CA VAL A 163 -36.21 -29.83 25.47
C VAL A 163 -36.61 -28.89 24.34
N LEU A 164 -36.72 -27.61 24.68
CA LEU A 164 -37.14 -26.57 23.75
C LEU A 164 -36.60 -26.80 22.36
N ASN A 165 -37.49 -26.60 21.39
CA ASN A 165 -37.15 -26.71 19.97
C ASN A 165 -38.13 -25.98 19.10
N VAL A 166 -37.73 -24.80 18.65
CA VAL A 166 -38.55 -23.97 17.77
C VAL A 166 -38.00 -23.74 16.34
N THR A 167 -38.92 -23.53 15.39
CA THR A 167 -38.51 -23.29 14.01
C THR A 167 -39.03 -21.94 13.52
N MET A 168 -38.19 -21.20 12.78
CA MET A 168 -38.57 -19.89 12.26
C MET A 168 -38.05 -19.73 10.84
N PRO A 169 -38.93 -19.92 9.85
CA PRO A 169 -38.59 -19.81 8.43
C PRO A 169 -38.30 -18.39 7.96
N ASN A 170 -37.44 -18.27 6.96
CA ASN A 170 -37.10 -16.97 6.38
C ASN A 170 -37.76 -16.92 5.02
N ASN A 171 -39.00 -16.44 5.01
CA ASN A 171 -39.82 -16.36 3.81
C ASN A 171 -39.76 -15.01 3.11
N ASP A 172 -39.13 -14.02 3.76
CA ASP A 172 -39.01 -12.69 3.17
C ASP A 172 -37.99 -12.69 2.03
N ASN A 173 -37.53 -11.51 1.63
CA ASN A 173 -36.56 -11.40 0.54
C ASN A 173 -35.23 -10.78 0.97
N PHE A 174 -35.02 -10.67 2.29
CA PHE A 174 -33.81 -10.07 2.82
C PHE A 174 -33.21 -10.93 3.94
N ASP A 175 -31.90 -10.82 4.15
CA ASP A 175 -31.23 -11.60 5.19
C ASP A 175 -31.67 -11.12 6.57
N LYS A 176 -31.93 -12.06 7.47
CA LYS A 176 -32.34 -11.73 8.83
C LYS A 176 -31.14 -11.89 9.75
N LEU A 177 -31.07 -11.01 10.74
CA LEU A 177 -29.98 -11.02 11.71
C LEU A 177 -30.53 -11.33 13.10
N TYR A 178 -30.44 -12.59 13.51
CA TYR A 178 -30.92 -12.99 14.84
C TYR A 178 -29.77 -12.93 15.83
N ILE A 179 -30.07 -12.44 17.02
CA ILE A 179 -29.05 -12.40 18.04
C ILE A 179 -29.63 -12.96 19.34
N TRP A 180 -29.04 -14.05 19.80
CA TRP A 180 -29.46 -14.73 21.01
C TRP A 180 -28.27 -14.85 21.92
N GLY A 181 -28.42 -15.64 22.98
CA GLY A 181 -27.32 -15.82 23.91
C GLY A 181 -27.56 -16.99 24.84
N VAL A 182 -26.59 -17.26 25.69
CA VAL A 182 -26.72 -18.35 26.65
C VAL A 182 -26.18 -17.85 27.99
N HIS A 183 -26.93 -18.14 29.06
CA HIS A 183 -26.59 -17.70 30.43
C HIS A 183 -25.68 -18.66 31.18
N HIS A 184 -24.70 -18.08 31.87
CA HIS A 184 -23.76 -18.88 32.64
C HIS A 184 -24.00 -18.73 34.13
N PRO A 185 -24.63 -19.73 34.76
CA PRO A 185 -24.93 -19.73 36.20
C PRO A 185 -23.69 -19.50 37.05
N SER A 186 -23.87 -18.93 38.23
CA SER A 186 -22.73 -18.68 39.12
C SER A 186 -22.43 -19.94 39.93
N THR A 187 -23.47 -20.75 40.19
CA THR A 187 -23.33 -22.00 40.94
C THR A 187 -24.21 -23.09 40.37
N ASN A 188 -23.95 -24.32 40.82
CA ASN A 188 -24.73 -25.48 40.36
C ASN A 188 -26.15 -25.35 40.86
N GLN A 189 -26.29 -24.98 42.14
CA GLN A 189 -27.61 -24.81 42.76
C GLN A 189 -28.46 -23.88 41.91
N GLU A 190 -27.81 -22.86 41.36
CA GLU A 190 -28.48 -21.89 40.53
C GLU A 190 -28.88 -22.56 39.23
N GLN A 191 -27.96 -23.34 38.67
CA GLN A 191 -28.21 -24.04 37.43
C GLN A 191 -29.48 -24.85 37.56
N THR A 192 -29.41 -25.93 38.34
CA THR A 192 -30.57 -26.81 38.55
C THR A 192 -31.79 -25.97 38.91
N ASN A 193 -31.62 -25.08 39.88
CA ASN A 193 -32.73 -24.25 40.33
C ASN A 193 -33.39 -23.41 39.23
N LEU A 194 -32.67 -23.11 38.16
CA LEU A 194 -33.24 -22.30 37.08
C LEU A 194 -33.64 -23.05 35.82
N TYR A 195 -32.90 -24.09 35.47
CA TYR A 195 -33.22 -24.84 34.25
C TYR A 195 -33.47 -26.32 34.52
N VAL A 196 -33.45 -26.67 35.80
CA VAL A 196 -33.68 -28.03 36.24
C VAL A 196 -32.52 -28.94 35.82
N GLN A 197 -32.18 -28.97 34.53
CA GLN A 197 -31.07 -29.82 34.09
C GLN A 197 -29.78 -29.39 34.75
N ALA A 198 -28.91 -30.35 35.04
CA ALA A 198 -27.64 -30.05 35.69
C ALA A 198 -26.64 -29.52 34.67
N SER A 199 -26.91 -29.77 33.40
CA SER A 199 -26.04 -29.32 32.32
C SER A 199 -26.88 -28.86 31.13
N GLY A 200 -26.90 -27.54 30.91
CA GLY A 200 -27.67 -26.97 29.83
C GLY A 200 -27.04 -27.09 28.45
N ARG A 201 -27.75 -26.59 27.44
CA ARG A 201 -27.28 -26.64 26.06
C ARG A 201 -28.13 -25.74 25.16
N VAL A 202 -27.48 -25.06 24.21
CA VAL A 202 -28.15 -24.17 23.25
C VAL A 202 -27.57 -24.36 21.86
N THR A 203 -28.42 -24.73 20.90
CA THR A 203 -27.97 -24.94 19.52
C THR A 203 -28.86 -24.20 18.54
N VAL A 204 -28.29 -23.25 17.82
CA VAL A 204 -29.06 -22.50 16.85
C VAL A 204 -28.46 -22.71 15.47
N SER A 205 -29.19 -23.46 14.66
CA SER A 205 -28.74 -23.82 13.32
C SER A 205 -29.61 -23.34 12.16
N THR A 206 -29.14 -23.69 10.96
CA THR A 206 -29.80 -23.37 9.71
C THR A 206 -29.31 -24.44 8.75
N ARG A 207 -29.80 -24.42 7.51
CA ARG A 207 -29.35 -25.42 6.56
C ARG A 207 -27.92 -25.11 6.16
N ARG A 208 -27.46 -23.91 6.51
CA ARG A 208 -26.13 -23.43 6.16
C ARG A 208 -25.06 -23.45 7.26
N SER A 209 -25.47 -23.19 8.49
CA SER A 209 -24.52 -23.16 9.59
C SER A 209 -25.07 -23.92 10.79
N GLN A 210 -24.36 -23.81 11.90
CA GLN A 210 -24.75 -24.50 13.11
C GLN A 210 -23.74 -24.17 14.20
N GLN A 211 -24.21 -23.55 15.28
CA GLN A 211 -23.33 -23.21 16.38
C GLN A 211 -23.97 -23.66 17.68
N THR A 212 -23.31 -24.59 18.36
CA THR A 212 -23.84 -25.10 19.61
C THR A 212 -22.97 -24.64 20.77
N ILE A 213 -23.59 -24.00 21.76
CA ILE A 213 -22.91 -23.46 22.93
C ILE A 213 -23.30 -24.21 24.19
N ILE A 214 -22.34 -24.37 25.10
CA ILE A 214 -22.60 -25.07 26.36
C ILE A 214 -22.31 -24.17 27.54
N PRO A 215 -23.29 -24.00 28.43
CA PRO A 215 -23.16 -23.16 29.62
C PRO A 215 -21.95 -23.58 30.42
N ASN A 216 -21.48 -22.67 31.26
CA ASN A 216 -20.33 -22.96 32.10
C ASN A 216 -20.56 -22.29 33.44
N ILE A 217 -20.73 -23.12 34.47
CA ILE A 217 -20.98 -22.64 35.81
C ILE A 217 -19.68 -22.34 36.53
N GLY A 218 -19.70 -21.27 37.34
CA GLY A 218 -18.55 -20.85 38.09
C GLY A 218 -18.86 -19.48 38.65
N SER A 219 -17.98 -18.96 39.49
CA SER A 219 -18.19 -17.66 40.09
C SER A 219 -17.34 -16.59 39.40
N ARG A 220 -17.95 -15.47 39.06
CA ARG A 220 -17.21 -14.40 38.42
C ARG A 220 -17.38 -13.14 39.29
N PRO A 221 -16.52 -12.13 39.13
CA PRO A 221 -16.66 -10.92 39.96
C PRO A 221 -18.01 -10.26 39.77
N TRP A 222 -18.62 -9.80 40.87
CA TRP A 222 -19.92 -9.14 40.81
C TRP A 222 -19.94 -7.96 39.85
N VAL A 223 -21.09 -7.78 39.22
CA VAL A 223 -21.30 -6.68 38.29
C VAL A 223 -22.75 -6.29 38.51
N ARG A 224 -22.96 -5.17 39.20
CA ARG A 224 -24.30 -4.73 39.51
C ARG A 224 -24.87 -5.87 40.34
N GLY A 225 -24.01 -6.43 41.19
CA GLY A 225 -24.39 -7.51 42.08
C GLY A 225 -24.47 -8.93 41.55
N GLN A 226 -24.43 -9.10 40.22
CA GLN A 226 -24.54 -10.42 39.60
C GLN A 226 -23.20 -11.13 39.30
N PRO A 227 -23.06 -12.40 39.72
CA PRO A 227 -21.86 -13.20 39.50
C PRO A 227 -21.92 -13.98 38.18
N GLY A 228 -23.13 -14.11 37.63
CA GLY A 228 -23.31 -14.84 36.39
C GLY A 228 -23.14 -13.94 35.19
N ARG A 229 -23.20 -14.51 33.99
CA ARG A 229 -23.04 -13.72 32.78
C ARG A 229 -23.77 -14.30 31.58
N ILE A 230 -23.96 -13.47 30.57
CA ILE A 230 -24.63 -13.91 29.35
C ILE A 230 -23.66 -13.80 28.17
N SER A 231 -23.34 -14.94 27.56
CA SER A 231 -22.46 -14.93 26.38
C SER A 231 -23.46 -14.71 25.24
N ILE A 232 -23.20 -13.73 24.37
CA ILE A 232 -24.11 -13.41 23.28
C ILE A 232 -23.62 -13.78 21.87
N TYR A 233 -24.48 -14.45 21.12
CA TYR A 233 -24.15 -14.88 19.76
C TYR A 233 -25.17 -14.40 18.75
N TRP A 234 -24.82 -14.44 17.47
CA TRP A 234 -25.72 -13.99 16.42
C TRP A 234 -25.73 -14.97 15.25
N THR A 235 -26.78 -14.93 14.44
CA THR A 235 -26.90 -15.78 13.28
C THR A 235 -27.61 -15.02 12.17
N ILE A 236 -27.17 -15.22 10.94
CA ILE A 236 -27.76 -14.56 9.78
C ILE A 236 -28.43 -15.64 8.97
N VAL A 237 -29.75 -15.58 8.89
CA VAL A 237 -30.48 -16.57 8.12
C VAL A 237 -30.72 -15.99 6.75
N LYS A 238 -30.50 -16.81 5.72
CA LYS A 238 -30.67 -16.38 4.33
C LYS A 238 -32.05 -16.70 3.78
N PRO A 239 -32.53 -15.88 2.83
CA PRO A 239 -33.85 -16.09 2.24
C PRO A 239 -34.00 -17.51 1.71
N GLY A 240 -35.06 -18.20 2.15
CA GLY A 240 -35.27 -19.56 1.71
C GLY A 240 -34.75 -20.55 2.73
N ASP A 241 -34.01 -20.06 3.72
CA ASP A 241 -33.47 -20.93 4.76
C ASP A 241 -34.43 -20.78 5.93
N VAL A 242 -34.11 -21.42 7.04
CA VAL A 242 -34.95 -21.37 8.24
C VAL A 242 -34.11 -21.52 9.51
N LEU A 243 -34.53 -20.85 10.57
CA LEU A 243 -33.85 -20.88 11.86
C LEU A 243 -34.47 -21.94 12.77
N VAL A 244 -33.64 -22.60 13.57
CA VAL A 244 -34.13 -23.63 14.49
C VAL A 244 -33.44 -23.46 15.82
N ILE A 245 -34.19 -23.40 16.91
CA ILE A 245 -33.59 -23.24 18.22
C ILE A 245 -33.90 -24.40 19.12
N ASN A 246 -32.88 -25.23 19.34
CA ASN A 246 -32.97 -26.44 20.17
C ASN A 246 -32.14 -26.33 21.44
N SER A 247 -32.81 -26.30 22.59
CA SER A 247 -32.12 -26.17 23.87
C SER A 247 -32.93 -26.74 25.00
N ASN A 248 -32.24 -27.29 25.99
CA ASN A 248 -32.91 -27.85 27.14
C ASN A 248 -32.39 -27.14 28.38
N GLY A 249 -32.05 -25.86 28.25
CA GLY A 249 -31.57 -25.10 29.40
C GLY A 249 -30.63 -23.95 29.08
N ASN A 250 -30.63 -22.94 29.93
CA ASN A 250 -29.75 -21.76 29.79
C ASN A 250 -29.91 -20.91 28.52
N LEU A 251 -31.02 -21.04 27.81
CA LEU A 251 -31.19 -20.26 26.59
C LEU A 251 -31.76 -18.88 26.83
N ILE A 252 -31.15 -17.89 26.19
CA ILE A 252 -31.61 -16.49 26.23
C ILE A 252 -32.09 -16.29 24.80
N ALA A 253 -33.37 -16.56 24.61
CA ALA A 253 -34.01 -16.51 23.31
C ALA A 253 -34.18 -15.15 22.66
N PRO A 254 -34.35 -15.15 21.32
CA PRO A 254 -34.54 -13.97 20.46
C PRO A 254 -36.04 -13.64 20.40
N ARG A 255 -36.36 -12.36 20.26
CA ARG A 255 -37.76 -11.96 20.19
C ARG A 255 -38.18 -11.81 18.73
N GLY A 256 -37.20 -11.60 17.86
CA GLY A 256 -37.48 -11.46 16.45
C GLY A 256 -36.20 -11.43 15.63
N TYR A 257 -36.00 -10.38 14.83
CA TYR A 257 -34.81 -10.23 14.00
C TYR A 257 -34.62 -8.79 13.53
N PHE A 258 -33.39 -8.46 13.17
CA PHE A 258 -33.07 -7.12 12.67
C PHE A 258 -32.96 -7.24 11.16
N LYS A 259 -33.40 -6.23 10.43
CA LYS A 259 -33.32 -6.28 8.98
C LYS A 259 -31.94 -5.81 8.58
N MET A 260 -31.27 -6.58 7.73
CA MET A 260 -29.93 -6.22 7.29
C MET A 260 -29.89 -5.63 5.89
N ARG A 261 -29.41 -4.39 5.83
CA ARG A 261 -29.27 -3.67 4.58
C ARG A 261 -27.80 -3.36 4.34
N THR A 262 -27.47 -2.96 3.12
CA THR A 262 -26.10 -2.64 2.76
C THR A 262 -26.05 -1.20 2.25
N GLY A 263 -25.13 -0.40 2.79
CA GLY A 263 -25.04 0.98 2.36
C GLY A 263 -23.71 1.63 2.63
N LYS A 264 -23.74 2.83 3.19
CA LYS A 264 -22.51 3.55 3.50
C LYS A 264 -22.50 3.87 4.99
N SER A 265 -23.27 3.12 5.75
CA SER A 265 -23.32 3.35 7.19
C SER A 265 -22.03 2.88 7.83
N SER A 266 -21.74 3.47 8.99
CA SER A 266 -20.55 3.12 9.75
C SER A 266 -20.63 3.71 11.15
N ILE A 267 -19.56 3.53 11.93
CA ILE A 267 -19.54 4.02 13.30
C ILE A 267 -18.22 4.74 13.61
N MET A 268 -18.27 5.69 14.54
CA MET A 268 -17.08 6.45 14.93
C MET A 268 -17.13 6.82 16.41
N ARG A 269 -15.98 6.72 17.07
CA ARG A 269 -15.88 7.05 18.49
C ARG A 269 -15.38 8.48 18.61
N SER A 270 -16.26 9.41 18.94
CA SER A 270 -15.85 10.80 19.09
C SER A 270 -16.62 11.53 20.15
N ASP A 271 -15.97 12.49 20.79
CA ASP A 271 -16.61 13.28 21.81
C ASP A 271 -16.90 14.65 21.23
N ALA A 272 -16.56 14.83 19.96
CA ALA A 272 -16.81 16.09 19.29
C ALA A 272 -18.30 16.38 19.37
N PRO A 273 -18.65 17.65 19.60
CA PRO A 273 -20.06 18.04 19.69
C PRO A 273 -20.66 18.08 18.30
N ILE A 274 -21.90 17.62 18.18
CA ILE A 274 -22.58 17.60 16.88
C ILE A 274 -23.32 18.93 16.66
N ASP A 275 -22.72 19.86 15.94
CA ASP A 275 -23.33 21.16 15.68
C ASP A 275 -24.20 21.12 14.41
N THR A 276 -24.84 22.24 14.12
CA THR A 276 -25.71 22.36 12.94
C THR A 276 -25.02 23.06 11.77
N CYS A 277 -24.36 22.27 10.93
CA CYS A 277 -23.67 22.82 9.76
C CYS A 277 -23.61 21.77 8.66
N ILE A 278 -22.84 22.04 7.62
CA ILE A 278 -22.71 21.12 6.51
C ILE A 278 -21.25 20.83 6.19
N SER A 279 -20.83 19.60 6.46
CA SER A 279 -19.46 19.20 6.19
C SER A 279 -19.44 17.78 5.66
N GLU A 280 -18.74 17.60 4.56
CA GLU A 280 -18.64 16.31 3.90
C GLU A 280 -17.74 15.34 4.67
N CYS A 281 -16.71 15.89 5.29
CA CYS A 281 -15.77 15.06 6.01
C CYS A 281 -15.93 15.08 7.53
N ILE A 282 -15.96 13.90 8.13
CA ILE A 282 -16.10 13.78 9.59
C ILE A 282 -14.93 13.01 10.16
N THR A 283 -14.42 13.50 11.29
CA THR A 283 -13.29 12.85 11.93
C THR A 283 -13.51 12.93 13.43
N PRO A 284 -12.82 12.08 14.20
CA PRO A 284 -12.99 12.11 15.66
C PRO A 284 -12.67 13.50 16.22
N ASN A 285 -12.27 14.40 15.33
CA ASN A 285 -11.95 15.77 15.72
C ASN A 285 -13.02 16.78 15.38
N GLY A 286 -14.07 16.33 14.70
CA GLY A 286 -15.14 17.23 14.30
C GLY A 286 -15.05 17.22 12.79
N SER A 287 -15.92 17.94 12.09
CA SER A 287 -15.81 17.91 10.65
C SER A 287 -14.66 18.79 10.14
N ILE A 288 -14.28 18.57 8.88
CA ILE A 288 -13.21 19.35 8.25
C ILE A 288 -13.46 19.59 6.76
N PRO A 289 -12.86 20.66 6.21
CA PRO A 289 -12.96 21.07 4.80
C PRO A 289 -12.33 20.01 3.90
N ASN A 290 -12.91 19.74 2.75
CA ASN A 290 -12.33 18.74 1.87
C ASN A 290 -11.83 19.36 0.58
N ASP A 291 -11.51 20.65 0.63
CA ASP A 291 -11.04 21.35 -0.56
C ASP A 291 -9.57 21.06 -0.84
N LYS A 292 -8.84 20.56 0.16
CA LYS A 292 -7.43 20.24 -0.02
C LYS A 292 -7.21 18.74 -0.30
N PRO A 293 -6.03 18.38 -0.84
CA PRO A 293 -5.71 16.99 -1.16
C PRO A 293 -5.28 16.12 -0.01
N PHE A 294 -4.77 16.73 1.05
CA PHE A 294 -4.29 15.94 2.19
C PHE A 294 -4.64 16.55 3.56
N GLN A 295 -4.77 15.71 4.58
CA GLN A 295 -5.11 16.16 5.93
C GLN A 295 -4.19 15.59 7.02
N ASN A 296 -4.04 16.33 8.11
CA ASN A 296 -3.19 15.91 9.23
C ASN A 296 -4.03 15.87 10.51
N VAL A 297 -5.34 15.94 10.33
CA VAL A 297 -6.31 15.92 11.43
C VAL A 297 -6.31 14.56 12.12
N ASN A 298 -6.92 13.57 11.49
CA ASN A 298 -6.99 12.24 12.05
C ASN A 298 -6.93 11.23 10.91
N LYS A 299 -6.37 10.05 11.15
CA LYS A 299 -6.32 9.05 10.09
C LYS A 299 -7.68 8.37 10.00
N ILE A 300 -8.41 8.40 11.11
CA ILE A 300 -9.78 7.85 11.16
C ILE A 300 -10.63 8.89 10.46
N THR A 301 -11.43 8.48 9.48
CA THR A 301 -12.27 9.44 8.76
C THR A 301 -13.54 8.87 8.10
N TYR A 302 -14.61 9.67 8.11
CA TYR A 302 -15.83 9.22 7.45
C TYR A 302 -16.38 10.22 6.44
N GLY A 303 -16.69 9.72 5.24
CA GLY A 303 -17.22 10.55 4.16
C GLY A 303 -16.18 10.82 3.08
N ALA A 304 -16.38 11.88 2.31
CA ALA A 304 -15.44 12.25 1.26
C ALA A 304 -14.39 13.14 1.91
N CYS A 305 -13.15 12.64 2.01
CA CYS A 305 -12.09 13.42 2.65
C CYS A 305 -10.74 13.30 1.99
N PRO A 306 -9.77 14.13 2.42
CA PRO A 306 -8.41 14.14 1.90
C PRO A 306 -7.65 12.96 2.52
N LYS A 307 -6.52 12.59 1.92
CA LYS A 307 -5.74 11.45 2.44
C LYS A 307 -4.88 11.84 3.63
N TYR A 308 -4.98 11.10 4.73
CA TYR A 308 -4.15 11.42 5.88
C TYR A 308 -2.69 11.30 5.45
N VAL A 309 -1.85 12.19 5.97
CA VAL A 309 -0.44 12.16 5.66
C VAL A 309 0.30 12.66 6.88
N LYS A 310 1.53 12.19 7.06
CA LYS A 310 2.33 12.56 8.20
C LYS A 310 2.75 14.04 8.33
N GLN A 311 2.84 14.74 7.19
CA GLN A 311 3.24 16.15 7.17
C GLN A 311 2.14 17.13 7.57
N ASN A 312 2.50 18.12 8.38
CA ASN A 312 1.52 19.09 8.83
C ASN A 312 1.42 20.27 7.85
N THR A 313 2.21 20.20 6.77
CA THR A 313 2.22 21.27 5.79
C THR A 313 3.06 20.95 4.55
N LEU A 314 2.48 21.24 3.38
CA LEU A 314 3.10 21.04 2.08
C LEU A 314 2.61 22.14 1.15
N LYS A 315 3.50 23.10 0.88
CA LYS A 315 3.21 24.26 0.05
C LYS A 315 3.35 23.97 -1.44
N LEU A 316 2.26 24.16 -2.19
CA LEU A 316 2.29 23.93 -3.63
C LEU A 316 2.50 25.25 -4.38
N ALA A 317 3.74 25.51 -4.78
CA ALA A 317 4.05 26.75 -5.50
C ALA A 317 3.09 27.09 -6.63
N THR A 318 2.59 28.33 -6.64
CA THR A 318 1.68 28.81 -7.70
C THR A 318 2.15 30.13 -8.30
N GLY A 319 3.48 30.32 -8.35
CA GLY A 319 4.07 31.53 -8.92
C GLY A 319 5.55 31.29 -9.20
N MET A 320 6.23 32.19 -9.90
CA MET A 320 7.64 31.99 -10.22
C MET A 320 8.59 32.12 -9.04
N ARG A 321 9.89 32.25 -9.31
CA ARG A 321 10.86 32.40 -8.24
C ARG A 321 11.01 33.86 -7.82
N ASN A 322 10.73 34.14 -6.56
CA ASN A 322 10.84 35.51 -6.08
C ASN A 322 12.31 35.86 -5.89
N VAL A 323 12.77 36.91 -6.55
CA VAL A 323 14.16 37.36 -6.43
C VAL A 323 14.09 38.83 -6.01
N PRO A 324 14.45 39.15 -4.75
CA PRO A 324 14.45 40.48 -4.12
C PRO A 324 14.96 41.68 -4.93
N GLU A 325 16.17 42.14 -4.62
CA GLU A 325 16.80 43.28 -5.28
C GLU A 325 17.80 43.86 -4.31
N LYS A 326 18.89 43.13 -4.08
CA LYS A 326 19.93 43.59 -3.14
C LYS A 326 19.36 43.79 -1.73
N GLY B 1 16.91 27.87 -12.56
CA GLY B 1 15.98 27.61 -13.68
C GLY B 1 16.68 27.15 -14.95
N LEU B 2 16.24 26.02 -15.49
CA LEU B 2 16.83 25.46 -16.70
C LEU B 2 17.05 26.45 -17.85
N PHE B 3 16.27 27.53 -17.89
CA PHE B 3 16.40 28.51 -18.97
C PHE B 3 17.24 29.71 -18.65
N GLY B 4 17.78 29.75 -17.43
CA GLY B 4 18.66 30.82 -16.99
C GLY B 4 18.25 32.28 -17.21
N ALA B 5 16.94 32.54 -17.25
CA ALA B 5 16.45 33.90 -17.43
C ALA B 5 16.21 34.45 -16.03
N ILE B 6 15.17 33.96 -15.36
CA ILE B 6 14.86 34.41 -14.01
C ILE B 6 15.97 33.92 -13.09
N ALA B 7 16.43 34.79 -12.18
CA ALA B 7 17.52 34.44 -11.28
C ALA B 7 18.68 33.98 -12.13
N GLY B 8 18.81 34.61 -13.29
CA GLY B 8 19.88 34.27 -14.22
C GLY B 8 20.44 35.50 -14.91
N PHE B 9 20.39 35.54 -16.25
CA PHE B 9 20.93 36.69 -16.95
C PHE B 9 20.15 37.97 -16.64
N ILE B 10 18.98 37.80 -16.04
CA ILE B 10 18.15 38.93 -15.65
C ILE B 10 18.39 39.05 -14.15
N GLU B 11 19.32 39.92 -13.76
CA GLU B 11 19.69 40.14 -12.35
C GLU B 11 18.67 39.83 -11.28
N ASN B 12 17.51 40.48 -11.35
CA ASN B 12 16.47 40.26 -10.37
C ASN B 12 15.11 40.71 -10.89
N GLY B 13 14.09 40.52 -10.06
CA GLY B 13 12.74 40.90 -10.43
C GLY B 13 12.42 42.34 -10.14
N TRP B 14 11.16 42.74 -10.37
CA TRP B 14 10.73 44.11 -10.14
C TRP B 14 9.58 44.23 -9.16
N GLU B 15 9.85 44.65 -7.93
CA GLU B 15 8.81 44.83 -6.93
C GLU B 15 7.86 45.93 -7.38
N GLY B 16 8.35 46.78 -8.28
CA GLY B 16 7.57 47.87 -8.81
C GLY B 16 6.42 47.44 -9.70
N MET B 17 6.53 46.25 -10.27
CA MET B 17 5.47 45.77 -11.13
C MET B 17 4.45 45.08 -10.24
N ILE B 18 3.20 45.54 -10.29
CA ILE B 18 2.16 44.96 -9.46
C ILE B 18 0.97 44.49 -10.27
N ASP B 19 1.02 44.73 -11.57
CA ASP B 19 -0.07 44.38 -12.47
C ASP B 19 0.19 43.16 -13.35
N GLY B 20 1.36 42.56 -13.20
CA GLY B 20 1.69 41.39 -14.00
C GLY B 20 2.94 40.65 -13.59
N TRP B 21 3.23 39.56 -14.30
CA TRP B 21 4.40 38.75 -14.03
C TRP B 21 5.61 39.24 -14.82
N TYR B 22 5.48 39.26 -16.15
CA TYR B 22 6.57 39.73 -17.01
C TYR B 22 6.15 41.06 -17.66
N GLY B 23 7.13 41.91 -17.97
CA GLY B 23 6.83 43.18 -18.61
C GLY B 23 8.12 43.84 -19.06
N PHE B 24 8.00 44.99 -19.73
CA PHE B 24 9.17 45.72 -20.21
C PHE B 24 9.38 46.99 -19.39
N ARG B 25 10.57 47.56 -19.50
CA ARG B 25 10.97 48.80 -18.85
C ARG B 25 11.90 49.46 -19.83
N HIS B 26 11.56 50.66 -20.28
CA HIS B 26 12.35 51.40 -21.26
C HIS B 26 12.91 52.73 -20.73
N GLN B 27 13.76 53.34 -21.53
CA GLN B 27 14.38 54.62 -21.20
C GLN B 27 14.69 55.30 -22.52
N ASN B 28 13.66 55.88 -23.13
CA ASN B 28 13.78 56.54 -24.41
C ASN B 28 13.96 58.06 -24.26
N SER B 29 13.93 58.77 -25.39
CA SER B 29 14.09 60.23 -25.43
C SER B 29 13.16 60.91 -24.44
N GLU B 30 11.95 60.39 -24.35
CA GLU B 30 10.92 60.93 -23.48
C GLU B 30 11.01 60.55 -22.01
N GLY B 31 12.13 59.99 -21.59
CA GLY B 31 12.26 59.60 -20.19
C GLY B 31 12.33 58.09 -19.98
N THR B 32 11.59 57.59 -18.98
CA THR B 32 11.56 56.17 -18.66
C THR B 32 10.15 55.69 -18.37
N GLY B 33 9.86 54.44 -18.74
CA GLY B 33 8.54 53.88 -18.50
C GLY B 33 8.57 52.43 -18.01
N GLN B 34 7.39 51.83 -17.93
CA GLN B 34 7.25 50.45 -17.48
C GLN B 34 5.84 49.93 -17.74
N ALA B 35 5.74 48.74 -18.33
CA ALA B 35 4.43 48.17 -18.61
C ALA B 35 4.48 46.65 -18.70
N ALA B 36 3.60 46.00 -17.95
CA ALA B 36 3.52 44.55 -17.88
C ALA B 36 2.92 43.92 -19.12
N ASP B 37 3.54 42.82 -19.58
CA ASP B 37 3.11 42.08 -20.77
C ASP B 37 1.96 41.13 -20.43
N LEU B 38 0.75 41.53 -20.77
CA LEU B 38 -0.41 40.71 -20.48
C LEU B 38 -0.33 39.30 -21.04
N LYS B 39 -0.20 39.21 -22.36
CA LYS B 39 -0.15 37.91 -23.05
C LYS B 39 0.71 36.89 -22.32
N SER B 40 1.99 37.22 -22.14
CA SER B 40 2.95 36.37 -21.46
C SER B 40 2.55 36.05 -20.02
N THR B 41 2.05 37.07 -19.33
CA THR B 41 1.62 36.90 -17.96
C THR B 41 0.48 35.90 -17.94
N GLN B 42 -0.52 36.13 -18.76
CA GLN B 42 -1.66 35.23 -18.80
C GLN B 42 -1.30 33.77 -19.11
N ALA B 43 -0.40 33.57 -20.06
CA ALA B 43 0.06 32.23 -20.44
C ALA B 43 0.54 31.51 -19.18
N ALA B 44 1.49 32.14 -18.48
CA ALA B 44 2.04 31.61 -17.24
C ALA B 44 0.92 31.23 -16.28
N ILE B 45 0.15 32.24 -15.86
CA ILE B 45 -0.95 32.05 -14.93
C ILE B 45 -1.89 30.91 -15.32
N ASP B 46 -2.36 30.90 -16.56
CA ASP B 46 -3.27 29.84 -17.02
C ASP B 46 -2.73 28.44 -16.80
N GLN B 47 -1.50 28.20 -17.24
CA GLN B 47 -0.85 26.89 -17.11
C GLN B 47 -0.70 26.41 -15.68
N ILE B 48 -0.22 27.27 -14.81
CA ILE B 48 -0.05 26.90 -13.42
C ILE B 48 -1.39 26.78 -12.70
N ASN B 49 -2.42 27.39 -13.27
CA ASN B 49 -3.75 27.30 -12.67
C ASN B 49 -4.30 25.91 -12.94
N ARG B 50 -4.26 25.50 -14.21
CA ARG B 50 -4.73 24.17 -14.57
C ARG B 50 -3.99 23.23 -13.61
N LYS B 51 -2.65 23.23 -13.71
CA LYS B 51 -1.77 22.42 -12.86
C LYS B 51 -2.36 22.29 -11.48
N LEU B 52 -2.79 23.44 -10.96
CA LEU B 52 -3.40 23.51 -9.65
C LEU B 52 -4.71 22.70 -9.59
N ASN B 53 -5.67 23.01 -10.47
CA ASN B 53 -6.95 22.31 -10.48
C ASN B 53 -6.83 20.79 -10.51
N ARG B 54 -5.82 20.30 -11.26
CA ARG B 54 -5.55 18.87 -11.39
C ARG B 54 -5.26 18.27 -10.02
N VAL B 55 -4.86 19.12 -9.08
CA VAL B 55 -4.52 18.65 -7.75
C VAL B 55 -5.58 18.94 -6.68
N ILE B 56 -6.39 19.99 -6.85
CA ILE B 56 -7.37 20.36 -5.82
C ILE B 56 -8.81 19.81 -5.86
N GLU B 57 -9.45 19.82 -7.03
CA GLU B 57 -10.84 19.35 -7.14
C GLU B 57 -11.00 17.83 -7.05
N LYS B 58 -10.03 17.12 -6.51
CA LYS B 58 -10.15 15.67 -6.48
C LYS B 58 -9.89 14.97 -5.15
N THR B 59 -10.94 14.30 -4.65
CA THR B 59 -10.91 13.55 -3.37
C THR B 59 -11.98 12.46 -3.46
N ASN B 60 -11.64 11.24 -3.06
CA ASN B 60 -12.59 10.14 -3.12
C ASN B 60 -13.28 9.86 -1.80
N GLU B 61 -14.39 9.13 -1.88
CA GLU B 61 -15.18 8.77 -0.72
C GLU B 61 -14.90 7.40 -0.15
N LYS B 62 -14.88 7.33 1.17
CA LYS B 62 -14.64 6.10 1.90
C LYS B 62 -15.50 6.18 3.15
N PHE B 63 -16.21 5.10 3.46
CA PHE B 63 -17.06 5.10 4.63
C PHE B 63 -16.63 4.08 5.67
N HIS B 64 -17.39 3.01 5.77
CA HIS B 64 -17.09 1.93 6.69
C HIS B 64 -15.70 1.43 6.28
N GLN B 65 -14.76 1.43 7.21
CA GLN B 65 -13.41 0.96 6.92
C GLN B 65 -13.00 0.01 8.05
N ILE B 66 -11.78 0.17 8.58
CA ILE B 66 -11.34 -0.68 9.68
C ILE B 66 -10.99 0.23 10.86
N GLU B 67 -11.10 -0.30 12.07
CA GLU B 67 -10.77 0.48 13.26
C GLU B 67 -9.30 0.80 13.18
N LYS B 68 -8.94 1.96 13.68
CA LYS B 68 -7.54 2.36 13.63
C LYS B 68 -6.99 2.66 15.02
N GLU B 69 -7.85 2.59 16.02
CA GLU B 69 -7.45 2.81 17.42
C GLU B 69 -7.94 1.61 18.22
N PHE B 70 -7.24 1.28 19.29
CA PHE B 70 -7.61 0.14 20.11
C PHE B 70 -7.46 0.40 21.59
N SER B 71 -8.36 -0.17 22.38
CA SER B 71 -8.33 0.02 23.82
C SER B 71 -7.68 -1.14 24.58
N GLU B 72 -7.57 -2.31 23.93
CA GLU B 72 -6.95 -3.45 24.57
C GLU B 72 -6.07 -4.26 23.63
N VAL B 73 -5.02 -4.84 24.21
CA VAL B 73 -4.07 -5.66 23.50
C VAL B 73 -4.73 -6.92 22.96
N GLU B 74 -4.49 -7.27 21.70
CA GLU B 74 -5.09 -8.48 21.10
C GLU B 74 -4.06 -9.37 20.40
N GLY B 75 -3.15 -8.77 19.66
CA GLY B 75 -2.15 -9.59 19.01
C GLY B 75 -2.09 -9.67 17.49
N ARG B 76 -1.95 -10.90 17.00
CA ARG B 76 -1.83 -11.13 15.58
C ARG B 76 -2.75 -10.28 14.77
N ILE B 77 -4.04 -10.50 14.94
CA ILE B 77 -5.04 -9.75 14.19
C ILE B 77 -4.84 -8.24 14.23
N GLN B 78 -4.75 -7.66 15.41
CA GLN B 78 -4.56 -6.22 15.50
C GLN B 78 -3.27 -5.76 14.84
N ASP B 79 -2.15 -6.41 15.15
CA ASP B 79 -0.86 -6.05 14.56
C ASP B 79 -1.01 -5.83 13.06
N LEU B 80 -1.89 -6.61 12.45
CA LEU B 80 -2.09 -6.53 11.03
C LEU B 80 -2.90 -5.29 10.70
N GLU B 81 -3.88 -4.97 11.54
CA GLU B 81 -4.72 -3.81 11.30
C GLU B 81 -3.95 -2.50 11.40
N LYS B 82 -2.89 -2.50 12.21
CA LYS B 82 -2.09 -1.29 12.30
C LYS B 82 -1.16 -1.27 11.12
N TYR B 83 -0.39 -2.34 10.96
CA TYR B 83 0.59 -2.44 9.88
C TYR B 83 0.01 -2.10 8.51
N VAL B 84 -1.22 -2.53 8.26
CA VAL B 84 -1.85 -2.21 6.99
C VAL B 84 -2.06 -0.68 6.94
N GLU B 85 -2.72 -0.13 7.96
CA GLU B 85 -2.96 1.30 7.99
C GLU B 85 -1.69 2.11 7.94
N ASP B 86 -0.68 1.69 8.70
CA ASP B 86 0.59 2.41 8.75
C ASP B 86 1.26 2.46 7.38
N THR B 87 1.27 1.32 6.68
CA THR B 87 1.88 1.21 5.36
C THR B 87 1.16 2.08 4.34
N LYS B 88 -0.15 2.22 4.51
CA LYS B 88 -0.97 3.04 3.61
C LYS B 88 -0.56 4.51 3.72
N ILE B 89 -0.54 5.00 4.95
CA ILE B 89 -0.18 6.38 5.23
C ILE B 89 1.23 6.72 4.78
N ASP B 90 2.19 5.84 5.04
CA ASP B 90 3.56 6.09 4.63
C ASP B 90 3.67 6.22 3.12
N LEU B 91 2.92 5.39 2.40
CA LEU B 91 2.93 5.42 0.95
C LEU B 91 2.32 6.72 0.47
N TRP B 92 1.18 7.10 1.03
CA TRP B 92 0.53 8.34 0.65
C TRP B 92 1.35 9.56 1.00
N SER B 93 1.92 9.57 2.20
CA SER B 93 2.73 10.69 2.60
C SER B 93 3.90 10.81 1.63
N TYR B 94 4.29 9.70 1.02
CA TYR B 94 5.38 9.73 0.07
C TYR B 94 4.92 10.33 -1.23
N ASN B 95 3.71 9.95 -1.66
CA ASN B 95 3.17 10.48 -2.91
C ASN B 95 3.04 12.00 -2.81
N ALA B 96 2.49 12.49 -1.71
CA ALA B 96 2.33 13.92 -1.54
C ALA B 96 3.68 14.61 -1.65
N GLU B 97 4.61 14.27 -0.76
CA GLU B 97 5.95 14.85 -0.76
C GLU B 97 6.58 14.94 -2.15
N LEU B 98 6.61 13.82 -2.87
CA LEU B 98 7.19 13.80 -4.22
C LEU B 98 6.39 14.59 -5.23
N LEU B 99 5.08 14.68 -5.02
CA LEU B 99 4.23 15.42 -5.95
C LEU B 99 4.59 16.90 -5.92
N VAL B 100 4.54 17.50 -4.73
CA VAL B 100 4.87 18.92 -4.67
C VAL B 100 6.25 19.15 -5.26
N ALA B 101 7.22 18.35 -4.83
CA ALA B 101 8.59 18.48 -5.30
C ALA B 101 8.70 18.52 -6.83
N LEU B 102 8.15 17.50 -7.49
CA LEU B 102 8.18 17.48 -8.93
C LEU B 102 7.49 18.74 -9.41
N GLU B 103 6.20 18.83 -9.11
CA GLU B 103 5.38 19.96 -9.51
C GLU B 103 6.06 21.31 -9.39
N ASN B 104 6.45 21.67 -8.16
CA ASN B 104 7.11 22.94 -7.90
C ASN B 104 8.32 23.10 -8.82
N GLN B 105 9.21 22.12 -8.77
CA GLN B 105 10.42 22.12 -9.60
C GLN B 105 10.05 22.42 -11.03
N HIS B 106 8.83 22.04 -11.42
CA HIS B 106 8.35 22.28 -12.79
C HIS B 106 7.74 23.67 -12.91
N THR B 107 6.93 24.05 -11.92
CA THR B 107 6.32 25.37 -11.93
C THR B 107 7.39 26.44 -12.01
N ILE B 108 8.51 26.21 -11.32
CA ILE B 108 9.63 27.15 -11.34
C ILE B 108 10.26 27.22 -12.73
N ASP B 109 10.41 26.07 -13.39
CA ASP B 109 11.00 26.06 -14.72
C ASP B 109 10.03 26.57 -15.76
N LEU B 110 8.74 26.26 -15.60
CA LEU B 110 7.76 26.73 -16.56
C LEU B 110 7.77 28.23 -16.64
N ALA B 111 7.85 28.88 -15.48
CA ALA B 111 7.87 30.34 -15.43
C ALA B 111 9.13 30.95 -16.03
N ASP B 112 10.27 30.27 -15.82
CA ASP B 112 11.57 30.71 -16.32
C ASP B 112 11.63 30.53 -17.84
N SER B 113 10.81 29.62 -18.32
CA SER B 113 10.72 29.33 -19.73
C SER B 113 9.89 30.46 -20.32
N GLU B 114 8.67 30.64 -19.82
CA GLU B 114 7.77 31.67 -20.32
C GLU B 114 8.42 33.05 -20.44
N MET B 115 9.32 33.35 -19.51
CA MET B 115 10.05 34.61 -19.50
C MET B 115 10.89 34.62 -20.76
N ASN B 116 11.74 33.60 -20.87
CA ASN B 116 12.63 33.45 -22.01
C ASN B 116 11.91 33.47 -23.35
N LYS B 117 10.66 33.02 -23.39
CA LYS B 117 9.90 33.05 -24.63
C LYS B 117 9.60 34.49 -24.99
N LEU B 118 9.43 35.33 -23.97
CA LEU B 118 9.14 36.74 -24.19
C LEU B 118 10.39 37.46 -24.70
N PHE B 119 11.51 37.19 -24.04
CA PHE B 119 12.78 37.80 -24.43
C PHE B 119 13.03 37.48 -25.88
N GLU B 120 12.90 36.20 -26.20
CA GLU B 120 13.12 35.74 -27.55
C GLU B 120 12.11 36.34 -28.52
N LYS B 121 10.84 36.42 -28.11
CA LYS B 121 9.79 36.98 -28.96
C LYS B 121 10.18 38.40 -29.35
N THR B 122 10.70 39.17 -28.40
CA THR B 122 11.11 40.53 -28.72
C THR B 122 12.36 40.58 -29.60
N ARG B 123 13.48 40.02 -29.12
CA ARG B 123 14.73 40.00 -29.89
C ARG B 123 14.45 39.84 -31.36
N ARG B 124 13.66 38.81 -31.67
CA ARG B 124 13.31 38.52 -33.04
C ARG B 124 12.68 39.72 -33.72
N GLN B 125 11.69 40.31 -33.05
CA GLN B 125 10.99 41.47 -33.57
C GLN B 125 11.93 42.61 -33.98
N LEU B 126 12.87 42.93 -33.10
CA LEU B 126 13.81 44.02 -33.35
C LEU B 126 14.83 43.76 -34.45
N ARG B 127 14.92 42.51 -34.90
CA ARG B 127 15.85 42.10 -35.96
C ARG B 127 17.26 42.67 -35.84
N GLU B 128 17.66 43.54 -36.77
CA GLU B 128 19.01 44.09 -36.74
C GLU B 128 19.08 45.53 -36.21
N ASN B 129 17.98 45.98 -35.62
CA ASN B 129 17.86 47.33 -35.06
C ASN B 129 18.39 47.47 -33.63
N ALA B 130 18.42 46.37 -32.87
CA ALA B 130 18.91 46.39 -31.49
C ALA B 130 20.07 45.42 -31.26
N GLU B 131 20.47 45.24 -30.00
CA GLU B 131 21.55 44.34 -29.60
C GLU B 131 21.38 43.88 -28.16
N ASP B 132 21.45 42.57 -27.92
CA ASP B 132 21.29 42.03 -26.57
C ASP B 132 22.49 42.45 -25.70
N MET B 133 22.24 43.29 -24.72
CA MET B 133 23.29 43.76 -23.84
C MET B 133 23.74 42.68 -22.88
N GLY B 134 23.00 41.57 -22.83
CA GLY B 134 23.36 40.49 -21.93
C GLY B 134 22.65 40.47 -20.58
N ASN B 135 21.90 41.54 -20.29
CA ASN B 135 21.19 41.63 -19.02
C ASN B 135 19.69 41.54 -19.19
N GLY B 136 19.23 41.14 -20.36
CA GLY B 136 17.80 41.05 -20.55
C GLY B 136 17.31 42.35 -21.11
N CYS B 137 18.25 43.23 -21.39
CA CYS B 137 17.90 44.51 -21.96
C CYS B 137 18.48 44.59 -23.36
N PHE B 138 17.72 45.16 -24.29
CA PHE B 138 18.16 45.38 -25.66
C PHE B 138 18.52 46.85 -25.84
N LYS B 139 19.60 47.12 -26.55
CA LYS B 139 19.97 48.51 -26.80
C LYS B 139 19.47 48.80 -28.21
N ILE B 140 18.32 49.46 -28.32
CA ILE B 140 17.75 49.79 -29.62
C ILE B 140 18.59 50.89 -30.25
N TYR B 141 19.15 50.63 -31.43
CA TYR B 141 20.01 51.59 -32.10
C TYR B 141 19.36 52.68 -32.94
N HIS B 142 18.25 53.23 -32.48
CA HIS B 142 17.58 54.30 -33.20
C HIS B 142 16.56 55.00 -32.31
N LYS B 143 16.32 56.28 -32.56
CA LYS B 143 15.37 57.06 -31.76
C LYS B 143 14.06 56.32 -31.65
N CYS B 144 13.69 55.96 -30.44
CA CYS B 144 12.48 55.20 -30.19
C CYS B 144 11.60 55.86 -29.14
N ASP B 145 10.67 56.72 -29.56
CA ASP B 145 9.81 57.39 -28.58
C ASP B 145 8.69 56.46 -28.08
N ASN B 146 7.93 56.92 -27.09
CA ASN B 146 6.85 56.14 -26.50
C ASN B 146 5.96 55.42 -27.51
N ALA B 147 5.69 56.06 -28.64
CA ALA B 147 4.85 55.41 -29.65
C ALA B 147 5.64 54.25 -30.24
N CYS B 148 6.92 54.49 -30.48
CA CYS B 148 7.85 53.50 -31.02
C CYS B 148 7.91 52.31 -30.06
N ILE B 149 8.25 52.59 -28.81
CA ILE B 149 8.31 51.55 -27.80
C ILE B 149 7.00 50.80 -27.79
N GLU B 150 5.90 51.51 -27.52
CA GLU B 150 4.59 50.87 -27.47
C GLU B 150 4.44 49.84 -28.56
N SER B 151 4.68 50.22 -29.81
CA SER B 151 4.55 49.27 -30.89
C SER B 151 5.25 47.94 -30.57
N ILE B 152 6.51 47.98 -30.13
CA ILE B 152 7.25 46.75 -29.80
C ILE B 152 6.37 45.89 -28.88
N ARG B 153 6.14 46.41 -27.70
CA ARG B 153 5.33 45.72 -26.71
C ARG B 153 4.03 45.09 -27.23
N ASN B 154 3.41 45.64 -28.25
CA ASN B 154 2.22 44.95 -28.73
C ASN B 154 2.52 44.39 -30.12
N GLY B 155 3.81 44.13 -30.34
CA GLY B 155 4.28 43.51 -31.57
C GLY B 155 3.93 43.99 -32.97
N THR B 156 3.75 45.28 -33.19
CA THR B 156 3.43 45.78 -34.54
C THR B 156 4.62 46.55 -35.12
N TYR B 157 5.73 46.50 -34.38
CA TYR B 157 6.98 47.17 -34.75
C TYR B 157 7.47 46.79 -36.14
N ASP B 158 7.57 47.78 -37.02
CA ASP B 158 8.02 47.60 -38.41
C ASP B 158 9.55 47.81 -38.46
N HIS B 159 10.29 46.72 -38.35
CA HIS B 159 11.75 46.78 -38.32
C HIS B 159 12.42 47.49 -39.47
N ASP B 160 11.77 47.52 -40.63
CA ASP B 160 12.32 48.19 -41.83
C ASP B 160 12.49 49.68 -41.62
N ILE B 161 11.35 50.32 -41.32
CA ILE B 161 11.27 51.74 -41.07
C ILE B 161 12.52 52.33 -40.44
N TYR B 162 13.13 51.60 -39.51
CA TYR B 162 14.32 52.10 -38.83
C TYR B 162 15.61 51.38 -39.16
N ARG B 163 15.54 50.31 -39.94
CA ARG B 163 16.75 49.55 -40.26
C ARG B 163 17.97 50.37 -40.65
N ASP B 164 17.81 51.26 -41.62
CA ASP B 164 18.94 52.09 -42.06
C ASP B 164 19.47 52.89 -40.88
N GLU B 165 18.63 53.75 -40.32
CA GLU B 165 19.01 54.59 -39.18
C GLU B 165 19.76 53.75 -38.15
N ALA B 166 19.25 52.54 -37.93
CA ALA B 166 19.81 51.59 -36.97
C ALA B 166 21.12 50.99 -37.43
N LEU B 167 21.13 50.42 -38.63
CA LEU B 167 22.34 49.80 -39.15
C LEU B 167 23.51 50.77 -39.08
N ASN B 168 23.26 52.02 -39.47
CA ASN B 168 24.30 53.04 -39.45
C ASN B 168 24.91 53.29 -38.07
N ASN B 169 24.07 53.41 -37.03
CA ASN B 169 24.56 53.64 -35.66
C ASN B 169 25.34 52.45 -35.17
N ARG B 170 24.86 51.27 -35.53
CA ARG B 170 25.50 50.03 -35.13
C ARG B 170 26.90 49.91 -35.71
N PHE B 171 26.99 50.01 -37.02
CA PHE B 171 28.26 49.87 -37.70
C PHE B 171 28.86 51.17 -38.23
N GLN B 172 29.32 51.99 -37.30
CA GLN B 172 29.97 53.25 -37.62
C GLN B 172 30.98 53.46 -36.49
N SER C 9 45.73 37.90 -35.45
CA SER C 9 44.56 38.63 -36.04
C SER C 9 43.25 38.33 -35.30
N THR C 10 42.86 37.06 -35.28
CA THR C 10 41.65 36.62 -34.60
C THR C 10 42.03 35.51 -33.62
N ALA C 11 41.18 35.24 -32.65
CA ALA C 11 41.46 34.18 -31.69
C ALA C 11 40.30 33.22 -31.69
N THR C 12 40.40 32.18 -30.87
CA THR C 12 39.34 31.20 -30.80
C THR C 12 39.08 30.73 -29.38
N LEU C 13 37.88 30.98 -28.88
CA LEU C 13 37.54 30.56 -27.54
C LEU C 13 36.54 29.42 -27.72
N CYS C 14 36.77 28.30 -27.04
CA CYS C 14 35.87 27.16 -27.13
C CYS C 14 35.36 26.70 -25.78
N LEU C 15 34.05 26.64 -25.64
CA LEU C 15 33.46 26.17 -24.40
C LEU C 15 33.28 24.67 -24.50
N GLY C 16 33.46 23.98 -23.38
CA GLY C 16 33.30 22.54 -23.38
C GLY C 16 33.00 22.05 -21.99
N HIS C 17 32.99 20.74 -21.84
CA HIS C 17 32.71 20.11 -20.56
C HIS C 17 33.63 18.89 -20.42
N HIS C 18 33.71 18.35 -19.21
CA HIS C 18 34.56 17.21 -18.99
C HIS C 18 33.94 15.92 -19.48
N ALA C 19 34.75 14.87 -19.40
CA ALA C 19 34.37 13.52 -19.80
C ALA C 19 35.37 12.61 -19.11
N VAL C 20 34.86 11.54 -18.52
CA VAL C 20 35.70 10.58 -17.83
C VAL C 20 36.00 9.37 -18.71
N PRO C 21 36.98 8.57 -18.31
CA PRO C 21 37.34 7.38 -19.11
C PRO C 21 36.29 6.28 -19.03
N ASN C 22 35.89 5.92 -17.82
CA ASN C 22 34.89 4.88 -17.60
C ASN C 22 33.69 5.42 -16.83
N GLY C 23 32.65 5.83 -17.56
CA GLY C 23 31.48 6.34 -16.88
C GLY C 23 30.78 5.27 -16.10
N THR C 24 29.52 5.54 -15.73
CA THR C 24 28.68 4.60 -14.98
C THR C 24 27.40 4.54 -15.80
N ILE C 25 26.66 3.43 -15.76
CA ILE C 25 25.43 3.39 -16.53
C ILE C 25 24.25 3.62 -15.63
N VAL C 26 23.27 4.34 -16.17
CA VAL C 26 22.06 4.71 -15.45
C VAL C 26 20.83 4.60 -16.37
N LYS C 27 19.64 4.52 -15.78
CA LYS C 27 18.39 4.45 -16.56
C LYS C 27 17.69 5.80 -16.47
N THR C 28 16.96 6.17 -17.52
CA THR C 28 16.23 7.44 -17.53
C THR C 28 14.85 7.20 -18.12
N ILE C 29 13.99 8.20 -18.07
CA ILE C 29 12.64 8.06 -18.60
C ILE C 29 12.62 7.67 -20.07
N THR C 30 13.79 7.71 -20.72
CA THR C 30 13.88 7.33 -22.14
C THR C 30 15.14 6.49 -22.42
N ASP C 31 15.61 5.79 -21.39
CA ASP C 31 16.81 4.96 -21.49
C ASP C 31 16.91 4.07 -20.28
N ASP C 32 17.00 2.77 -20.50
CA ASP C 32 17.17 1.88 -19.36
C ASP C 32 18.69 1.67 -19.35
N GLN C 33 19.35 2.42 -20.23
CA GLN C 33 20.79 2.39 -20.35
C GLN C 33 21.36 3.58 -21.10
N ILE C 34 22.10 4.39 -20.37
CA ILE C 34 22.77 5.56 -20.93
C ILE C 34 23.98 5.71 -20.03
N GLU C 35 24.93 6.57 -20.37
CA GLU C 35 26.11 6.69 -19.52
C GLU C 35 26.46 8.09 -19.02
N VAL C 36 26.52 8.25 -17.70
CA VAL C 36 26.86 9.51 -17.04
C VAL C 36 28.28 9.40 -16.50
N THR C 37 28.78 10.46 -15.89
CA THR C 37 30.13 10.44 -15.37
C THR C 37 30.27 9.93 -13.94
N ASN C 38 29.14 9.73 -13.27
CA ASN C 38 29.14 9.26 -11.89
C ASN C 38 27.72 8.99 -11.38
N ALA C 39 27.59 8.02 -10.50
CA ALA C 39 26.32 7.64 -9.92
C ALA C 39 26.58 7.15 -8.49
N THR C 40 25.59 7.30 -7.60
CA THR C 40 25.74 6.82 -6.24
C THR C 40 24.77 5.63 -6.18
N GLU C 41 24.70 4.89 -5.09
CA GLU C 41 23.79 3.73 -5.02
C GLU C 41 22.67 3.94 -4.04
N LEU C 42 21.44 3.67 -4.46
CA LEU C 42 20.30 3.84 -3.57
C LEU C 42 19.84 2.53 -2.91
N VAL C 43 20.45 1.41 -3.28
CA VAL C 43 20.08 0.12 -2.69
C VAL C 43 21.18 -0.57 -1.88
N GLN C 44 21.02 -0.64 -0.56
CA GLN C 44 21.99 -1.31 0.28
C GLN C 44 21.80 -2.78 -0.02
N SER C 45 22.86 -3.47 -0.41
CA SER C 45 22.71 -4.87 -0.74
C SER C 45 23.49 -5.81 0.15
N SER C 46 24.40 -5.28 0.95
CA SER C 46 25.21 -6.14 1.78
C SER C 46 25.02 -5.96 3.26
N SER C 47 25.28 -7.01 4.02
CA SER C 47 25.15 -6.94 5.48
C SER C 47 26.48 -7.30 6.13
N THR C 48 26.79 -6.67 7.27
CA THR C 48 28.04 -6.96 7.97
C THR C 48 28.02 -8.44 8.28
N GLY C 49 26.81 -8.97 8.49
CA GLY C 49 26.61 -10.37 8.79
C GLY C 49 26.24 -10.60 10.23
N LYS C 50 26.60 -9.66 11.08
CA LYS C 50 26.30 -9.78 12.48
C LYS C 50 25.33 -8.68 12.93
N ILE C 51 24.66 -8.88 14.06
CA ILE C 51 23.72 -7.90 14.60
C ILE C 51 24.46 -7.11 15.64
N CYS C 52 24.65 -5.82 15.38
CA CYS C 52 25.30 -4.93 16.29
C CYS C 52 24.54 -4.76 17.61
N ASN C 53 25.30 -4.96 18.67
CA ASN C 53 24.81 -4.94 20.02
C ASN C 53 24.14 -3.74 20.69
N ASN C 54 24.29 -2.49 20.25
CA ASN C 54 23.59 -1.56 21.12
C ASN C 54 22.83 -0.30 20.80
N PRO C 55 22.63 0.06 19.53
CA PRO C 55 21.84 1.28 19.69
C PRO C 55 20.59 0.77 20.41
N HIS C 56 20.32 -0.52 20.21
CA HIS C 56 19.19 -1.25 20.78
C HIS C 56 19.59 -2.35 21.77
N ARG C 57 18.76 -2.55 22.80
CA ARG C 57 19.00 -3.57 23.79
C ARG C 57 18.60 -4.91 23.18
N ILE C 58 19.60 -5.71 22.80
CA ILE C 58 19.34 -7.02 22.20
C ILE C 58 19.51 -8.13 23.22
N LEU C 59 18.51 -9.02 23.30
CA LEU C 59 18.51 -10.15 24.21
C LEU C 59 18.56 -11.41 23.40
N ASP C 60 19.60 -12.21 23.62
CA ASP C 60 19.76 -13.44 22.87
C ASP C 60 19.05 -14.60 23.54
N GLY C 61 18.03 -15.11 22.87
CA GLY C 61 17.25 -16.22 23.43
C GLY C 61 18.03 -17.51 23.51
N ARG C 62 19.27 -17.51 23.05
CA ARG C 62 20.08 -18.72 23.06
C ARG C 62 19.23 -19.92 22.69
N ALA C 63 19.03 -20.84 23.63
CA ALA C 63 18.25 -22.07 23.39
C ALA C 63 16.76 -21.94 23.70
N CYS C 64 16.36 -20.76 24.18
CA CYS C 64 14.97 -20.50 24.53
C CYS C 64 14.22 -19.63 23.56
N THR C 65 12.91 -19.88 23.48
CA THR C 65 12.01 -19.10 22.66
C THR C 65 11.35 -18.15 23.65
N LEU C 66 10.88 -16.99 23.19
CA LEU C 66 10.26 -16.04 24.11
C LEU C 66 9.22 -16.68 25.00
N ILE C 67 8.48 -17.66 24.47
CA ILE C 67 7.47 -18.33 25.25
C ILE C 67 8.08 -19.12 26.40
N ASP C 68 8.96 -20.06 26.07
CA ASP C 68 9.62 -20.89 27.07
C ASP C 68 10.32 -20.08 28.15
N ALA C 69 10.80 -18.89 27.80
CA ALA C 69 11.43 -18.05 28.81
C ALA C 69 10.33 -17.47 29.68
N LEU C 70 9.21 -17.11 29.05
CA LEU C 70 8.03 -16.55 29.71
C LEU C 70 7.39 -17.54 30.71
N LEU C 71 7.17 -18.76 30.23
CA LEU C 71 6.59 -19.82 31.06
C LEU C 71 7.55 -20.23 32.14
N GLY C 72 8.83 -20.30 31.78
CA GLY C 72 9.83 -20.68 32.76
C GLY C 72 10.33 -22.09 32.61
N ASP C 73 10.61 -22.51 31.39
CA ASP C 73 11.18 -23.83 31.15
C ASP C 73 12.47 -23.76 31.94
N PRO C 74 12.83 -24.82 32.67
CA PRO C 74 14.07 -24.82 33.47
C PRO C 74 15.31 -24.15 32.87
N HIS C 75 15.70 -24.52 31.66
CA HIS C 75 16.90 -23.90 31.10
C HIS C 75 16.69 -22.50 30.58
N CYS C 76 15.53 -21.92 30.85
CA CYS C 76 15.22 -20.57 30.42
C CYS C 76 15.08 -19.71 31.65
N ASP C 77 15.53 -20.26 32.78
CA ASP C 77 15.47 -19.56 34.04
C ASP C 77 16.43 -18.39 34.02
N VAL C 78 17.46 -18.49 33.20
CA VAL C 78 18.43 -17.42 33.10
C VAL C 78 17.75 -16.17 32.58
N PHE C 79 16.61 -16.33 31.91
CA PHE C 79 15.89 -15.19 31.35
C PHE C 79 14.84 -14.58 32.26
N GLN C 80 14.79 -15.04 33.50
CA GLN C 80 13.81 -14.53 34.43
C GLN C 80 13.83 -13.00 34.55
N ASN C 81 12.78 -12.37 34.05
CA ASN C 81 12.62 -10.91 34.11
C ASN C 81 13.46 -10.13 33.15
N GLU C 82 14.01 -10.79 32.16
CA GLU C 82 14.85 -10.09 31.24
C GLU C 82 14.01 -9.07 30.47
N THR C 83 14.65 -7.99 30.02
CA THR C 83 13.96 -6.97 29.24
C THR C 83 14.70 -6.90 27.92
N TRP C 84 14.12 -6.20 26.95
CA TRP C 84 14.77 -6.14 25.65
C TRP C 84 14.11 -5.17 24.69
N ASP C 85 14.89 -4.76 23.70
CA ASP C 85 14.42 -3.88 22.66
C ASP C 85 14.03 -4.84 21.54
N LEU C 86 14.88 -5.84 21.33
CA LEU C 86 14.67 -6.84 20.28
C LEU C 86 15.14 -8.23 20.75
N PHE C 87 14.19 -9.14 20.93
CA PHE C 87 14.49 -10.49 21.37
C PHE C 87 14.87 -11.33 20.16
N VAL C 88 15.97 -12.06 20.24
CA VAL C 88 16.38 -12.89 19.11
C VAL C 88 16.19 -14.38 19.33
N GLU C 89 15.19 -14.95 18.66
CA GLU C 89 14.88 -16.37 18.76
C GLU C 89 15.74 -17.17 17.79
N ARG C 90 16.52 -18.10 18.33
CA ARG C 90 17.40 -18.95 17.52
C ARG C 90 16.66 -20.16 17.00
N SER C 91 16.98 -20.56 15.77
CA SER C 91 16.34 -21.70 15.14
C SER C 91 16.57 -23.00 15.89
N ASN C 92 17.64 -23.06 16.65
CA ASN C 92 17.96 -24.26 17.39
C ASN C 92 17.54 -24.27 18.84
N ALA C 93 16.50 -23.50 19.17
CA ALA C 93 16.02 -23.49 20.54
C ALA C 93 15.27 -24.80 20.66
N PHE C 94 14.95 -25.20 21.88
CA PHE C 94 14.22 -26.44 22.07
C PHE C 94 13.50 -26.35 23.42
N SER C 95 12.50 -27.20 23.60
CA SER C 95 11.76 -27.21 24.86
C SER C 95 12.13 -28.44 25.66
N ASN C 96 12.41 -28.24 26.94
CA ASN C 96 12.78 -29.36 27.80
C ASN C 96 11.94 -29.35 29.07
N CYS C 97 10.62 -29.29 28.90
CA CYS C 97 9.69 -29.29 30.02
C CYS C 97 8.43 -30.05 29.62
N TYR C 98 7.36 -29.88 30.39
CA TYR C 98 6.11 -30.59 30.10
C TYR C 98 5.50 -30.21 28.74
N PRO C 99 4.89 -31.19 28.06
CA PRO C 99 4.26 -31.03 26.77
C PRO C 99 3.12 -30.00 26.84
N TYR C 100 3.25 -28.90 26.13
CA TYR C 100 2.20 -27.90 26.19
C TYR C 100 1.66 -27.55 24.82
N ASP C 101 0.67 -26.67 24.81
CA ASP C 101 0.01 -26.25 23.60
C ASP C 101 -0.67 -24.92 23.86
N ILE C 102 -0.34 -23.91 23.06
CA ILE C 102 -0.91 -22.58 23.24
C ILE C 102 -1.80 -22.13 22.08
N PRO C 103 -3.11 -22.09 22.31
CA PRO C 103 -4.05 -21.66 21.27
C PRO C 103 -3.75 -20.18 20.98
N ASP C 104 -3.47 -19.84 19.74
CA ASP C 104 -3.16 -18.46 19.40
C ASP C 104 -1.78 -18.09 19.95
N TYR C 105 -0.88 -19.07 19.91
CA TYR C 105 0.51 -18.94 20.37
C TYR C 105 1.12 -17.70 19.76
N ALA C 106 0.80 -17.44 18.51
CA ALA C 106 1.35 -16.30 17.80
C ALA C 106 0.99 -14.97 18.42
N SER C 107 -0.24 -14.82 18.89
CA SER C 107 -0.65 -13.55 19.47
C SER C 107 0.01 -13.35 20.80
N LEU C 108 0.21 -14.44 21.54
CA LEU C 108 0.86 -14.34 22.84
C LEU C 108 2.33 -14.02 22.60
N ARG C 109 2.95 -14.65 21.60
CA ARG C 109 4.34 -14.35 21.34
C ARG C 109 4.43 -12.88 21.00
N SER C 110 3.47 -12.41 20.21
CA SER C 110 3.45 -11.01 19.80
C SER C 110 3.20 -9.96 20.90
N LEU C 111 2.34 -10.25 21.88
CA LEU C 111 2.08 -9.22 22.89
C LEU C 111 3.14 -9.19 23.96
N VAL C 112 3.84 -10.31 24.14
CA VAL C 112 4.91 -10.34 25.11
C VAL C 112 6.08 -9.64 24.43
N ALA C 113 6.30 -9.99 23.16
CA ALA C 113 7.39 -9.39 22.41
C ALA C 113 7.32 -7.87 22.41
N SER C 114 6.12 -7.33 22.23
CA SER C 114 5.96 -5.90 22.18
C SER C 114 5.99 -5.29 23.54
N SER C 115 5.77 -6.10 24.57
CA SER C 115 5.85 -5.60 25.94
C SER C 115 7.33 -5.37 26.27
N GLY C 116 8.20 -6.27 25.80
CA GLY C 116 9.64 -6.14 26.02
C GLY C 116 10.16 -6.24 27.44
N THR C 117 9.56 -7.13 28.23
CA THR C 117 9.93 -7.33 29.62
C THR C 117 9.34 -8.63 30.14
N LEU C 118 10.03 -9.27 31.08
CA LEU C 118 9.50 -10.49 31.66
C LEU C 118 9.38 -10.31 33.17
N GLU C 119 9.27 -9.04 33.59
CA GLU C 119 9.14 -8.68 34.99
C GLU C 119 7.99 -9.48 35.53
N PHE C 120 8.30 -10.50 36.31
CA PHE C 120 7.28 -11.34 36.92
C PHE C 120 7.12 -10.95 38.39
N ILE C 121 5.89 -10.64 38.78
CA ILE C 121 5.62 -10.26 40.15
C ILE C 121 4.80 -11.35 40.87
N THR C 122 5.43 -12.03 41.84
CA THR C 122 4.75 -13.10 42.57
C THR C 122 3.75 -12.59 43.60
N GLU C 123 2.52 -13.04 43.47
CA GLU C 123 1.50 -12.64 44.41
C GLU C 123 1.18 -13.79 45.36
N GLY C 124 0.41 -13.49 46.40
CA GLY C 124 0.08 -14.51 47.39
C GLY C 124 -1.26 -15.16 47.17
N PHE C 125 -1.34 -16.06 46.20
CA PHE C 125 -2.60 -16.72 45.97
C PHE C 125 -2.87 -17.63 47.14
N THR C 126 -4.12 -18.08 47.25
CA THR C 126 -4.54 -18.92 48.34
C THR C 126 -5.16 -20.23 47.85
N TRP C 127 -4.35 -21.28 47.83
CA TRP C 127 -4.82 -22.58 47.38
C TRP C 127 -5.06 -23.52 48.56
N THR C 128 -6.30 -23.49 49.07
CA THR C 128 -6.71 -24.27 50.23
C THR C 128 -7.42 -25.57 49.91
N GLY C 129 -6.82 -26.69 50.34
CA GLY C 129 -7.42 -27.99 50.10
C GLY C 129 -6.78 -28.79 48.98
N VAL C 130 -5.73 -28.26 48.39
CA VAL C 130 -5.05 -28.96 47.31
C VAL C 130 -3.55 -28.94 47.55
N THR C 131 -2.84 -29.86 46.89
CA THR C 131 -1.39 -29.97 46.98
C THR C 131 -0.82 -29.02 45.92
N GLN C 132 0.26 -28.32 46.23
CA GLN C 132 0.84 -27.38 45.27
C GLN C 132 2.19 -27.82 44.74
N ASN C 133 2.66 -27.08 43.75
CA ASN C 133 3.96 -27.34 43.15
C ASN C 133 4.11 -28.78 42.67
N GLY C 134 3.21 -29.19 41.79
CA GLY C 134 3.32 -30.53 41.25
C GLY C 134 4.46 -30.46 40.26
N GLY C 135 5.03 -31.62 39.92
CA GLY C 135 6.14 -31.64 38.99
C GLY C 135 6.16 -32.86 38.09
N SER C 136 7.06 -32.85 37.11
CA SER C 136 7.12 -33.97 36.19
C SER C 136 8.54 -34.35 35.80
N SER C 137 8.69 -35.63 35.47
CA SER C 137 9.98 -36.15 35.06
C SER C 137 10.29 -35.57 33.69
N ALA C 138 9.32 -34.86 33.12
CA ALA C 138 9.50 -34.24 31.80
C ALA C 138 10.06 -32.83 31.90
N CYS C 139 10.13 -32.28 33.11
CA CYS C 139 10.62 -30.92 33.30
C CYS C 139 11.59 -30.97 34.46
N LYS C 140 12.59 -31.84 34.35
CA LYS C 140 13.59 -32.02 35.39
C LYS C 140 14.27 -30.71 35.67
N ARG C 141 14.25 -30.30 36.93
CA ARG C 141 14.92 -29.09 37.37
C ARG C 141 15.98 -29.68 38.30
N GLY C 142 17.16 -29.93 37.75
CA GLY C 142 18.19 -30.54 38.55
C GLY C 142 17.87 -32.02 38.49
N PRO C 143 18.24 -32.82 39.50
CA PRO C 143 17.92 -34.24 39.40
C PRO C 143 16.44 -34.56 39.63
N ALA C 144 15.72 -33.60 40.19
CA ALA C 144 14.30 -33.81 40.50
C ALA C 144 13.31 -33.40 39.42
N ASN C 145 12.04 -33.69 39.68
CA ASN C 145 10.99 -33.32 38.75
C ASN C 145 10.49 -31.92 39.03
N GLY C 146 10.62 -31.03 38.04
CA GLY C 146 10.15 -29.67 38.19
C GLY C 146 8.96 -29.40 37.31
N PHE C 147 8.74 -28.12 37.00
CA PHE C 147 7.63 -27.70 36.17
C PHE C 147 7.94 -26.25 35.84
N PHE C 148 7.04 -25.58 35.12
CA PHE C 148 7.27 -24.19 34.77
C PHE C 148 7.28 -23.32 36.02
N SER C 149 8.33 -22.52 36.14
CA SER C 149 8.50 -21.68 37.31
C SER C 149 7.40 -20.68 37.59
N ARG C 150 6.73 -20.20 36.55
CA ARG C 150 5.66 -19.22 36.73
C ARG C 150 4.29 -19.84 36.84
N LEU C 151 4.25 -21.17 36.90
CA LEU C 151 3.00 -21.89 37.01
C LEU C 151 2.97 -22.76 38.27
N ASN C 152 1.77 -23.10 38.73
CA ASN C 152 1.60 -23.90 39.93
C ASN C 152 0.70 -25.12 39.68
N TRP C 153 1.28 -26.32 39.64
CA TRP C 153 0.48 -27.51 39.39
C TRP C 153 -0.28 -27.99 40.62
N LEU C 154 -1.58 -27.69 40.66
CA LEU C 154 -2.42 -28.10 41.77
C LEU C 154 -3.05 -29.48 41.56
N THR C 155 -2.96 -30.33 42.59
CA THR C 155 -3.56 -31.67 42.55
C THR C 155 -4.36 -31.94 43.81
N LYS C 156 -5.03 -33.09 43.88
CA LYS C 156 -5.84 -33.41 45.06
C LYS C 156 -5.03 -33.48 46.34
N SER C 157 -5.69 -33.18 47.46
CA SER C 157 -5.05 -33.22 48.78
C SER C 157 -5.98 -33.97 49.72
N GLU C 158 -5.41 -34.86 50.53
CA GLU C 158 -6.17 -35.68 51.46
C GLU C 158 -7.50 -36.14 50.89
N SER C 159 -7.40 -36.93 49.83
CA SER C 159 -8.55 -37.48 49.15
C SER C 159 -9.63 -36.49 48.75
N ALA C 160 -9.24 -35.34 48.22
CA ALA C 160 -10.22 -34.35 47.80
C ALA C 160 -9.65 -33.21 46.96
N TYR C 161 -10.51 -32.57 46.19
CA TYR C 161 -10.12 -31.42 45.36
C TYR C 161 -11.28 -30.45 45.46
N PRO C 162 -11.14 -29.41 46.30
CA PRO C 162 -12.15 -28.38 46.53
C PRO C 162 -12.62 -27.62 45.31
N VAL C 163 -13.72 -26.89 45.48
CA VAL C 163 -14.21 -26.05 44.40
C VAL C 163 -13.35 -24.83 44.62
N LEU C 164 -12.11 -24.92 44.13
CA LEU C 164 -11.18 -23.81 44.28
C LEU C 164 -11.83 -22.57 43.73
N ASN C 165 -11.63 -21.48 44.43
CA ASN C 165 -12.18 -20.21 44.04
C ASN C 165 -11.34 -19.13 44.72
N VAL C 166 -10.58 -18.39 43.93
CA VAL C 166 -9.72 -17.36 44.46
C VAL C 166 -9.87 -16.01 43.75
N THR C 167 -9.53 -14.93 44.46
CA THR C 167 -9.63 -13.55 43.94
C THR C 167 -8.34 -12.73 44.08
N MET C 168 -7.95 -12.06 43.00
CA MET C 168 -6.76 -11.23 43.01
C MET C 168 -7.06 -9.91 42.29
N PRO C 169 -7.23 -8.82 43.05
CA PRO C 169 -7.54 -7.49 42.51
C PRO C 169 -6.33 -6.80 41.93
N ASN C 170 -6.58 -5.82 41.07
CA ASN C 170 -5.49 -5.06 40.47
C ASN C 170 -5.57 -3.64 41.03
N ASN C 171 -4.92 -3.42 42.17
CA ASN C 171 -4.88 -2.12 42.85
C ASN C 171 -3.65 -1.33 42.40
N ASP C 172 -3.14 -1.67 41.23
CA ASP C 172 -2.00 -0.95 40.70
C ASP C 172 -2.53 -0.04 39.62
N ASN C 173 -1.64 0.75 39.04
CA ASN C 173 -2.02 1.70 38.00
C ASN C 173 -1.66 1.18 36.62
N PHE C 174 -1.03 0.01 36.58
CA PHE C 174 -0.63 -0.59 35.31
C PHE C 174 -1.33 -1.93 35.08
N ASP C 175 -1.26 -2.43 33.85
CA ASP C 175 -1.91 -3.67 33.52
C ASP C 175 -1.10 -4.90 33.89
N LYS C 176 -1.80 -5.95 34.32
CA LYS C 176 -1.23 -7.23 34.73
C LYS C 176 -1.58 -8.31 33.70
N LEU C 177 -0.56 -9.03 33.23
CA LEU C 177 -0.78 -10.11 32.26
C LEU C 177 -0.63 -11.41 33.04
N TYR C 178 -1.76 -12.09 33.25
CA TYR C 178 -1.78 -13.36 33.98
C TYR C 178 -1.75 -14.51 33.00
N ILE C 179 -0.85 -15.46 33.24
CA ILE C 179 -0.74 -16.64 32.39
C ILE C 179 -0.96 -17.91 33.18
N TRP C 180 -2.13 -18.51 33.00
CA TRP C 180 -2.51 -19.74 33.67
C TRP C 180 -2.75 -20.79 32.62
N GLY C 181 -3.17 -21.98 33.03
CA GLY C 181 -3.42 -23.00 32.03
C GLY C 181 -4.26 -24.10 32.63
N VAL C 182 -4.59 -25.11 31.82
CA VAL C 182 -5.39 -26.24 32.31
C VAL C 182 -4.77 -27.59 31.87
N HIS C 183 -4.94 -28.64 32.67
CA HIS C 183 -4.35 -29.95 32.37
C HIS C 183 -5.27 -30.99 31.71
N HIS C 184 -4.81 -31.57 30.60
CA HIS C 184 -5.55 -32.59 29.86
C HIS C 184 -5.03 -33.99 30.17
N PRO C 185 -5.63 -34.69 31.15
CA PRO C 185 -5.15 -36.03 31.47
C PRO C 185 -5.13 -36.94 30.26
N SER C 186 -4.41 -38.05 30.37
CA SER C 186 -4.31 -38.98 29.27
C SER C 186 -5.34 -40.10 29.37
N THR C 187 -5.93 -40.26 30.55
CA THR C 187 -6.95 -41.28 30.79
C THR C 187 -7.91 -40.85 31.90
N ASN C 188 -9.01 -41.58 32.04
CA ASN C 188 -9.95 -41.25 33.09
C ASN C 188 -9.32 -41.54 34.42
N GLN C 189 -8.56 -42.64 34.49
CA GLN C 189 -7.90 -43.03 35.73
C GLN C 189 -6.96 -41.94 36.28
N GLU C 190 -6.26 -41.25 35.39
CA GLU C 190 -5.33 -40.18 35.77
C GLU C 190 -6.13 -39.00 36.29
N GLN C 191 -7.28 -38.75 35.66
CA GLN C 191 -8.17 -37.66 36.02
C GLN C 191 -8.65 -37.81 37.46
N THR C 192 -9.37 -38.90 37.72
CA THR C 192 -9.90 -39.17 39.05
C THR C 192 -8.79 -39.29 40.07
N ASN C 193 -7.64 -39.79 39.64
CA ASN C 193 -6.53 -39.98 40.56
C ASN C 193 -5.91 -38.66 41.03
N LEU C 194 -5.66 -37.73 40.11
CA LEU C 194 -5.08 -36.45 40.49
C LEU C 194 -6.11 -35.43 41.00
N TYR C 195 -7.29 -35.42 40.38
CA TYR C 195 -8.33 -34.46 40.72
C TYR C 195 -9.63 -34.99 41.36
N VAL C 196 -9.81 -36.30 41.36
CA VAL C 196 -10.99 -36.93 41.93
C VAL C 196 -12.22 -36.78 41.05
N GLN C 197 -12.56 -35.53 40.74
CA GLN C 197 -13.69 -35.27 39.88
C GLN C 197 -13.36 -35.95 38.56
N ALA C 198 -14.34 -36.61 37.96
CA ALA C 198 -14.11 -37.32 36.70
C ALA C 198 -14.13 -36.35 35.54
N SER C 199 -14.40 -35.08 35.83
CA SER C 199 -14.45 -34.05 34.79
C SER C 199 -13.96 -32.73 35.38
N GLY C 200 -12.95 -32.12 34.78
CA GLY C 200 -12.46 -30.87 35.34
C GLY C 200 -13.17 -29.65 34.77
N ARG C 201 -12.78 -28.48 35.26
CA ARG C 201 -13.33 -27.21 34.80
C ARG C 201 -12.49 -26.05 35.31
N VAL C 202 -12.07 -25.16 34.40
CA VAL C 202 -11.29 -23.98 34.75
C VAL C 202 -11.95 -22.75 34.14
N THR C 203 -12.29 -21.78 35.00
CA THR C 203 -12.94 -20.54 34.59
C THR C 203 -12.23 -19.32 35.19
N VAL C 204 -11.43 -18.64 34.37
CA VAL C 204 -10.71 -17.45 34.82
C VAL C 204 -11.44 -16.21 34.31
N SER C 205 -11.87 -15.34 35.22
CA SER C 205 -12.63 -14.18 34.81
C SER C 205 -12.34 -12.81 35.43
N THR C 206 -13.00 -11.79 34.88
CA THR C 206 -12.90 -10.40 35.32
C THR C 206 -14.26 -9.77 35.06
N ARG C 207 -14.40 -8.48 35.38
CA ARG C 207 -15.66 -7.81 35.14
C ARG C 207 -15.72 -7.57 33.65
N ARG C 208 -14.54 -7.59 33.04
CA ARG C 208 -14.41 -7.36 31.61
C ARG C 208 -14.53 -8.60 30.74
N SER C 209 -14.00 -9.72 31.21
CA SER C 209 -14.04 -10.92 30.38
C SER C 209 -14.06 -12.22 31.14
N GLN C 210 -14.24 -13.29 30.39
CA GLN C 210 -14.28 -14.62 30.97
C GLN C 210 -13.89 -15.61 29.91
N GLN C 211 -13.27 -16.70 30.34
CA GLN C 211 -12.88 -17.77 29.45
C GLN C 211 -12.88 -19.02 30.29
N THR C 212 -13.86 -19.88 30.05
CA THR C 212 -13.98 -21.10 30.81
C THR C 212 -13.65 -22.27 29.89
N ILE C 213 -12.53 -22.93 30.20
CA ILE C 213 -12.02 -24.07 29.45
C ILE C 213 -12.24 -25.38 30.20
N ILE C 214 -12.67 -26.41 29.47
CA ILE C 214 -12.91 -27.73 30.06
C ILE C 214 -11.88 -28.74 29.56
N PRO C 215 -11.24 -29.46 30.49
CA PRO C 215 -10.22 -30.45 30.14
C PRO C 215 -10.79 -31.51 29.21
N ASN C 216 -9.95 -32.08 28.36
CA ASN C 216 -10.37 -33.13 27.44
C ASN C 216 -9.42 -34.30 27.59
N ILE C 217 -9.95 -35.43 28.04
CA ILE C 217 -9.14 -36.62 28.31
C ILE C 217 -8.82 -37.53 27.14
N GLY C 218 -7.57 -37.95 27.01
CA GLY C 218 -7.20 -38.84 25.92
C GLY C 218 -5.70 -38.99 25.73
N SER C 219 -5.27 -40.00 24.98
CA SER C 219 -3.86 -40.25 24.73
C SER C 219 -3.27 -39.49 23.54
N ARG C 220 -2.22 -38.72 23.81
CA ARG C 220 -1.55 -37.99 22.75
C ARG C 220 -0.17 -38.64 22.62
N PRO C 221 0.58 -38.33 21.55
CA PRO C 221 1.91 -38.93 21.37
C PRO C 221 2.88 -38.64 22.50
N TRP C 222 3.65 -39.64 22.91
CA TRP C 222 4.61 -39.43 24.00
C TRP C 222 5.57 -38.33 23.65
N VAL C 223 5.76 -37.41 24.60
CA VAL C 223 6.68 -36.30 24.46
C VAL C 223 7.40 -36.30 25.80
N ARG C 224 8.69 -36.61 25.78
CA ARG C 224 9.45 -36.68 27.01
C ARG C 224 8.68 -37.61 27.97
N GLY C 225 8.08 -38.63 27.38
CA GLY C 225 7.34 -39.62 28.15
C GLY C 225 5.95 -39.25 28.64
N GLN C 226 5.49 -38.05 28.31
CA GLN C 226 4.17 -37.60 28.75
C GLN C 226 3.04 -37.64 27.71
N PRO C 227 1.97 -38.41 27.96
CA PRO C 227 0.85 -38.52 27.03
C PRO C 227 -0.11 -37.34 27.13
N GLY C 228 -0.33 -36.84 28.35
CA GLY C 228 -1.22 -35.72 28.51
C GLY C 228 -0.65 -34.46 27.90
N ARG C 229 -1.29 -33.33 28.17
CA ARG C 229 -0.87 -32.02 27.66
C ARG C 229 -1.46 -30.94 28.55
N ILE C 230 -0.73 -29.83 28.65
CA ILE C 230 -1.16 -28.66 29.40
C ILE C 230 -1.58 -27.66 28.32
N SER C 231 -2.76 -27.06 28.45
CA SER C 231 -3.19 -26.07 27.47
C SER C 231 -3.05 -24.70 28.14
N ILE C 232 -2.35 -23.78 27.49
CA ILE C 232 -2.10 -22.47 28.07
C ILE C 232 -2.92 -21.31 27.52
N TYR C 233 -3.37 -20.45 28.43
CA TYR C 233 -4.17 -19.26 28.06
C TYR C 233 -3.64 -18.05 28.83
N TRP C 234 -4.25 -16.90 28.59
CA TRP C 234 -3.80 -15.70 29.28
C TRP C 234 -4.94 -14.73 29.53
N THR C 235 -4.73 -13.84 30.49
CA THR C 235 -5.73 -12.85 30.86
C THR C 235 -5.09 -11.52 31.26
N ILE C 236 -5.67 -10.43 30.78
CA ILE C 236 -5.19 -9.07 31.06
C ILE C 236 -6.14 -8.37 32.03
N VAL C 237 -5.65 -8.00 33.21
CA VAL C 237 -6.49 -7.32 34.19
C VAL C 237 -6.13 -5.84 34.21
N LYS C 238 -7.13 -4.97 34.10
CA LYS C 238 -6.87 -3.53 34.08
C LYS C 238 -6.94 -2.92 35.50
N PRO C 239 -6.31 -1.75 35.72
CA PRO C 239 -6.35 -1.16 37.06
C PRO C 239 -7.81 -0.94 37.45
N GLY C 240 -8.18 -1.40 38.65
CA GLY C 240 -9.56 -1.26 39.12
C GLY C 240 -10.35 -2.53 38.95
N ASP C 241 -9.73 -3.51 38.33
CA ASP C 241 -10.39 -4.80 38.10
C ASP C 241 -9.74 -5.83 39.00
N VAL C 242 -10.42 -6.97 39.14
CA VAL C 242 -9.94 -8.06 39.98
C VAL C 242 -10.03 -9.37 39.19
N LEU C 243 -9.11 -10.28 39.46
CA LEU C 243 -9.09 -11.57 38.80
C LEU C 243 -9.84 -12.56 39.68
N VAL C 244 -10.52 -13.52 39.06
CA VAL C 244 -11.23 -14.54 39.82
C VAL C 244 -11.09 -15.88 39.12
N ILE C 245 -10.41 -16.80 39.80
CA ILE C 245 -10.13 -18.13 39.29
C ILE C 245 -11.02 -19.12 40.03
N ASN C 246 -11.82 -19.87 39.29
CA ASN C 246 -12.77 -20.84 39.85
C ASN C 246 -12.61 -22.15 39.10
N SER C 247 -12.17 -23.19 39.81
CA SER C 247 -11.91 -24.49 39.22
C SER C 247 -12.00 -25.60 40.24
N ASN C 248 -12.66 -26.68 39.87
CA ASN C 248 -12.78 -27.81 40.77
C ASN C 248 -11.99 -28.98 40.17
N GLY C 249 -10.96 -28.67 39.40
CA GLY C 249 -10.13 -29.70 38.80
C GLY C 249 -9.40 -29.32 37.53
N ASN C 250 -8.13 -29.71 37.45
CA ASN C 250 -7.29 -29.48 36.28
C ASN C 250 -6.71 -28.07 36.07
N LEU C 251 -6.64 -27.26 37.13
CA LEU C 251 -6.11 -25.91 36.99
C LEU C 251 -4.60 -25.84 37.20
N ILE C 252 -3.90 -25.26 36.24
CA ILE C 252 -2.45 -25.08 36.36
C ILE C 252 -2.39 -23.60 36.72
N ALA C 253 -2.58 -23.33 38.01
CA ALA C 253 -2.62 -21.97 38.57
C ALA C 253 -1.44 -21.05 38.31
N PRO C 254 -1.67 -19.73 38.40
CA PRO C 254 -0.65 -18.70 38.19
C PRO C 254 0.11 -18.50 39.48
N ARG C 255 1.24 -17.82 39.39
CA ARG C 255 2.02 -17.52 40.60
C ARG C 255 2.10 -16.01 40.75
N GLY C 256 1.46 -15.29 39.83
CA GLY C 256 1.47 -13.83 39.86
C GLY C 256 1.21 -13.26 38.48
N TYR C 257 1.91 -12.18 38.14
CA TYR C 257 1.70 -11.55 36.86
C TYR C 257 2.99 -11.01 36.27
N PHE C 258 2.87 -10.57 35.02
CA PHE C 258 3.95 -9.97 34.27
C PHE C 258 3.44 -8.56 34.01
N LYS C 259 4.20 -7.55 34.40
CA LYS C 259 3.77 -6.16 34.20
C LYS C 259 3.90 -5.81 32.72
N MET C 260 2.81 -5.34 32.12
CA MET C 260 2.84 -4.98 30.71
C MET C 260 3.25 -3.55 30.49
N ARG C 261 4.09 -3.33 29.48
CA ARG C 261 4.55 -2.00 29.15
C ARG C 261 4.45 -1.81 27.66
N THR C 262 4.59 -0.55 27.24
CA THR C 262 4.54 -0.18 25.83
C THR C 262 5.85 0.51 25.44
N GLY C 263 6.37 0.14 24.28
CA GLY C 263 7.61 0.74 23.84
C GLY C 263 7.82 0.40 22.40
N LYS C 264 9.04 0.11 22.03
CA LYS C 264 9.31 -0.24 20.67
C LYS C 264 9.92 -1.62 20.65
N SER C 265 9.76 -2.36 21.76
CA SER C 265 10.30 -3.70 21.85
C SER C 265 9.61 -4.60 20.83
N SER C 266 10.34 -5.59 20.34
CA SER C 266 9.80 -6.54 19.37
C SER C 266 10.65 -7.81 19.42
N ILE C 267 10.50 -8.66 18.42
CA ILE C 267 11.26 -9.92 18.40
C ILE C 267 11.61 -10.29 16.98
N MET C 268 12.69 -11.06 16.81
CA MET C 268 13.12 -11.46 15.49
C MET C 268 13.69 -12.85 15.47
N ARG C 269 13.55 -13.52 14.33
CA ARG C 269 14.06 -14.86 14.18
C ARG C 269 15.33 -14.81 13.35
N SER C 270 16.49 -15.03 13.98
CA SER C 270 17.75 -14.99 13.26
C SER C 270 18.90 -15.75 13.92
N ASP C 271 19.80 -16.27 13.10
CA ASP C 271 20.95 -17.02 13.63
C ASP C 271 22.24 -16.23 13.51
N ALA C 272 22.14 -14.96 13.19
CA ALA C 272 23.33 -14.16 13.04
C ALA C 272 23.95 -13.86 14.39
N PRO C 273 25.28 -13.93 14.47
CA PRO C 273 25.96 -13.67 15.74
C PRO C 273 25.80 -12.19 16.11
N ILE C 274 25.83 -11.93 17.40
CA ILE C 274 25.70 -10.58 17.94
C ILE C 274 27.12 -10.04 18.21
N ASP C 275 27.42 -8.83 17.77
CA ASP C 275 28.74 -8.27 18.02
C ASP C 275 28.67 -6.89 18.67
N THR C 276 29.83 -6.32 18.98
CA THR C 276 29.91 -5.00 19.61
C THR C 276 30.24 -3.91 18.61
N CYS C 277 29.24 -3.06 18.36
CA CYS C 277 29.33 -1.93 17.43
C CYS C 277 28.07 -1.10 17.61
N ILE C 278 27.78 -0.23 16.65
CA ILE C 278 26.61 0.63 16.78
C ILE C 278 25.84 0.65 15.47
N SER C 279 24.70 -0.02 15.45
CA SER C 279 23.91 -0.07 14.23
C SER C 279 22.41 0.06 14.43
N GLU C 280 21.85 1.17 13.98
CA GLU C 280 20.41 1.43 14.10
C GLU C 280 19.49 0.42 13.39
N CYS C 281 19.90 -0.04 12.21
CA CYS C 281 19.07 -0.94 11.42
C CYS C 281 19.49 -2.42 11.37
N ILE C 282 18.78 -3.26 12.13
CA ILE C 282 19.01 -4.70 12.22
C ILE C 282 18.12 -5.54 11.29
N THR C 283 18.65 -6.64 10.76
CA THR C 283 17.87 -7.54 9.90
C THR C 283 18.25 -8.99 10.20
N PRO C 284 17.39 -9.96 9.84
CA PRO C 284 17.73 -11.36 10.11
C PRO C 284 19.10 -11.78 9.57
N ASN C 285 19.66 -10.98 8.68
CA ASN C 285 20.95 -11.31 8.10
C ASN C 285 22.05 -10.48 8.72
N GLY C 286 21.68 -9.68 9.72
CA GLY C 286 22.65 -8.83 10.39
C GLY C 286 22.34 -7.37 10.19
N SER C 287 22.96 -6.51 11.00
CA SER C 287 22.75 -5.08 10.89
C SER C 287 23.20 -4.55 9.52
N ILE C 288 22.62 -3.42 9.11
CA ILE C 288 22.97 -2.78 7.84
C ILE C 288 22.90 -1.25 7.97
N PRO C 289 23.64 -0.52 7.11
CA PRO C 289 23.74 0.95 7.03
C PRO C 289 22.49 1.66 6.55
N ASN C 290 21.92 2.51 7.41
CA ASN C 290 20.71 3.23 7.03
C ASN C 290 21.02 4.56 6.35
N ASP C 291 22.06 4.59 5.52
CA ASP C 291 22.40 5.84 4.81
C ASP C 291 21.87 5.83 3.38
N LYS C 292 21.16 4.76 3.01
CA LYS C 292 20.58 4.61 1.67
C LYS C 292 19.05 4.57 1.76
N PRO C 293 18.36 4.93 0.67
CA PRO C 293 16.90 4.93 0.67
C PRO C 293 16.29 3.53 0.57
N PHE C 294 16.85 2.69 -0.29
CA PHE C 294 16.31 1.35 -0.47
C PHE C 294 17.34 0.27 -0.18
N GLN C 295 16.89 -0.83 0.41
CA GLN C 295 17.75 -1.96 0.76
C GLN C 295 17.20 -3.21 0.10
N ASN C 296 18.06 -4.21 -0.04
CA ASN C 296 17.62 -5.46 -0.65
C ASN C 296 18.04 -6.68 0.15
N VAL C 297 18.47 -6.49 1.38
CA VAL C 297 18.91 -7.60 2.18
C VAL C 297 17.78 -8.46 2.70
N ASN C 298 16.73 -7.84 3.19
CA ASN C 298 15.63 -8.63 3.73
C ASN C 298 14.47 -7.74 4.14
N LYS C 299 13.24 -8.20 3.92
CA LYS C 299 12.08 -7.41 4.28
C LYS C 299 11.84 -7.31 5.78
N ILE C 300 12.56 -8.12 6.55
CA ILE C 300 12.46 -8.13 8.01
C ILE C 300 13.45 -7.13 8.58
N THR C 301 12.92 -6.16 9.33
CA THR C 301 13.75 -5.10 9.91
C THR C 301 13.30 -4.56 11.27
N TYR C 302 14.27 -4.06 12.03
CA TYR C 302 14.01 -3.45 13.33
C TYR C 302 14.85 -2.19 13.37
N GLY C 303 14.20 -1.07 13.70
CA GLY C 303 14.90 0.21 13.80
C GLY C 303 14.83 1.09 12.58
N ALA C 304 15.64 2.14 12.57
CA ALA C 304 15.69 3.09 11.44
C ALA C 304 16.28 2.44 10.20
N CYS C 305 15.46 1.64 9.52
CA CYS C 305 15.89 0.93 8.32
C CYS C 305 15.46 1.50 6.98
N PRO C 306 16.19 1.17 5.91
CA PRO C 306 15.93 1.62 4.54
C PRO C 306 14.75 0.83 3.99
N LYS C 307 13.82 1.51 3.32
CA LYS C 307 12.66 0.86 2.71
C LYS C 307 13.16 -0.27 1.82
N TYR C 308 12.55 -1.44 2.00
CA TYR C 308 12.92 -2.63 1.23
C TYR C 308 12.24 -2.66 -0.14
N VAL C 309 13.02 -2.98 -1.16
CA VAL C 309 12.49 -3.09 -2.51
C VAL C 309 13.14 -4.25 -3.27
N LYS C 310 12.46 -4.72 -4.28
CA LYS C 310 12.95 -5.84 -5.05
C LYS C 310 14.27 -5.66 -5.78
N GLN C 311 14.40 -4.64 -6.63
CA GLN C 311 15.64 -4.44 -7.38
C GLN C 311 16.83 -4.50 -6.46
N ASN C 312 17.95 -4.96 -7.00
CA ASN C 312 19.13 -5.04 -6.17
C ASN C 312 20.07 -3.88 -6.43
N THR C 313 19.85 -3.13 -7.52
CA THR C 313 20.71 -2.00 -7.83
C THR C 313 19.99 -0.88 -8.55
N LEU C 314 20.12 0.34 -8.02
CA LEU C 314 19.53 1.53 -8.58
C LEU C 314 20.54 2.68 -8.45
N LYS C 315 21.01 3.16 -9.60
CA LYS C 315 22.00 4.22 -9.72
C LYS C 315 21.43 5.63 -9.88
N LEU C 316 21.82 6.54 -9.00
CA LEU C 316 21.37 7.92 -9.09
C LEU C 316 22.50 8.71 -9.74
N ALA C 317 22.29 9.13 -10.98
CA ALA C 317 23.31 9.89 -11.68
C ALA C 317 23.64 11.11 -10.85
N THR C 318 24.92 11.18 -10.46
CA THR C 318 25.44 12.31 -9.68
C THR C 318 26.49 12.98 -10.53
N GLY C 319 26.30 12.92 -11.84
CA GLY C 319 27.24 13.54 -12.75
C GLY C 319 26.57 13.73 -14.09
N MET C 320 27.14 14.58 -14.92
CA MET C 320 26.57 14.86 -16.23
C MET C 320 26.72 13.65 -17.10
N ARG C 321 26.24 13.78 -18.33
CA ARG C 321 26.35 12.70 -19.28
C ARG C 321 27.79 12.63 -19.76
N ASN C 322 28.37 11.44 -19.76
CA ASN C 322 29.74 11.28 -20.21
C ASN C 322 29.82 11.04 -21.71
N VAL C 323 30.43 11.98 -22.42
CA VAL C 323 30.59 11.86 -23.87
C VAL C 323 32.09 11.75 -24.15
N PRO C 324 32.62 10.52 -24.11
CA PRO C 324 33.99 10.08 -24.32
C PRO C 324 35.05 11.14 -24.56
N GLU C 325 35.36 11.34 -25.84
CA GLU C 325 36.34 12.30 -26.34
C GLU C 325 37.11 11.64 -27.46
N LYS C 326 36.65 11.84 -28.69
CA LYS C 326 37.30 11.27 -29.86
C LYS C 326 37.52 9.78 -29.71
N GLY D 1 19.85 15.59 -23.92
CA GLY D 1 19.56 16.86 -23.19
C GLY D 1 18.71 17.80 -24.01
N LEU D 2 17.58 18.25 -23.43
CA LEU D 2 16.64 19.18 -24.08
C LEU D 2 17.29 20.43 -24.65
N PHE D 3 18.52 20.72 -24.22
CA PHE D 3 19.21 21.90 -24.71
C PHE D 3 20.21 21.63 -25.84
N GLY D 4 20.54 20.36 -26.03
CA GLY D 4 21.44 19.96 -27.10
C GLY D 4 22.80 20.60 -27.16
N ALA D 5 23.42 20.79 -26.00
CA ALA D 5 24.75 21.37 -25.94
C ALA D 5 25.67 20.18 -25.77
N ILE D 6 25.55 19.52 -24.62
CA ILE D 6 26.32 18.33 -24.31
C ILE D 6 25.76 17.23 -25.20
N ALA D 7 26.66 16.46 -25.81
CA ALA D 7 26.25 15.38 -26.70
C ALA D 7 25.28 15.98 -27.73
N GLY D 8 25.71 17.09 -28.32
CA GLY D 8 24.92 17.77 -29.32
C GLY D 8 25.82 18.73 -30.08
N PHE D 9 25.39 19.98 -30.22
CA PHE D 9 26.21 20.92 -30.95
C PHE D 9 27.65 20.95 -30.45
N ILE D 10 27.91 20.27 -29.35
CA ILE D 10 29.26 20.17 -28.81
C ILE D 10 29.70 18.71 -28.92
N GLU D 11 30.43 18.42 -30.00
CA GLU D 11 30.92 17.08 -30.32
C GLU D 11 31.33 16.21 -29.14
N ASN D 12 32.51 16.48 -28.60
CA ASN D 12 33.06 15.70 -27.49
C ASN D 12 33.13 16.37 -26.15
N GLY D 13 33.73 15.62 -25.23
CA GLY D 13 33.95 16.08 -23.88
C GLY D 13 35.45 16.24 -23.78
N TRP D 14 35.94 16.78 -22.68
CA TRP D 14 37.37 16.96 -22.52
C TRP D 14 37.80 16.15 -21.31
N GLU D 15 38.48 15.04 -21.53
CA GLU D 15 38.96 14.23 -20.42
C GLU D 15 40.15 15.00 -19.86
N GLY D 16 40.56 16.02 -20.61
CA GLY D 16 41.67 16.85 -20.20
C GLY D 16 41.30 17.80 -19.08
N MET D 17 40.01 18.10 -18.94
CA MET D 17 39.54 19.01 -17.89
C MET D 17 39.43 18.28 -16.55
N ILE D 18 40.33 18.61 -15.63
CA ILE D 18 40.38 17.99 -14.31
C ILE D 18 39.82 18.86 -13.19
N ASP D 19 39.95 20.17 -13.34
CA ASP D 19 39.50 21.11 -12.32
C ASP D 19 38.06 21.58 -12.43
N GLY D 20 37.29 21.05 -13.38
CA GLY D 20 35.92 21.49 -13.50
C GLY D 20 35.05 20.62 -14.39
N TRP D 21 33.77 20.98 -14.44
CA TRP D 21 32.76 20.28 -15.24
C TRP D 21 32.58 20.97 -16.58
N TYR D 22 32.95 22.25 -16.63
CA TYR D 22 32.85 23.07 -17.85
C TYR D 22 34.03 24.05 -17.85
N GLY D 23 34.50 24.45 -19.03
CA GLY D 23 35.62 25.38 -19.07
C GLY D 23 35.96 25.90 -20.45
N PHE D 24 36.97 26.76 -20.54
CA PHE D 24 37.38 27.34 -21.82
C PHE D 24 38.72 26.81 -22.37
N ARG D 25 38.82 26.75 -23.69
CA ARG D 25 40.02 26.31 -24.42
C ARG D 25 40.18 27.29 -25.57
N HIS D 26 41.24 28.10 -25.52
CA HIS D 26 41.47 29.09 -26.56
C HIS D 26 42.71 28.81 -27.37
N GLN D 27 42.91 29.65 -28.38
CA GLN D 27 44.05 29.59 -29.28
C GLN D 27 44.18 31.01 -29.82
N ASN D 28 45.27 31.65 -29.46
CA ASN D 28 45.51 33.02 -29.88
C ASN D 28 46.99 33.22 -30.18
N SER D 29 47.34 34.44 -30.55
CA SER D 29 48.72 34.80 -30.88
C SER D 29 49.76 34.20 -29.92
N GLU D 30 49.33 33.88 -28.70
CA GLU D 30 50.24 33.32 -27.70
C GLU D 30 50.23 31.78 -27.61
N GLY D 31 49.33 31.14 -28.34
CA GLY D 31 49.26 29.69 -28.30
C GLY D 31 47.93 29.25 -27.72
N THR D 32 47.86 28.01 -27.22
CA THR D 32 46.62 27.49 -26.65
C THR D 32 46.63 27.46 -25.11
N GLY D 33 45.45 27.23 -24.53
CA GLY D 33 45.34 27.16 -23.09
C GLY D 33 44.03 26.49 -22.71
N GLN D 34 43.84 26.23 -21.42
CA GLN D 34 42.63 25.59 -20.94
C GLN D 34 42.34 26.01 -19.50
N ALA D 35 41.07 26.09 -19.14
CA ALA D 35 40.71 26.47 -17.78
C ALA D 35 39.23 26.23 -17.52
N ALA D 36 38.93 25.67 -16.35
CA ALA D 36 37.57 25.37 -15.96
C ALA D 36 36.88 26.61 -15.40
N ASP D 37 35.57 26.71 -15.66
CA ASP D 37 34.75 27.82 -15.20
C ASP D 37 34.15 27.48 -13.83
N LEU D 38 34.79 27.94 -12.77
CA LEU D 38 34.34 27.66 -11.40
C LEU D 38 32.89 28.03 -11.06
N LYS D 39 32.39 29.14 -11.59
CA LYS D 39 31.01 29.52 -11.29
C LYS D 39 29.97 28.57 -11.89
N SER D 40 30.23 28.09 -13.10
CA SER D 40 29.35 27.17 -13.79
C SER D 40 29.31 25.80 -13.12
N THR D 41 30.49 25.20 -13.03
CA THR D 41 30.68 23.89 -12.41
C THR D 41 29.97 23.81 -11.06
N GLN D 42 30.35 24.67 -10.14
CA GLN D 42 29.77 24.71 -8.79
C GLN D 42 28.25 24.79 -8.88
N ALA D 43 27.76 25.54 -9.86
CA ALA D 43 26.34 25.72 -10.07
C ALA D 43 25.59 24.40 -10.21
N ALA D 44 26.15 23.49 -10.99
CA ALA D 44 25.53 22.20 -11.24
C ALA D 44 25.78 21.19 -10.14
N ILE D 45 26.96 21.27 -9.52
CA ILE D 45 27.27 20.35 -8.43
C ILE D 45 26.34 20.68 -7.27
N ASP D 46 26.26 21.96 -6.93
CA ASP D 46 25.39 22.39 -5.84
C ASP D 46 23.97 21.89 -6.06
N GLN D 47 23.48 22.01 -7.30
CA GLN D 47 22.14 21.57 -7.61
C GLN D 47 21.97 20.07 -7.50
N ILE D 48 22.99 19.33 -7.94
CA ILE D 48 22.94 17.88 -7.89
C ILE D 48 23.14 17.34 -6.49
N ASN D 49 23.94 18.03 -5.68
CA ASN D 49 24.13 17.59 -4.31
C ASN D 49 22.83 17.73 -3.55
N ARG D 50 22.19 18.90 -3.70
CA ARG D 50 20.90 19.19 -3.05
C ARG D 50 19.90 18.10 -3.39
N LYS D 51 19.81 17.80 -4.68
CA LYS D 51 18.91 16.75 -5.19
C LYS D 51 19.22 15.41 -4.50
N LEU D 52 20.50 15.09 -4.45
CA LEU D 52 20.96 13.85 -3.84
C LEU D 52 20.59 13.80 -2.36
N ASN D 53 20.86 14.88 -1.65
CA ASN D 53 20.53 14.91 -0.23
C ASN D 53 19.05 14.72 0.03
N ARG D 54 18.22 15.31 -0.82
CA ARG D 54 16.77 15.16 -0.67
C ARG D 54 16.43 13.68 -0.64
N VAL D 55 17.29 12.87 -1.25
CA VAL D 55 17.05 11.44 -1.32
C VAL D 55 17.82 10.52 -0.35
N ILE D 56 18.90 10.99 0.25
CA ILE D 56 19.69 10.12 1.14
C ILE D 56 19.50 10.24 2.68
N GLU D 57 19.50 11.46 3.21
CA GLU D 57 19.37 11.71 4.66
C GLU D 57 18.00 11.39 5.25
N LYS D 58 17.20 10.56 4.59
CA LYS D 58 15.88 10.32 5.15
C LYS D 58 15.43 8.87 5.21
N THR D 59 15.19 8.42 6.44
CA THR D 59 14.71 7.06 6.69
C THR D 59 13.87 7.09 7.94
N ASN D 60 12.83 6.26 7.98
CA ASN D 60 12.00 6.23 9.17
C ASN D 60 12.14 4.88 9.85
N GLU D 61 11.85 4.85 11.14
CA GLU D 61 11.94 3.64 11.92
C GLU D 61 10.60 2.93 11.98
N LYS D 62 10.69 1.62 12.22
CA LYS D 62 9.55 0.72 12.37
C LYS D 62 10.07 -0.38 13.28
N PHE D 63 9.38 -0.62 14.39
CA PHE D 63 9.79 -1.61 15.35
C PHE D 63 8.95 -2.89 15.29
N HIS D 64 7.92 -2.96 16.11
CA HIS D 64 7.05 -4.13 16.10
C HIS D 64 6.22 -3.99 14.82
N GLN D 65 6.02 -5.10 14.11
CA GLN D 65 5.25 -5.11 12.85
C GLN D 65 4.51 -6.44 12.75
N ILE D 66 4.53 -7.10 11.59
CA ILE D 66 3.86 -8.41 11.44
C ILE D 66 4.84 -9.45 10.91
N GLU D 67 4.65 -10.72 11.28
CA GLU D 67 5.54 -11.76 10.81
C GLU D 67 5.61 -11.78 9.28
N LYS D 68 6.70 -12.28 8.72
CA LYS D 68 6.81 -12.28 7.26
C LYS D 68 7.22 -13.61 6.64
N GLU D 69 7.60 -14.58 7.48
CA GLU D 69 7.97 -15.90 7.01
C GLU D 69 7.22 -16.83 7.95
N PHE D 70 6.72 -17.94 7.46
CA PHE D 70 6.00 -18.78 8.38
C PHE D 70 6.51 -20.20 8.29
N SER D 71 6.33 -20.97 9.35
CA SER D 71 6.82 -22.33 9.37
C SER D 71 5.75 -23.32 8.98
N GLU D 72 4.51 -23.04 9.35
CA GLU D 72 3.41 -23.96 9.05
C GLU D 72 2.35 -23.31 8.20
N VAL D 73 1.58 -24.15 7.53
CA VAL D 73 0.50 -23.68 6.68
C VAL D 73 -0.66 -23.30 7.57
N GLU D 74 -1.20 -22.10 7.38
CA GLU D 74 -2.30 -21.67 8.24
C GLU D 74 -3.58 -21.45 7.47
N GLY D 75 -3.48 -20.70 6.37
CA GLY D 75 -4.66 -20.46 5.57
C GLY D 75 -5.07 -19.03 5.29
N ARG D 76 -6.28 -18.68 5.70
CA ARG D 76 -6.83 -17.35 5.43
C ARG D 76 -6.03 -16.18 5.98
N ILE D 77 -5.78 -16.22 7.28
CA ILE D 77 -5.05 -15.15 7.91
C ILE D 77 -3.64 -15.04 7.37
N GLN D 78 -2.94 -16.16 7.22
CA GLN D 78 -1.58 -16.10 6.72
C GLN D 78 -1.56 -15.60 5.28
N ASP D 79 -2.60 -15.91 4.51
CA ASP D 79 -2.65 -15.43 3.12
C ASP D 79 -2.64 -13.91 3.12
N LEU D 80 -3.51 -13.32 3.93
CA LEU D 80 -3.64 -11.88 4.03
C LEU D 80 -2.32 -11.23 4.43
N GLU D 81 -1.68 -11.76 5.47
CA GLU D 81 -0.41 -11.21 5.94
C GLU D 81 0.62 -11.15 4.84
N LYS D 82 0.67 -12.19 4.01
CA LYS D 82 1.63 -12.24 2.92
C LYS D 82 1.23 -11.30 1.79
N TYR D 83 -0.06 -11.14 1.54
CA TYR D 83 -0.53 -10.25 0.47
C TYR D 83 -0.21 -8.82 0.83
N VAL D 84 -0.46 -8.46 2.08
CA VAL D 84 -0.17 -7.11 2.52
C VAL D 84 1.31 -6.76 2.35
N GLU D 85 2.21 -7.57 2.90
CA GLU D 85 3.66 -7.29 2.79
C GLU D 85 4.12 -7.28 1.34
N ASP D 86 3.54 -8.14 0.52
CA ASP D 86 3.93 -8.21 -0.87
C ASP D 86 3.46 -6.93 -1.55
N THR D 87 2.21 -6.57 -1.33
CA THR D 87 1.64 -5.35 -1.91
C THR D 87 2.56 -4.18 -1.58
N LYS D 88 2.91 -4.07 -0.31
CA LYS D 88 3.80 -3.00 0.15
C LYS D 88 5.06 -2.98 -0.69
N ILE D 89 5.74 -4.12 -0.77
CA ILE D 89 6.98 -4.24 -1.52
C ILE D 89 6.90 -3.87 -3.01
N ASP D 90 5.88 -4.39 -3.70
CA ASP D 90 5.68 -4.10 -5.11
C ASP D 90 5.52 -2.58 -5.30
N LEU D 91 4.66 -1.96 -4.47
CA LEU D 91 4.45 -0.52 -4.55
C LEU D 91 5.77 0.22 -4.36
N TRP D 92 6.45 -0.06 -3.25
CA TRP D 92 7.72 0.60 -2.96
C TRP D 92 8.81 0.34 -3.99
N SER D 93 8.86 -0.88 -4.54
CA SER D 93 9.86 -1.18 -5.57
C SER D 93 9.56 -0.28 -6.77
N TYR D 94 8.29 0.09 -6.90
CA TYR D 94 7.84 0.95 -8.00
C TYR D 94 8.32 2.39 -7.87
N ASN D 95 8.08 3.01 -6.72
CA ASN D 95 8.53 4.37 -6.54
C ASN D 95 10.03 4.47 -6.71
N ALA D 96 10.75 3.47 -6.20
CA ALA D 96 12.20 3.46 -6.30
C ALA D 96 12.64 3.45 -7.75
N GLU D 97 11.96 2.66 -8.56
CA GLU D 97 12.27 2.57 -9.99
C GLU D 97 11.99 3.88 -10.72
N LEU D 98 10.86 4.51 -10.42
CA LEU D 98 10.48 5.78 -11.04
C LEU D 98 11.39 6.92 -10.59
N LEU D 99 11.56 7.04 -9.28
CA LEU D 99 12.40 8.10 -8.72
C LEU D 99 13.67 8.25 -9.55
N VAL D 100 14.53 7.24 -9.50
CA VAL D 100 15.79 7.27 -10.24
C VAL D 100 15.56 7.67 -11.69
N ALA D 101 14.57 7.05 -12.32
CA ALA D 101 14.25 7.35 -13.70
C ALA D 101 14.05 8.84 -13.82
N LEU D 102 13.08 9.37 -13.10
CA LEU D 102 12.80 10.79 -13.15
C LEU D 102 14.03 11.59 -12.79
N GLU D 103 14.57 11.35 -11.60
CA GLU D 103 15.75 12.07 -11.13
C GLU D 103 16.89 12.14 -12.13
N ASN D 104 17.24 10.99 -12.73
CA ASN D 104 18.32 10.93 -13.71
C ASN D 104 18.05 11.69 -14.99
N GLN D 105 16.81 11.58 -15.49
CA GLN D 105 16.46 12.25 -16.71
C GLN D 105 16.60 13.75 -16.47
N HIS D 106 16.10 14.21 -15.35
CA HIS D 106 16.23 15.62 -15.03
C HIS D 106 17.70 15.93 -14.80
N THR D 107 18.43 15.02 -14.15
CA THR D 107 19.84 15.27 -13.89
C THR D 107 20.67 15.48 -15.15
N ILE D 108 20.38 14.77 -16.24
CA ILE D 108 21.18 14.97 -17.46
C ILE D 108 20.79 16.26 -18.18
N ASP D 109 19.51 16.62 -18.10
CA ASP D 109 19.03 17.85 -18.75
C ASP D 109 19.57 19.06 -17.99
N LEU D 110 19.62 18.94 -16.67
CA LEU D 110 20.13 20.00 -15.85
C LEU D 110 21.58 20.24 -16.29
N ALA D 111 22.40 19.18 -16.30
CA ALA D 111 23.80 19.31 -16.69
C ALA D 111 23.96 19.88 -18.10
N ASP D 112 23.02 19.57 -18.99
CA ASP D 112 23.04 20.05 -20.36
C ASP D 112 22.72 21.53 -20.39
N SER D 113 21.68 21.91 -19.63
CA SER D 113 21.25 23.30 -19.51
C SER D 113 22.39 24.21 -19.05
N GLU D 114 22.98 23.87 -17.91
CA GLU D 114 24.08 24.60 -17.31
C GLU D 114 25.29 24.77 -18.25
N MET D 115 25.39 23.92 -19.27
CA MET D 115 26.48 24.03 -20.24
C MET D 115 26.07 25.11 -21.21
N ASN D 116 24.84 24.99 -21.68
CA ASN D 116 24.23 25.92 -22.60
C ASN D 116 24.18 27.32 -21.99
N LYS D 117 23.88 27.40 -20.70
CA LYS D 117 23.82 28.68 -20.02
C LYS D 117 25.17 29.38 -20.09
N LEU D 118 26.24 28.61 -19.99
CA LEU D 118 27.60 29.15 -20.03
C LEU D 118 27.98 29.69 -21.41
N PHE D 119 27.37 29.13 -22.44
CA PHE D 119 27.63 29.55 -23.80
C PHE D 119 26.93 30.89 -23.99
N GLU D 120 25.63 30.93 -23.71
CA GLU D 120 24.87 32.17 -23.85
C GLU D 120 25.52 33.31 -23.11
N LYS D 121 25.94 33.02 -21.88
CA LYS D 121 26.62 34.00 -21.03
C LYS D 121 27.85 34.52 -21.78
N THR D 122 28.53 33.63 -22.50
CA THR D 122 29.72 34.05 -23.23
C THR D 122 29.41 34.76 -24.55
N ARG D 123 28.45 34.25 -25.32
CA ARG D 123 28.09 34.90 -26.58
C ARG D 123 27.65 36.34 -26.32
N ARG D 124 26.86 36.51 -25.26
CA ARG D 124 26.34 37.81 -24.88
C ARG D 124 27.43 38.77 -24.47
N GLN D 125 28.53 38.23 -23.96
CA GLN D 125 29.63 39.06 -23.52
C GLN D 125 30.41 39.61 -24.72
N LEU D 126 30.69 38.76 -25.70
CA LEU D 126 31.45 39.17 -26.87
C LEU D 126 30.70 40.10 -27.82
N ARG D 127 29.39 40.18 -27.65
CA ARG D 127 28.56 41.02 -28.50
C ARG D 127 28.91 40.91 -29.97
N GLU D 128 29.27 42.02 -30.60
CA GLU D 128 29.58 42.02 -32.03
C GLU D 128 31.04 41.72 -32.37
N ASN D 129 31.81 41.21 -31.42
CA ASN D 129 33.22 40.95 -31.65
C ASN D 129 33.61 39.53 -32.05
N ALA D 130 32.64 38.62 -32.11
CA ALA D 130 32.93 37.24 -32.49
C ALA D 130 31.72 36.62 -33.17
N GLU D 131 31.87 35.38 -33.61
CA GLU D 131 30.77 34.68 -34.27
C GLU D 131 30.71 33.21 -33.87
N ASP D 132 29.50 32.74 -33.62
CA ASP D 132 29.29 31.35 -33.23
C ASP D 132 29.56 30.36 -34.35
N MET D 133 30.67 29.64 -34.23
CA MET D 133 31.08 28.66 -35.22
C MET D 133 30.24 27.37 -35.17
N GLY D 134 29.21 27.36 -34.33
CA GLY D 134 28.31 26.22 -34.22
C GLY D 134 28.77 24.96 -33.51
N ASN D 135 30.03 24.89 -33.13
CA ASN D 135 30.57 23.71 -32.46
C ASN D 135 31.02 24.05 -31.06
N GLY D 136 30.39 25.05 -30.45
CA GLY D 136 30.76 25.44 -29.10
C GLY D 136 31.95 26.37 -29.06
N CYS D 137 32.40 26.79 -30.24
CA CYS D 137 33.53 27.68 -30.30
C CYS D 137 33.12 29.00 -30.91
N PHE D 138 33.77 30.06 -30.42
CA PHE D 138 33.53 31.40 -30.92
C PHE D 138 34.75 31.84 -31.68
N LYS D 139 34.55 32.58 -32.75
CA LYS D 139 35.68 33.10 -33.51
C LYS D 139 35.78 34.59 -33.15
N ILE D 140 36.75 34.94 -32.32
CA ILE D 140 36.96 36.31 -31.88
C ILE D 140 37.69 37.07 -32.99
N TYR D 141 36.96 37.88 -33.75
CA TYR D 141 37.59 38.61 -34.86
C TYR D 141 38.52 39.74 -34.48
N HIS D 142 39.35 39.56 -33.47
CA HIS D 142 40.27 40.62 -33.10
C HIS D 142 41.35 40.05 -32.21
N LYS D 143 42.54 40.64 -32.28
CA LYS D 143 43.63 40.18 -31.45
C LYS D 143 43.10 40.00 -30.04
N CYS D 144 43.40 38.86 -29.43
CA CYS D 144 42.91 38.61 -28.08
C CYS D 144 43.90 37.71 -27.38
N ASP D 145 44.94 38.34 -26.83
CA ASP D 145 46.02 37.65 -26.13
C ASP D 145 45.54 37.03 -24.82
N ASN D 146 46.42 36.27 -24.18
CA ASN D 146 46.11 35.61 -22.93
C ASN D 146 45.30 36.49 -21.99
N ALA D 147 45.72 37.74 -21.84
CA ALA D 147 45.00 38.67 -20.96
C ALA D 147 43.56 38.80 -21.43
N CYS D 148 43.39 39.19 -22.70
CA CYS D 148 42.06 39.38 -23.27
C CYS D 148 41.15 38.16 -23.12
N ILE D 149 41.71 36.96 -23.21
CA ILE D 149 40.92 35.75 -23.06
C ILE D 149 40.47 35.66 -21.62
N GLU D 150 41.42 35.89 -20.72
CA GLU D 150 41.15 35.84 -19.29
C GLU D 150 39.98 36.76 -18.94
N SER D 151 40.04 38.01 -19.37
CA SER D 151 38.97 38.96 -19.07
C SER D 151 37.59 38.43 -19.46
N ILE D 152 37.54 37.60 -20.50
CA ILE D 152 36.28 37.04 -20.96
C ILE D 152 35.79 35.96 -20.00
N ARG D 153 36.73 35.15 -19.52
CA ARG D 153 36.45 34.05 -18.62
C ARG D 153 36.08 34.50 -17.22
N ASN D 154 36.53 35.67 -16.79
CA ASN D 154 36.11 36.10 -15.47
C ASN D 154 35.07 37.20 -15.66
N GLY D 155 34.49 37.23 -16.86
CA GLY D 155 33.44 38.18 -17.18
C GLY D 155 33.69 39.66 -17.06
N THR D 156 34.89 40.11 -17.38
CA THR D 156 35.20 41.53 -17.31
C THR D 156 35.57 42.03 -18.71
N TYR D 157 35.19 41.25 -19.72
CA TYR D 157 35.49 41.59 -21.12
C TYR D 157 34.76 42.86 -21.59
N ASP D 158 35.55 43.85 -21.98
CA ASP D 158 35.00 45.13 -22.46
C ASP D 158 34.87 45.12 -23.96
N HIS D 159 33.69 44.74 -24.44
CA HIS D 159 33.45 44.66 -25.88
C HIS D 159 33.72 45.94 -26.65
N ASP D 160 33.66 47.09 -25.97
CA ASP D 160 33.89 48.35 -26.66
C ASP D 160 35.29 48.56 -27.17
N ILE D 161 36.27 48.26 -26.34
CA ILE D 161 37.67 48.43 -26.71
C ILE D 161 38.07 47.74 -28.01
N TYR D 162 37.27 46.77 -28.44
CA TYR D 162 37.60 46.04 -29.65
C TYR D 162 36.55 46.10 -30.76
N ARG D 163 35.35 46.58 -30.47
CA ARG D 163 34.29 46.63 -31.48
C ARG D 163 34.71 47.11 -32.88
N ASP D 164 35.60 48.09 -32.95
CA ASP D 164 36.01 48.59 -34.26
C ASP D 164 36.94 47.64 -34.99
N GLU D 165 37.98 47.16 -34.30
CA GLU D 165 38.92 46.25 -34.91
C GLU D 165 38.19 45.02 -35.43
N ALA D 166 37.20 44.56 -34.65
CA ALA D 166 36.42 43.39 -35.03
C ALA D 166 35.42 43.70 -36.12
N LEU D 167 34.63 44.76 -35.94
CA LEU D 167 33.65 45.11 -36.95
C LEU D 167 34.30 45.12 -38.32
N ASN D 168 35.54 45.58 -38.37
CA ASN D 168 36.29 45.63 -39.60
C ASN D 168 36.41 44.20 -40.15
N ASN D 169 37.24 43.39 -39.50
CA ASN D 169 37.43 41.99 -39.91
C ASN D 169 36.12 41.31 -40.32
N ARG D 170 35.14 41.30 -39.42
CA ARG D 170 33.86 40.68 -39.69
C ARG D 170 33.23 41.16 -40.99
N PHE D 171 33.28 42.46 -41.24
CA PHE D 171 32.66 42.99 -42.45
C PHE D 171 33.61 43.67 -43.44
N GLN D 172 34.51 42.87 -43.98
CA GLN D 172 35.49 43.33 -44.96
C GLN D 172 35.65 42.19 -45.98
N SER E 9 16.92 38.22 -55.14
CA SER E 9 18.18 37.49 -54.80
C SER E 9 18.08 36.65 -53.52
N THR E 10 17.29 37.13 -52.57
CA THR E 10 17.10 36.43 -51.30
C THR E 10 16.55 35.04 -51.55
N ALA E 11 16.56 34.23 -50.51
CA ALA E 11 16.04 32.89 -50.56
C ALA E 11 15.28 32.78 -49.25
N THR E 12 14.36 31.84 -49.17
CA THR E 12 13.60 31.67 -47.95
C THR E 12 13.48 30.23 -47.52
N LEU E 13 14.05 29.93 -46.36
CA LEU E 13 14.03 28.57 -45.80
C LEU E 13 13.26 28.60 -44.46
N CYS E 14 12.23 27.79 -44.37
CA CYS E 14 11.43 27.69 -43.18
C CYS E 14 11.40 26.27 -42.62
N LEU E 15 11.57 26.13 -41.31
CA LEU E 15 11.51 24.82 -40.70
C LEU E 15 10.11 24.63 -40.19
N GLY E 16 9.66 23.38 -40.15
CA GLY E 16 8.32 23.10 -39.65
C GLY E 16 8.14 21.69 -39.16
N HIS E 17 7.19 21.51 -38.25
CA HIS E 17 6.89 20.19 -37.73
C HIS E 17 5.72 19.68 -38.55
N HIS E 18 5.32 18.44 -38.32
CA HIS E 18 4.18 17.93 -39.06
C HIS E 18 2.91 18.18 -38.23
N ALA E 19 1.80 17.61 -38.66
CA ALA E 19 0.56 17.83 -37.94
C ALA E 19 -0.45 16.89 -38.54
N VAL E 20 -1.52 16.60 -37.80
CA VAL E 20 -2.52 15.69 -38.33
C VAL E 20 -3.96 16.15 -38.06
N PRO E 21 -4.92 15.61 -38.83
CA PRO E 21 -6.35 15.90 -38.78
C PRO E 21 -6.99 15.50 -37.47
N ASN E 22 -6.96 14.20 -37.19
CA ASN E 22 -7.54 13.68 -35.96
C ASN E 22 -6.39 13.38 -35.00
N GLY E 23 -6.26 14.22 -33.98
CA GLY E 23 -5.21 14.01 -33.00
C GLY E 23 -5.74 13.18 -31.87
N THR E 24 -5.00 13.14 -30.76
CA THR E 24 -5.42 12.37 -29.62
C THR E 24 -5.47 13.30 -28.42
N ILE E 25 -6.48 13.14 -27.57
CA ILE E 25 -6.61 13.94 -26.36
C ILE E 25 -5.79 13.23 -25.29
N VAL E 26 -4.94 13.99 -24.62
CA VAL E 26 -4.09 13.43 -23.59
C VAL E 26 -4.13 14.39 -22.40
N LYS E 27 -3.81 13.89 -21.21
CA LYS E 27 -3.76 14.76 -20.03
C LYS E 27 -2.26 14.93 -19.77
N THR E 28 -1.90 16.00 -19.07
CA THR E 28 -0.51 16.22 -18.70
C THR E 28 -0.61 16.93 -17.37
N ILE E 29 0.54 17.31 -16.84
CA ILE E 29 0.61 17.97 -15.56
C ILE E 29 -0.09 19.34 -15.59
N THR E 30 0.05 20.03 -16.72
CA THR E 30 -0.54 21.36 -16.91
C THR E 30 -1.77 21.32 -17.82
N ASP E 31 -2.37 20.15 -18.00
CA ASP E 31 -3.51 20.02 -18.89
C ASP E 31 -4.28 18.72 -18.79
N ASP E 32 -5.50 18.76 -18.27
CA ASP E 32 -6.26 17.52 -18.17
C ASP E 32 -6.83 17.19 -19.53
N GLN E 33 -6.67 18.12 -20.47
CA GLN E 33 -7.15 17.92 -21.84
C GLN E 33 -6.32 18.73 -22.82
N ILE E 34 -5.54 18.04 -23.63
CA ILE E 34 -4.71 18.67 -24.67
C ILE E 34 -4.67 17.71 -25.84
N GLU E 35 -4.24 18.20 -27.00
CA GLU E 35 -4.22 17.34 -28.18
C GLU E 35 -2.88 17.12 -28.89
N VAL E 36 -2.40 15.89 -28.81
CA VAL E 36 -1.16 15.49 -29.45
C VAL E 36 -1.54 14.79 -30.73
N THR E 37 -0.54 14.28 -31.44
CA THR E 37 -0.80 13.59 -32.71
C THR E 37 -0.95 12.11 -32.51
N ASN E 38 -0.38 11.57 -31.42
CA ASN E 38 -0.47 10.13 -31.23
C ASN E 38 -0.22 9.64 -29.81
N ALA E 39 -0.84 8.51 -29.50
CA ALA E 39 -0.71 7.85 -28.21
C ALA E 39 -1.15 6.38 -28.28
N THR E 40 -1.02 5.65 -27.17
CA THR E 40 -1.43 4.25 -27.09
C THR E 40 -2.25 4.13 -25.82
N GLU E 41 -2.98 3.02 -25.65
CA GLU E 41 -3.81 2.85 -24.46
C GLU E 41 -3.08 1.95 -23.48
N LEU E 42 -3.01 2.38 -22.23
CA LEU E 42 -2.33 1.60 -21.22
C LEU E 42 -3.28 0.74 -20.39
N VAL E 43 -4.55 1.14 -20.33
CA VAL E 43 -5.52 0.39 -19.55
C VAL E 43 -6.21 -0.69 -20.37
N GLN E 44 -5.77 -1.93 -20.17
CA GLN E 44 -6.33 -3.10 -20.83
C GLN E 44 -7.76 -3.11 -20.29
N SER E 45 -8.76 -2.82 -21.12
CA SER E 45 -10.10 -2.76 -20.58
C SER E 45 -11.10 -3.75 -21.18
N SER E 46 -10.58 -4.77 -21.84
CA SER E 46 -11.44 -5.76 -22.47
C SER E 46 -11.01 -7.18 -22.13
N SER E 47 -11.93 -8.12 -22.39
CA SER E 47 -11.71 -9.54 -22.13
C SER E 47 -12.05 -10.29 -23.41
N THR E 48 -11.95 -11.60 -23.36
CA THR E 48 -12.28 -12.40 -24.54
C THR E 48 -13.52 -13.22 -24.22
N GLY E 49 -13.99 -13.16 -22.97
CA GLY E 49 -15.15 -13.91 -22.55
C GLY E 49 -14.82 -15.33 -22.12
N LYS E 50 -13.57 -15.74 -22.33
CA LYS E 50 -13.17 -17.07 -21.98
C LYS E 50 -11.75 -17.23 -21.39
N ILE E 51 -11.49 -18.40 -20.79
CA ILE E 51 -10.24 -18.83 -20.13
C ILE E 51 -9.45 -19.80 -20.98
N CYS E 52 -8.23 -19.41 -21.31
CA CYS E 52 -7.35 -20.26 -22.13
C CYS E 52 -6.80 -21.49 -21.38
N ASN E 53 -7.17 -22.65 -21.89
CA ASN E 53 -6.75 -23.93 -21.33
C ASN E 53 -5.23 -23.99 -21.13
N ASN E 54 -4.50 -23.04 -21.70
CA ASN E 54 -3.04 -23.01 -21.59
C ASN E 54 -2.57 -21.57 -21.31
N PRO E 55 -1.32 -21.42 -20.79
CA PRO E 55 -0.34 -22.48 -20.47
C PRO E 55 -0.64 -23.13 -19.15
N HIS E 56 -1.56 -22.53 -18.40
CA HIS E 56 -1.93 -23.01 -17.09
C HIS E 56 -2.90 -24.18 -17.10
N ARG E 57 -2.49 -25.26 -16.44
CA ARG E 57 -3.31 -26.46 -16.36
C ARG E 57 -4.57 -26.06 -15.63
N ILE E 58 -5.69 -26.06 -16.34
CA ILE E 58 -6.94 -25.67 -15.75
C ILE E 58 -7.78 -26.89 -15.40
N LEU E 59 -8.61 -26.75 -14.37
CA LEU E 59 -9.45 -27.84 -13.94
C LEU E 59 -10.85 -27.31 -13.66
N ASP E 60 -11.79 -27.73 -14.48
CA ASP E 60 -13.15 -27.28 -14.31
C ASP E 60 -13.80 -28.11 -13.19
N GLY E 61 -14.16 -27.42 -12.12
CA GLY E 61 -14.79 -28.11 -11.01
C GLY E 61 -16.18 -28.54 -11.40
N ARG E 62 -16.71 -27.90 -12.44
CA ARG E 62 -18.04 -28.21 -12.95
C ARG E 62 -19.12 -28.05 -11.88
N ALA E 63 -19.59 -29.16 -11.32
CA ALA E 63 -20.63 -29.09 -10.32
C ALA E 63 -20.09 -29.35 -8.94
N CYS E 64 -18.78 -29.50 -8.84
CA CYS E 64 -18.14 -29.78 -7.57
C CYS E 64 -17.28 -28.65 -7.02
N THR E 65 -17.32 -28.50 -5.69
CA THR E 65 -16.53 -27.49 -4.99
C THR E 65 -15.21 -28.15 -4.66
N LEU E 66 -14.11 -27.41 -4.68
CA LEU E 66 -12.82 -28.04 -4.36
C LEU E 66 -12.94 -28.92 -3.14
N ILE E 67 -13.66 -28.43 -2.14
CA ILE E 67 -13.92 -29.16 -0.90
C ILE E 67 -14.54 -30.51 -1.17
N ASP E 68 -15.77 -30.51 -1.71
CA ASP E 68 -16.48 -31.73 -2.04
C ASP E 68 -15.61 -32.68 -2.86
N ALA E 69 -14.77 -32.13 -3.72
CA ALA E 69 -13.89 -32.96 -4.52
C ALA E 69 -12.88 -33.57 -3.56
N LEU E 70 -12.51 -32.81 -2.54
CA LEU E 70 -11.55 -33.27 -1.54
C LEU E 70 -12.11 -34.35 -0.64
N LEU E 71 -13.28 -34.07 -0.05
CA LEU E 71 -13.93 -35.01 0.85
C LEU E 71 -14.29 -36.32 0.16
N GLY E 72 -14.79 -36.24 -1.06
CA GLY E 72 -15.16 -37.44 -1.79
C GLY E 72 -16.66 -37.61 -2.05
N ASP E 73 -17.41 -36.51 -2.04
CA ASP E 73 -18.84 -36.53 -2.31
C ASP E 73 -19.03 -37.28 -3.62
N PRO E 74 -19.82 -38.36 -3.61
CA PRO E 74 -20.11 -39.20 -4.79
C PRO E 74 -19.89 -38.62 -6.17
N HIS E 75 -20.75 -37.67 -6.58
CA HIS E 75 -20.65 -37.10 -7.91
C HIS E 75 -19.37 -36.33 -8.25
N CYS E 76 -18.35 -36.47 -7.42
CA CYS E 76 -17.08 -35.79 -7.65
C CYS E 76 -15.95 -36.77 -7.69
N ASP E 77 -16.28 -38.04 -7.52
CA ASP E 77 -15.29 -39.10 -7.51
C ASP E 77 -14.48 -39.12 -8.80
N VAL E 78 -14.81 -38.22 -9.72
CA VAL E 78 -14.10 -38.12 -11.00
C VAL E 78 -12.82 -37.34 -10.75
N PHE E 79 -12.89 -36.42 -9.79
CA PHE E 79 -11.78 -35.55 -9.45
C PHE E 79 -10.64 -36.18 -8.65
N GLN E 80 -10.86 -37.39 -8.16
CA GLN E 80 -9.83 -38.09 -7.39
C GLN E 80 -8.45 -38.00 -8.01
N ASN E 81 -7.48 -37.61 -7.20
CA ASN E 81 -6.08 -37.44 -7.59
C ASN E 81 -5.80 -36.37 -8.63
N GLU E 82 -6.78 -35.51 -8.88
CA GLU E 82 -6.62 -34.44 -9.85
C GLU E 82 -5.51 -33.48 -9.44
N THR E 83 -5.00 -32.71 -10.40
CA THR E 83 -3.98 -31.70 -10.14
C THR E 83 -4.54 -30.49 -10.86
N TRP E 84 -3.95 -29.32 -10.63
CA TRP E 84 -4.45 -28.12 -11.29
C TRP E 84 -3.56 -26.93 -11.01
N ASP E 85 -3.34 -26.11 -12.03
CA ASP E 85 -2.55 -24.92 -11.83
C ASP E 85 -3.62 -23.94 -11.41
N LEU E 86 -4.84 -24.17 -11.88
CA LEU E 86 -5.94 -23.28 -11.53
C LEU E 86 -7.27 -24.01 -11.52
N PHE E 87 -7.75 -24.30 -10.32
CA PHE E 87 -9.02 -24.98 -10.18
C PHE E 87 -10.07 -23.90 -10.40
N VAL E 88 -11.19 -24.24 -11.02
CA VAL E 88 -12.23 -23.24 -11.28
C VAL E 88 -13.61 -23.63 -10.78
N GLU E 89 -14.05 -23.03 -9.70
CA GLU E 89 -15.37 -23.36 -9.18
C GLU E 89 -16.44 -22.66 -10.00
N ARG E 90 -17.63 -23.26 -10.07
CA ARG E 90 -18.73 -22.69 -10.84
C ARG E 90 -19.92 -22.37 -9.95
N SER E 91 -20.65 -21.32 -10.30
CA SER E 91 -21.80 -20.90 -9.50
C SER E 91 -22.89 -21.94 -9.32
N ASN E 92 -22.82 -23.04 -10.06
CA ASN E 92 -23.86 -24.06 -9.93
C ASN E 92 -23.50 -25.37 -9.29
N ALA E 93 -22.25 -25.50 -8.85
CA ALA E 93 -21.81 -26.70 -8.19
C ALA E 93 -22.69 -26.88 -6.96
N PHE E 94 -22.94 -28.13 -6.61
CA PHE E 94 -23.78 -28.45 -5.46
C PHE E 94 -23.13 -29.59 -4.67
N SER E 95 -23.57 -29.76 -3.42
CA SER E 95 -23.08 -30.85 -2.60
C SER E 95 -24.25 -31.81 -2.56
N ASN E 96 -24.01 -33.11 -2.77
CA ASN E 96 -25.08 -34.11 -2.78
C ASN E 96 -24.81 -35.24 -1.78
N CYS E 97 -24.28 -34.93 -0.61
CA CYS E 97 -23.96 -35.97 0.36
C CYS E 97 -24.41 -35.57 1.76
N TYR E 98 -23.85 -36.21 2.79
CA TYR E 98 -24.25 -35.90 4.17
C TYR E 98 -23.93 -34.47 4.60
N PRO E 99 -24.93 -33.78 5.19
CA PRO E 99 -24.84 -32.40 5.68
C PRO E 99 -23.58 -32.14 6.51
N TYR E 100 -22.67 -31.30 6.01
CA TYR E 100 -21.44 -31.04 6.74
C TYR E 100 -21.09 -29.58 6.96
N ASP E 101 -20.37 -29.34 8.05
CA ASP E 101 -19.90 -28.04 8.48
C ASP E 101 -18.36 -28.10 8.63
N ILE E 102 -17.68 -27.01 8.24
CA ILE E 102 -16.22 -26.93 8.34
C ILE E 102 -15.75 -25.62 8.98
N PRO E 103 -15.59 -25.58 10.30
CA PRO E 103 -15.13 -24.34 10.93
C PRO E 103 -13.85 -23.88 10.25
N ASP E 104 -13.85 -22.66 9.72
CA ASP E 104 -12.70 -22.13 9.00
C ASP E 104 -12.67 -22.80 7.62
N TYR E 105 -13.82 -22.76 6.96
CA TYR E 105 -13.98 -23.33 5.64
C TYR E 105 -12.98 -22.64 4.72
N ALA E 106 -12.99 -21.32 4.76
CA ALA E 106 -12.11 -20.53 3.92
C ALA E 106 -10.72 -21.11 3.87
N SER E 107 -10.06 -21.15 5.02
CA SER E 107 -8.69 -21.64 5.14
C SER E 107 -8.39 -23.06 4.64
N LEU E 108 -9.35 -23.97 4.71
CA LEU E 108 -9.07 -25.31 4.18
C LEU E 108 -8.99 -25.16 2.65
N ARG E 109 -10.06 -24.59 2.08
CA ARG E 109 -10.17 -24.37 0.64
C ARG E 109 -8.92 -23.73 0.08
N SER E 110 -8.42 -22.74 0.80
CA SER E 110 -7.24 -22.00 0.40
C SER E 110 -5.94 -22.80 0.45
N LEU E 111 -5.74 -23.55 1.53
CA LEU E 111 -4.51 -24.30 1.65
C LEU E 111 -4.49 -25.52 0.73
N VAL E 112 -5.67 -25.95 0.30
CA VAL E 112 -5.75 -27.09 -0.61
C VAL E 112 -5.53 -26.58 -2.03
N ALA E 113 -6.23 -25.50 -2.35
CA ALA E 113 -6.14 -24.87 -3.66
C ALA E 113 -4.69 -24.50 -3.92
N SER E 114 -4.00 -24.03 -2.89
CA SER E 114 -2.60 -23.64 -3.04
C SER E 114 -1.65 -24.83 -3.15
N SER E 115 -2.03 -25.98 -2.58
CA SER E 115 -1.17 -27.15 -2.69
C SER E 115 -1.29 -27.62 -4.13
N GLY E 116 -2.49 -27.34 -4.69
CA GLY E 116 -2.82 -27.66 -6.07
C GLY E 116 -2.82 -29.11 -6.48
N THR E 117 -3.25 -30.00 -5.57
CA THR E 117 -3.27 -31.43 -5.84
C THR E 117 -4.22 -32.14 -4.88
N LEU E 118 -4.62 -33.35 -5.24
CA LEU E 118 -5.51 -34.15 -4.40
C LEU E 118 -5.02 -35.60 -4.31
N GLU E 119 -3.71 -35.82 -4.52
CA GLU E 119 -3.16 -37.17 -4.42
C GLU E 119 -3.57 -37.59 -3.03
N PHE E 120 -4.09 -38.82 -2.91
CA PHE E 120 -4.54 -39.30 -1.62
C PHE E 120 -4.00 -40.69 -1.41
N ILE E 121 -3.07 -40.82 -0.50
CA ILE E 121 -2.51 -42.11 -0.22
C ILE E 121 -3.27 -42.73 0.93
N THR E 122 -3.80 -43.93 0.70
CA THR E 122 -4.55 -44.65 1.74
C THR E 122 -3.57 -45.32 2.69
N GLU E 123 -3.89 -45.26 3.99
CA GLU E 123 -3.08 -45.88 5.01
C GLU E 123 -3.87 -46.94 5.76
N GLY E 124 -3.15 -47.89 6.34
CA GLY E 124 -3.79 -48.98 7.06
C GLY E 124 -4.21 -48.68 8.48
N PHE E 125 -5.22 -47.83 8.65
CA PHE E 125 -5.71 -47.51 9.99
C PHE E 125 -6.47 -48.71 10.53
N THR E 126 -6.17 -49.13 11.75
CA THR E 126 -6.84 -50.28 12.33
C THR E 126 -7.90 -49.86 13.35
N TRP E 127 -9.17 -50.08 13.03
CA TRP E 127 -10.27 -49.72 13.92
C TRP E 127 -10.92 -50.96 14.54
N THR E 128 -10.28 -51.49 15.57
CA THR E 128 -10.75 -52.67 16.28
C THR E 128 -11.94 -52.39 17.19
N GLY E 129 -12.93 -53.28 17.13
CA GLY E 129 -14.08 -53.13 17.99
C GLY E 129 -15.20 -52.27 17.44
N VAL E 130 -15.03 -51.74 16.24
CA VAL E 130 -16.07 -50.91 15.62
C VAL E 130 -16.40 -51.34 14.20
N THR E 131 -17.58 -50.92 13.74
CA THR E 131 -18.02 -51.22 12.39
C THR E 131 -17.60 -50.06 11.51
N GLN E 132 -17.22 -50.34 10.27
CA GLN E 132 -16.77 -49.30 9.34
C GLN E 132 -17.66 -49.00 8.15
N ASN E 133 -17.07 -48.30 7.19
CA ASN E 133 -17.74 -47.92 5.96
C ASN E 133 -19.24 -47.72 6.06
N GLY E 134 -19.70 -47.09 7.12
CA GLY E 134 -21.12 -46.83 7.29
C GLY E 134 -21.61 -45.91 6.20
N GLY E 135 -22.90 -45.91 5.92
CA GLY E 135 -23.42 -45.06 4.87
C GLY E 135 -24.73 -44.38 5.25
N SER E 136 -25.17 -43.45 4.41
CA SER E 136 -26.41 -42.74 4.67
C SER E 136 -27.17 -42.50 3.37
N SER E 137 -28.46 -42.23 3.52
CA SER E 137 -29.38 -41.98 2.41
C SER E 137 -29.06 -40.65 1.78
N ALA E 138 -28.76 -39.68 2.64
CA ALA E 138 -28.41 -38.35 2.18
C ALA E 138 -27.15 -38.39 1.28
N CYS E 139 -26.50 -39.54 1.17
CA CYS E 139 -25.27 -39.60 0.38
C CYS E 139 -25.33 -40.85 -0.44
N LYS E 140 -26.15 -40.86 -1.49
CA LYS E 140 -26.35 -42.03 -2.32
C LYS E 140 -25.30 -42.30 -3.39
N ARG E 141 -24.29 -43.09 -3.04
CA ARG E 141 -23.23 -43.48 -3.97
C ARG E 141 -23.98 -44.53 -4.78
N GLY E 142 -24.57 -44.09 -5.89
CA GLY E 142 -25.36 -45.01 -6.67
C GLY E 142 -26.69 -45.02 -5.92
N PRO E 143 -27.66 -45.85 -6.30
CA PRO E 143 -28.96 -45.92 -5.64
C PRO E 143 -28.94 -46.36 -4.17
N ALA E 144 -27.83 -46.96 -3.74
CA ALA E 144 -27.69 -47.43 -2.36
C ALA E 144 -26.94 -46.41 -1.50
N ASN E 145 -27.04 -46.58 -0.18
CA ASN E 145 -26.38 -45.68 0.75
C ASN E 145 -24.86 -45.61 0.64
N GLY E 146 -24.28 -44.51 1.11
CA GLY E 146 -22.84 -44.32 1.03
C GLY E 146 -22.32 -43.22 1.92
N PHE E 147 -21.17 -42.64 1.56
CA PHE E 147 -20.55 -41.59 2.35
C PHE E 147 -19.40 -40.94 1.57
N PHE E 148 -18.72 -39.97 2.16
CA PHE E 148 -17.60 -39.34 1.45
C PHE E 148 -16.50 -40.37 1.16
N SER E 149 -16.19 -40.58 -0.11
CA SER E 149 -15.15 -41.55 -0.47
C SER E 149 -13.86 -41.51 0.35
N ARG E 150 -13.56 -40.38 0.98
CA ARG E 150 -12.33 -40.25 1.76
C ARG E 150 -12.51 -40.35 3.27
N LEU E 151 -13.73 -40.61 3.70
CA LEU E 151 -13.99 -40.71 5.12
C LEU E 151 -14.57 -42.06 5.47
N ASN E 152 -14.31 -42.48 6.69
CA ASN E 152 -14.77 -43.77 7.21
C ASN E 152 -15.71 -43.55 8.40
N TRP E 153 -17.01 -43.72 8.18
CA TRP E 153 -17.95 -43.55 9.29
C TRP E 153 -17.79 -44.81 10.13
N LEU E 154 -17.56 -44.64 11.43
CA LEU E 154 -17.39 -45.78 12.33
C LEU E 154 -18.54 -45.85 13.33
N THR E 155 -19.14 -47.03 13.44
CA THR E 155 -20.24 -47.26 14.38
C THR E 155 -19.98 -48.43 15.31
N LYS E 156 -20.80 -48.55 16.35
CA LYS E 156 -20.64 -49.63 17.32
C LYS E 156 -20.50 -51.02 16.68
N SER E 157 -20.03 -51.97 17.48
CA SER E 157 -19.88 -53.34 17.04
C SER E 157 -20.21 -54.24 18.20
N GLU E 158 -21.22 -55.08 18.04
CA GLU E 158 -21.65 -55.96 19.09
C GLU E 158 -21.85 -55.24 20.42
N SER E 159 -22.75 -54.26 20.40
CA SER E 159 -23.11 -53.47 21.59
C SER E 159 -21.91 -52.88 22.35
N ALA E 160 -21.10 -52.08 21.67
CA ALA E 160 -19.94 -51.50 22.36
C ALA E 160 -19.12 -50.59 21.47
N TYR E 161 -18.54 -49.54 22.05
CA TYR E 161 -17.70 -48.62 21.31
C TYR E 161 -16.41 -48.42 22.10
N PRO E 162 -15.33 -49.10 21.71
CA PRO E 162 -14.02 -49.04 22.36
C PRO E 162 -13.49 -47.64 22.51
N VAL E 163 -12.49 -47.46 23.36
CA VAL E 163 -11.89 -46.15 23.48
C VAL E 163 -10.93 -46.24 22.31
N LEU E 164 -11.34 -45.77 21.15
CA LEU E 164 -10.50 -45.89 19.97
C LEU E 164 -9.19 -45.19 20.19
N ASN E 165 -8.13 -45.82 19.70
CA ASN E 165 -6.80 -45.25 19.86
C ASN E 165 -5.80 -45.83 18.88
N VAL E 166 -5.59 -45.13 17.76
CA VAL E 166 -4.65 -45.55 16.72
C VAL E 166 -3.49 -44.56 16.47
N THR E 167 -2.32 -45.11 16.13
CA THR E 167 -1.15 -44.30 15.82
C THR E 167 -0.81 -44.50 14.36
N MET E 168 -0.36 -43.43 13.72
CA MET E 168 0.03 -43.49 12.31
C MET E 168 1.19 -42.54 12.08
N PRO E 169 2.42 -43.09 12.09
CA PRO E 169 3.65 -42.34 11.88
C PRO E 169 3.74 -41.71 10.51
N ASN E 170 4.53 -40.66 10.41
CA ASN E 170 4.77 -40.02 9.15
C ASN E 170 6.27 -40.17 9.02
N ASN E 171 6.69 -41.24 8.36
CA ASN E 171 8.10 -41.55 8.20
C ASN E 171 8.63 -41.09 6.84
N ASP E 172 7.79 -40.38 6.10
CA ASP E 172 8.18 -39.86 4.80
C ASP E 172 8.90 -38.55 4.99
N ASN E 173 9.32 -37.93 3.89
CA ASN E 173 10.04 -36.67 3.97
C ASN E 173 9.21 -35.46 3.56
N PHE E 174 7.88 -35.62 3.55
CA PHE E 174 6.99 -34.56 3.15
C PHE E 174 5.86 -34.49 4.15
N ASP E 175 5.06 -33.42 4.10
CA ASP E 175 3.95 -33.28 5.04
C ASP E 175 2.73 -34.06 4.57
N LYS E 176 1.88 -34.41 5.52
CA LYS E 176 0.67 -35.17 5.22
C LYS E 176 -0.57 -34.39 5.63
N LEU E 177 -1.59 -34.38 4.79
CA LEU E 177 -2.80 -33.66 5.16
C LEU E 177 -3.88 -34.68 5.48
N TYR E 178 -4.21 -34.78 6.76
CA TYR E 178 -5.27 -35.70 7.19
C TYR E 178 -6.48 -34.86 7.50
N ILE E 179 -7.61 -35.24 6.93
CA ILE E 179 -8.83 -34.54 7.24
C ILE E 179 -9.81 -35.57 7.75
N TRP E 180 -10.38 -35.27 8.90
CA TRP E 180 -11.36 -36.12 9.57
C TRP E 180 -12.50 -35.18 9.95
N GLY E 181 -13.32 -35.63 10.88
CA GLY E 181 -14.42 -34.81 11.34
C GLY E 181 -15.22 -35.56 12.36
N VAL E 182 -16.10 -34.87 13.07
CA VAL E 182 -16.92 -35.50 14.10
C VAL E 182 -18.43 -35.36 13.81
N HIS E 183 -19.19 -36.36 14.22
CA HIS E 183 -20.64 -36.43 14.03
C HIS E 183 -21.47 -35.85 15.18
N HIS E 184 -22.38 -34.92 14.87
CA HIS E 184 -23.27 -34.30 15.86
C HIS E 184 -24.68 -34.89 15.71
N PRO E 185 -24.98 -35.97 16.45
CA PRO E 185 -26.28 -36.67 16.45
C PRO E 185 -27.44 -35.71 16.66
N SER E 186 -28.60 -36.06 16.11
CA SER E 186 -29.81 -35.24 16.22
C SER E 186 -30.49 -35.31 17.58
N THR E 187 -30.35 -36.45 18.26
CA THR E 187 -30.95 -36.67 19.59
C THR E 187 -30.15 -37.68 20.39
N ASN E 188 -30.43 -37.75 21.69
CA ASN E 188 -29.71 -38.68 22.55
C ASN E 188 -29.90 -40.12 22.08
N GLN E 189 -31.14 -40.50 21.76
CA GLN E 189 -31.41 -41.85 21.30
C GLN E 189 -30.51 -42.24 20.15
N GLU E 190 -30.23 -41.27 19.27
CA GLU E 190 -29.38 -41.51 18.10
C GLU E 190 -27.90 -41.60 18.46
N GLN E 191 -27.52 -40.92 19.53
CA GLN E 191 -26.16 -40.92 20.03
C GLN E 191 -25.92 -42.32 20.59
N THR E 192 -26.56 -42.60 21.73
CA THR E 192 -26.45 -43.87 22.41
C THR E 192 -26.59 -45.05 21.47
N ASN E 193 -27.51 -44.91 20.52
CA ASN E 193 -27.79 -45.95 19.55
C ASN E 193 -26.65 -46.22 18.56
N LEU E 194 -25.90 -45.18 18.22
CA LEU E 194 -24.80 -45.32 17.27
C LEU E 194 -23.45 -45.62 17.92
N TYR E 195 -23.20 -45.02 19.08
CA TYR E 195 -21.92 -45.22 19.71
C TYR E 195 -21.98 -45.72 21.16
N VAL E 196 -23.19 -45.94 21.67
CA VAL E 196 -23.41 -46.44 23.03
C VAL E 196 -23.18 -45.41 24.14
N GLN E 197 -22.08 -44.68 24.07
CA GLN E 197 -21.77 -43.69 25.08
C GLN E 197 -22.75 -42.50 24.94
N ALA E 198 -23.30 -42.03 26.04
CA ALA E 198 -24.25 -40.91 25.98
C ALA E 198 -23.58 -39.59 25.69
N SER E 199 -22.27 -39.65 25.47
CA SER E 199 -21.46 -38.46 25.20
C SER E 199 -20.13 -38.82 24.52
N GLY E 200 -19.92 -38.37 23.28
CA GLY E 200 -18.70 -38.70 22.57
C GLY E 200 -17.51 -37.77 22.70
N ARG E 201 -16.41 -38.13 22.05
CA ARG E 201 -15.18 -37.35 22.13
C ARG E 201 -14.14 -37.76 21.09
N VAL E 202 -13.59 -36.77 20.38
CA VAL E 202 -12.56 -37.02 19.36
C VAL E 202 -11.30 -36.21 19.65
N THR E 203 -10.16 -36.88 19.75
CA THR E 203 -8.91 -36.17 19.98
C THR E 203 -7.94 -36.64 18.91
N VAL E 204 -7.40 -35.68 18.18
CA VAL E 204 -6.47 -35.94 17.09
C VAL E 204 -5.26 -35.10 17.42
N SER E 205 -4.12 -35.75 17.64
CA SER E 205 -2.92 -35.03 18.03
C SER E 205 -1.62 -35.50 17.45
N THR E 206 -0.59 -34.68 17.65
CA THR E 206 0.78 -34.92 17.21
C THR E 206 1.67 -34.45 18.34
N ARG E 207 2.98 -34.40 18.09
CA ARG E 207 3.89 -33.93 19.12
C ARG E 207 3.80 -32.40 19.15
N ARG E 208 3.25 -31.82 18.08
CA ARG E 208 3.16 -30.36 17.95
C ARG E 208 1.78 -29.79 18.19
N SER E 209 0.75 -30.50 17.74
CA SER E 209 -0.58 -29.97 17.88
C SER E 209 -1.52 -30.93 18.56
N GLN E 210 -2.67 -30.39 18.92
CA GLN E 210 -3.67 -31.17 19.61
C GLN E 210 -5.01 -30.45 19.55
N GLN E 211 -5.97 -31.06 18.89
CA GLN E 211 -7.30 -30.49 18.83
C GLN E 211 -8.26 -31.58 19.23
N THR E 212 -9.08 -31.26 20.23
CA THR E 212 -10.04 -32.20 20.76
C THR E 212 -11.42 -31.59 20.57
N ILE E 213 -12.37 -32.41 20.12
CA ILE E 213 -13.73 -31.94 19.91
C ILE E 213 -14.74 -32.76 20.69
N ILE E 214 -15.85 -32.13 21.03
CA ILE E 214 -16.89 -32.81 21.76
C ILE E 214 -18.20 -32.67 21.02
N PRO E 215 -18.72 -33.79 20.51
CA PRO E 215 -19.97 -33.82 19.76
C PRO E 215 -21.03 -33.02 20.49
N ASN E 216 -22.01 -32.51 19.77
CA ASN E 216 -23.08 -31.79 20.43
C ASN E 216 -24.44 -32.09 19.82
N ILE E 217 -25.24 -32.81 20.60
CA ILE E 217 -26.58 -33.25 20.24
C ILE E 217 -27.62 -32.14 20.17
N GLY E 218 -28.62 -32.34 19.32
CA GLY E 218 -29.70 -31.38 19.15
C GLY E 218 -30.27 -31.62 17.77
N SER E 219 -31.42 -31.02 17.47
CA SER E 219 -32.03 -31.20 16.15
C SER E 219 -31.71 -30.01 15.26
N ARG E 220 -31.44 -30.28 13.98
CA ARG E 220 -31.15 -29.22 13.03
C ARG E 220 -31.92 -29.43 11.72
N PRO E 221 -32.27 -28.33 11.03
CA PRO E 221 -33.01 -28.40 9.77
C PRO E 221 -32.64 -29.60 8.96
N TRP E 222 -33.63 -30.20 8.32
CA TRP E 222 -33.42 -31.36 7.48
C TRP E 222 -32.71 -31.01 6.19
N VAL E 223 -31.70 -31.78 5.87
CA VAL E 223 -30.95 -31.58 4.63
C VAL E 223 -30.77 -32.98 4.13
N ARG E 224 -31.39 -33.29 3.01
CA ARG E 224 -31.33 -34.62 2.45
C ARG E 224 -31.83 -35.54 3.56
N GLY E 225 -32.79 -35.01 4.31
CA GLY E 225 -33.42 -35.74 5.39
C GLY E 225 -32.68 -35.91 6.71
N GLN E 226 -31.44 -35.43 6.79
CA GLN E 226 -30.64 -35.56 8.02
C GLN E 226 -30.64 -34.32 8.92
N PRO E 227 -31.17 -34.45 10.16
CA PRO E 227 -31.18 -33.29 11.05
C PRO E 227 -29.77 -33.04 11.62
N GLY E 228 -29.00 -34.11 11.74
CA GLY E 228 -27.65 -34.03 12.29
C GLY E 228 -26.60 -33.56 11.30
N ARG E 229 -25.42 -33.24 11.80
CA ARG E 229 -24.34 -32.79 10.93
C ARG E 229 -22.98 -33.35 11.29
N ILE E 230 -22.05 -33.22 10.36
CA ILE E 230 -20.69 -33.66 10.57
C ILE E 230 -19.85 -32.39 10.53
N SER E 231 -19.07 -32.11 11.58
CA SER E 231 -18.18 -30.93 11.54
C SER E 231 -16.88 -31.48 10.96
N ILE E 232 -16.17 -30.69 10.15
CA ILE E 232 -14.94 -31.19 9.56
C ILE E 232 -13.68 -30.46 9.96
N TYR E 233 -12.69 -31.22 10.37
CA TYR E 233 -11.42 -30.66 10.80
C TYR E 233 -10.27 -31.24 10.00
N TRP E 234 -9.11 -30.61 10.12
CA TRP E 234 -7.91 -31.07 9.43
C TRP E 234 -6.70 -30.97 10.35
N THR E 235 -5.66 -31.73 10.03
CA THR E 235 -4.43 -31.75 10.80
C THR E 235 -3.26 -32.04 9.88
N ILE E 236 -2.20 -31.25 9.96
CA ILE E 236 -1.02 -31.48 9.13
C ILE E 236 0.05 -32.13 10.00
N VAL E 237 0.60 -33.26 9.55
CA VAL E 237 1.62 -33.94 10.35
C VAL E 237 2.99 -33.86 9.69
N LYS E 238 3.92 -33.16 10.34
CA LYS E 238 5.27 -33.01 9.82
C LYS E 238 6.12 -34.27 9.85
N PRO E 239 7.12 -34.36 8.95
CA PRO E 239 8.07 -35.48 8.79
C PRO E 239 8.71 -35.83 10.10
N GLY E 240 8.57 -37.08 10.50
CA GLY E 240 9.16 -37.49 11.76
C GLY E 240 8.13 -37.45 12.87
N ASP E 241 7.10 -36.61 12.73
CA ASP E 241 6.05 -36.54 13.75
C ASP E 241 5.14 -37.75 13.57
N VAL E 242 4.16 -37.90 14.45
CA VAL E 242 3.24 -39.03 14.37
C VAL E 242 1.80 -38.64 14.72
N LEU E 243 0.82 -39.22 14.03
CA LEU E 243 -0.58 -38.93 14.29
C LEU E 243 -1.21 -39.95 15.25
N VAL E 244 -1.99 -39.46 16.20
CA VAL E 244 -2.69 -40.29 17.16
C VAL E 244 -4.15 -39.87 17.29
N ILE E 245 -5.06 -40.78 16.94
CA ILE E 245 -6.49 -40.52 17.01
C ILE E 245 -7.02 -41.28 18.24
N ASN E 246 -7.66 -40.55 19.16
CA ASN E 246 -8.22 -41.15 20.38
C ASN E 246 -9.67 -40.71 20.46
N SER E 247 -10.59 -41.67 20.48
CA SER E 247 -12.00 -41.36 20.53
C SER E 247 -12.88 -42.52 20.96
N ASN E 248 -13.84 -42.23 21.83
CA ASN E 248 -14.78 -43.24 22.31
C ASN E 248 -16.19 -42.95 21.75
N GLY E 249 -16.26 -42.19 20.66
CA GLY E 249 -17.54 -41.88 20.06
C GLY E 249 -17.62 -40.72 19.09
N ASN E 250 -18.45 -40.86 18.06
CA ASN E 250 -18.68 -39.81 17.08
C ASN E 250 -17.55 -39.48 16.13
N LEU E 251 -16.53 -40.34 16.07
CA LEU E 251 -15.42 -40.11 15.18
C LEU E 251 -15.74 -40.51 13.74
N ILE E 252 -15.36 -39.65 12.80
CA ILE E 252 -15.50 -39.93 11.37
C ILE E 252 -14.03 -39.97 10.94
N ALA E 253 -13.44 -41.14 11.12
CA ALA E 253 -12.04 -41.40 10.86
C ALA E 253 -11.49 -41.14 9.47
N PRO E 254 -10.15 -41.07 9.38
CA PRO E 254 -9.35 -40.83 8.17
C PRO E 254 -9.06 -42.18 7.48
N ARG E 255 -8.84 -42.13 6.17
CA ARG E 255 -8.56 -43.34 5.41
C ARG E 255 -7.12 -43.28 4.92
N GLY E 256 -6.60 -42.06 4.90
CA GLY E 256 -5.24 -41.83 4.45
C GLY E 256 -4.96 -40.34 4.50
N TYR E 257 -4.04 -39.89 3.67
CA TYR E 257 -3.66 -38.48 3.65
C TYR E 257 -3.53 -37.92 2.24
N PHE E 258 -3.48 -36.60 2.14
CA PHE E 258 -3.31 -35.93 0.85
C PHE E 258 -1.89 -35.41 0.81
N LYS E 259 -1.19 -35.68 -0.29
CA LYS E 259 0.18 -35.22 -0.42
C LYS E 259 0.11 -33.69 -0.55
N MET E 260 0.95 -32.98 0.19
CA MET E 260 0.96 -31.52 0.12
C MET E 260 2.16 -31.04 -0.64
N ARG E 261 1.94 -30.08 -1.52
CA ARG E 261 3.02 -29.52 -2.30
C ARG E 261 2.95 -28.01 -2.25
N THR E 262 4.01 -27.38 -2.74
CA THR E 262 4.10 -25.92 -2.78
C THR E 262 4.22 -25.51 -4.24
N GLY E 263 3.31 -24.65 -4.69
CA GLY E 263 3.36 -24.21 -6.07
C GLY E 263 2.59 -22.94 -6.37
N LYS E 264 2.44 -22.66 -7.65
CA LYS E 264 1.72 -21.47 -8.12
C LYS E 264 0.23 -21.78 -8.31
N SER E 265 -0.19 -22.92 -7.82
CA SER E 265 -1.56 -23.33 -7.95
C SER E 265 -2.50 -22.47 -7.13
N SER E 266 -3.74 -22.35 -7.61
CA SER E 266 -4.75 -21.56 -6.92
C SER E 266 -6.16 -21.92 -7.38
N ILE E 267 -7.14 -21.11 -7.00
CA ILE E 267 -8.50 -21.39 -7.37
C ILE E 267 -9.18 -20.09 -7.78
N MET E 268 -10.26 -20.19 -8.54
CA MET E 268 -11.01 -19.01 -8.99
C MET E 268 -12.51 -19.25 -9.16
N ARG E 269 -13.34 -18.34 -8.67
CA ARG E 269 -14.79 -18.50 -8.81
C ARG E 269 -15.23 -17.85 -10.12
N SER E 270 -15.64 -18.68 -11.08
CA SER E 270 -16.05 -18.18 -12.39
C SER E 270 -16.99 -19.09 -13.18
N ASP E 271 -17.63 -18.51 -14.20
CA ASP E 271 -18.56 -19.22 -15.07
C ASP E 271 -18.15 -19.13 -16.53
N ALA E 272 -16.98 -18.54 -16.78
CA ALA E 272 -16.46 -18.39 -18.13
C ALA E 272 -16.16 -19.76 -18.71
N PRO E 273 -16.54 -19.99 -19.97
CA PRO E 273 -16.26 -21.31 -20.56
C PRO E 273 -14.75 -21.43 -20.73
N ILE E 274 -14.26 -22.66 -20.76
CA ILE E 274 -12.85 -22.85 -20.88
C ILE E 274 -12.50 -23.30 -22.28
N ASP E 275 -11.81 -22.46 -23.01
CA ASP E 275 -11.44 -22.75 -24.40
C ASP E 275 -10.00 -23.19 -24.63
N THR E 276 -9.53 -23.14 -25.87
CA THR E 276 -8.16 -23.57 -26.14
C THR E 276 -7.33 -22.49 -26.77
N CYS E 277 -6.48 -21.84 -25.98
CA CYS E 277 -5.64 -20.79 -26.51
C CYS E 277 -4.50 -20.54 -25.53
N ILE E 278 -3.82 -19.41 -25.65
CA ILE E 278 -2.73 -19.12 -24.74
C ILE E 278 -2.88 -17.72 -24.15
N SER E 279 -2.89 -17.65 -22.83
CA SER E 279 -3.01 -16.40 -22.12
C SER E 279 -2.36 -16.54 -20.75
N GLU E 280 -1.25 -15.85 -20.56
CA GLU E 280 -0.54 -15.90 -19.31
C GLU E 280 -1.48 -15.46 -18.18
N CYS E 281 -2.25 -14.40 -18.43
CA CYS E 281 -3.17 -13.83 -17.45
C CYS E 281 -4.63 -14.29 -17.60
N ILE E 282 -5.24 -14.63 -16.46
CA ILE E 282 -6.63 -15.11 -16.39
C ILE E 282 -7.44 -14.34 -15.35
N THR E 283 -8.68 -14.02 -15.67
CA THR E 283 -9.51 -13.29 -14.72
C THR E 283 -10.84 -14.02 -14.61
N PRO E 284 -11.66 -13.64 -13.63
CA PRO E 284 -12.93 -14.36 -13.56
C PRO E 284 -13.71 -14.11 -14.82
N ASN E 285 -13.48 -12.96 -15.43
CA ASN E 285 -14.16 -12.63 -16.67
C ASN E 285 -13.55 -13.32 -17.87
N GLY E 286 -12.48 -14.06 -17.66
CA GLY E 286 -11.86 -14.77 -18.77
C GLY E 286 -10.44 -14.29 -19.02
N SER E 287 -9.85 -14.62 -20.16
CA SER E 287 -8.49 -14.18 -20.43
C SER E 287 -8.37 -12.74 -20.94
N ILE E 288 -7.24 -12.11 -20.60
CA ILE E 288 -6.94 -10.76 -21.01
C ILE E 288 -5.44 -10.66 -21.26
N PRO E 289 -5.06 -9.97 -22.34
CA PRO E 289 -3.70 -9.72 -22.81
C PRO E 289 -2.81 -8.91 -21.86
N ASN E 290 -1.60 -9.41 -21.64
CA ASN E 290 -0.66 -8.77 -20.73
C ASN E 290 0.42 -7.87 -21.35
N ASP E 291 0.01 -6.92 -22.18
CA ASP E 291 0.98 -6.01 -22.80
C ASP E 291 0.83 -4.59 -22.25
N LYS E 292 -0.27 -4.36 -21.54
CA LYS E 292 -0.59 -3.06 -20.96
C LYS E 292 -0.36 -3.00 -19.46
N PRO E 293 0.36 -1.98 -19.00
CA PRO E 293 0.64 -1.85 -17.57
C PRO E 293 -0.61 -2.01 -16.72
N PHE E 294 -1.72 -1.47 -17.21
CA PHE E 294 -2.95 -1.52 -16.44
C PHE E 294 -4.09 -2.25 -17.08
N GLN E 295 -5.09 -2.59 -16.27
CA GLN E 295 -6.27 -3.29 -16.76
C GLN E 295 -7.48 -2.98 -15.88
N ASN E 296 -8.66 -2.96 -16.50
CA ASN E 296 -9.89 -2.62 -15.80
C ASN E 296 -10.93 -3.73 -15.86
N VAL E 297 -10.46 -4.98 -15.86
CA VAL E 297 -11.39 -6.08 -15.96
C VAL E 297 -11.85 -6.55 -14.58
N ASN E 298 -10.94 -7.16 -13.82
CA ASN E 298 -11.25 -7.63 -12.48
C ASN E 298 -10.05 -7.59 -11.53
N LYS E 299 -10.22 -7.02 -10.34
CA LYS E 299 -9.11 -6.99 -9.38
C LYS E 299 -8.59 -8.42 -9.24
N ILE E 300 -9.51 -9.37 -9.39
CA ILE E 300 -9.24 -10.79 -9.32
C ILE E 300 -8.56 -11.27 -10.58
N THR E 301 -7.32 -11.75 -10.45
CA THR E 301 -6.56 -12.22 -11.59
C THR E 301 -5.66 -13.39 -11.20
N TYR E 302 -5.19 -14.15 -12.20
CA TYR E 302 -4.27 -15.26 -11.97
C TYR E 302 -3.19 -15.34 -13.06
N GLY E 303 -1.93 -15.15 -12.64
CA GLY E 303 -0.83 -15.21 -13.59
C GLY E 303 -0.18 -13.86 -13.88
N ALA E 304 0.60 -13.80 -14.96
CA ALA E 304 1.26 -12.56 -15.33
C ALA E 304 0.22 -11.55 -15.77
N CYS E 305 -0.12 -10.62 -14.88
CA CYS E 305 -1.13 -9.63 -15.21
C CYS E 305 -0.75 -8.18 -14.93
N PRO E 306 -1.50 -7.25 -15.55
CA PRO E 306 -1.44 -5.78 -15.51
C PRO E 306 -2.22 -5.28 -14.30
N LYS E 307 -1.56 -4.51 -13.43
CA LYS E 307 -2.24 -4.02 -12.25
C LYS E 307 -3.65 -3.47 -12.50
N TYR E 308 -4.59 -3.85 -11.65
CA TYR E 308 -5.97 -3.40 -11.79
C TYR E 308 -6.09 -1.94 -11.32
N VAL E 309 -6.70 -1.08 -12.12
CA VAL E 309 -6.83 0.32 -11.74
C VAL E 309 -8.23 0.89 -11.95
N LYS E 310 -8.75 1.60 -10.96
CA LYS E 310 -10.08 2.21 -11.06
C LYS E 310 -10.29 2.84 -12.44
N GLN E 311 -9.28 3.57 -12.91
CA GLN E 311 -9.35 4.22 -14.22
C GLN E 311 -9.61 3.22 -15.32
N ASN E 312 -10.54 3.58 -16.20
CA ASN E 312 -10.92 2.70 -17.30
C ASN E 312 -10.18 3.07 -18.57
N THR E 313 -9.32 4.08 -18.49
CA THR E 313 -8.55 4.49 -19.66
C THR E 313 -7.53 5.59 -19.43
N LEU E 314 -6.30 5.31 -19.84
CA LEU E 314 -5.18 6.24 -19.73
C LEU E 314 -4.41 6.20 -21.05
N LYS E 315 -4.23 7.37 -21.66
CA LYS E 315 -3.52 7.47 -22.93
C LYS E 315 -2.08 7.96 -22.85
N LEU E 316 -1.13 7.09 -23.23
CA LEU E 316 0.27 7.46 -23.23
C LEU E 316 0.59 8.18 -24.53
N ALA E 317 0.78 9.48 -24.46
CA ALA E 317 1.07 10.25 -25.66
C ALA E 317 2.38 9.77 -26.27
N THR E 318 2.38 9.59 -27.59
CA THR E 318 3.59 9.14 -28.27
C THR E 318 3.92 9.87 -29.56
N GLY E 319 3.62 11.17 -29.58
CA GLY E 319 3.89 12.01 -30.74
C GLY E 319 3.78 13.46 -30.29
N MET E 320 4.37 14.39 -31.03
CA MET E 320 4.34 15.81 -30.65
C MET E 320 2.95 16.44 -30.50
N ARG E 321 2.90 17.65 -29.96
CA ARG E 321 1.60 18.29 -29.83
C ARG E 321 1.10 18.40 -31.24
N ASN E 322 -0.21 18.33 -31.39
CA ASN E 322 -0.81 18.45 -32.70
C ASN E 322 -1.41 19.85 -32.83
N VAL E 323 -0.75 20.68 -33.63
CA VAL E 323 -1.20 22.04 -33.85
C VAL E 323 -1.61 22.05 -35.31
N PRO E 324 -2.91 21.89 -35.58
CA PRO E 324 -3.43 21.88 -36.95
C PRO E 324 -3.39 23.27 -37.56
N GLU E 325 -3.64 23.31 -38.85
CA GLU E 325 -3.63 24.54 -39.62
C GLU E 325 -5.09 24.94 -39.84
N LYS E 326 -5.62 25.77 -38.95
CA LYS E 326 -7.01 26.21 -39.03
C LYS E 326 -7.98 25.10 -38.58
N GLY F 1 4.59 24.57 -24.42
CA GLY F 1 5.83 23.76 -24.54
C GLY F 1 7.02 24.55 -24.05
N LEU F 2 7.90 23.90 -23.30
CA LEU F 2 9.10 24.56 -22.75
C LEU F 2 10.01 25.30 -23.71
N PHE F 3 10.11 24.88 -24.96
CA PHE F 3 10.98 25.63 -25.86
C PHE F 3 10.21 26.53 -26.82
N GLY F 4 8.88 26.52 -26.65
CA GLY F 4 7.97 27.35 -27.44
C GLY F 4 8.23 27.44 -28.92
N ALA F 5 8.60 26.32 -29.52
CA ALA F 5 8.82 26.29 -30.94
C ALA F 5 7.51 25.77 -31.51
N ILE F 6 7.18 24.53 -31.17
CA ILE F 6 5.94 23.92 -31.61
C ILE F 6 4.79 24.64 -30.92
N ALA F 7 3.75 24.94 -31.68
CA ALA F 7 2.61 25.66 -31.12
C ALA F 7 3.18 26.93 -30.50
N GLY F 8 4.31 27.36 -31.03
CA GLY F 8 4.97 28.54 -30.54
C GLY F 8 5.30 29.55 -31.63
N PHE F 9 6.59 29.87 -31.78
CA PHE F 9 7.00 30.84 -32.77
C PHE F 9 6.88 30.25 -34.15
N ILE F 10 6.40 29.02 -34.19
CA ILE F 10 6.15 28.32 -35.43
C ILE F 10 4.62 28.22 -35.38
N GLU F 11 3.96 29.25 -35.90
CA GLU F 11 2.50 29.34 -35.89
C GLU F 11 1.76 28.01 -35.90
N ASN F 12 2.12 27.13 -36.82
CA ASN F 12 1.48 25.82 -36.86
C ASN F 12 2.24 24.80 -37.71
N GLY F 13 1.72 23.57 -37.75
CA GLY F 13 2.38 22.51 -38.47
C GLY F 13 1.91 22.27 -39.89
N TRP F 14 2.59 21.34 -40.54
CA TRP F 14 2.29 20.98 -41.92
C TRP F 14 1.65 19.60 -41.98
N GLU F 15 0.43 19.52 -42.51
CA GLU F 15 -0.27 18.24 -42.65
C GLU F 15 0.25 17.52 -43.90
N GLY F 16 0.85 18.29 -44.79
CA GLY F 16 1.38 17.74 -46.02
C GLY F 16 2.72 17.06 -45.86
N MET F 17 3.36 17.18 -44.69
CA MET F 17 4.64 16.52 -44.47
C MET F 17 4.34 15.13 -43.92
N ILE F 18 4.33 14.17 -44.82
CA ILE F 18 4.02 12.79 -44.47
C ILE F 18 5.28 11.92 -44.47
N ASP F 19 6.45 12.55 -44.51
CA ASP F 19 7.69 11.78 -44.54
C ASP F 19 8.59 11.98 -43.34
N GLY F 20 8.08 12.69 -42.33
CA GLY F 20 8.84 12.94 -41.11
C GLY F 20 8.14 13.89 -40.14
N TRP F 21 8.69 14.04 -38.94
CA TRP F 21 8.09 14.94 -37.96
C TRP F 21 8.61 16.38 -38.19
N TYR F 22 9.83 16.47 -38.72
CA TYR F 22 10.48 17.76 -38.97
C TYR F 22 11.01 17.90 -40.41
N GLY F 23 11.18 19.13 -40.87
CA GLY F 23 11.65 19.33 -42.23
C GLY F 23 11.74 20.77 -42.73
N PHE F 24 12.06 20.94 -44.02
CA PHE F 24 12.19 22.27 -44.58
C PHE F 24 11.27 22.58 -45.76
N ARG F 25 10.97 23.86 -45.92
CA ARG F 25 10.17 24.35 -47.02
C ARG F 25 10.96 25.55 -47.49
N HIS F 26 11.14 25.67 -48.80
CA HIS F 26 11.90 26.80 -49.29
C HIS F 26 11.29 27.42 -50.53
N GLN F 27 11.85 28.56 -50.89
CA GLN F 27 11.39 29.32 -52.03
C GLN F 27 12.56 30.13 -52.55
N ASN F 28 13.26 29.56 -53.52
CA ASN F 28 14.40 30.21 -54.14
C ASN F 28 14.06 30.49 -55.60
N SER F 29 15.07 30.87 -56.38
CA SER F 29 14.85 31.18 -57.79
C SER F 29 14.13 30.08 -58.57
N GLU F 30 14.56 28.84 -58.39
CA GLU F 30 13.97 27.70 -59.10
C GLU F 30 12.58 27.25 -58.63
N GLY F 31 11.96 28.03 -57.76
CA GLY F 31 10.64 27.69 -57.29
C GLY F 31 10.50 27.43 -55.80
N THR F 32 9.67 26.46 -55.44
CA THR F 32 9.42 26.10 -54.04
C THR F 32 9.52 24.60 -53.76
N GLY F 33 10.15 24.23 -52.65
CA GLY F 33 10.27 22.82 -52.34
C GLY F 33 9.93 22.45 -50.90
N GLN F 34 10.09 21.17 -50.58
CA GLN F 34 9.82 20.63 -49.25
C GLN F 34 10.52 19.30 -49.03
N ALA F 35 11.48 19.28 -48.12
CA ALA F 35 12.20 18.07 -47.77
C ALA F 35 11.99 17.85 -46.28
N ALA F 36 12.23 16.65 -45.79
CA ALA F 36 12.07 16.41 -44.36
C ALA F 36 13.46 16.13 -43.79
N ASP F 37 13.64 16.37 -42.48
CA ASP F 37 14.93 16.11 -41.85
C ASP F 37 14.80 14.77 -41.13
N LEU F 38 15.49 13.76 -41.66
CA LEU F 38 15.47 12.42 -41.10
C LEU F 38 16.21 12.34 -39.77
N LYS F 39 17.44 12.86 -39.76
CA LYS F 39 18.26 12.88 -38.55
C LYS F 39 17.39 13.29 -37.38
N SER F 40 16.74 14.44 -37.54
CA SER F 40 15.87 15.01 -36.54
C SER F 40 14.67 14.11 -36.19
N THR F 41 13.74 13.93 -37.14
CA THR F 41 12.56 13.10 -36.93
C THR F 41 12.88 11.76 -36.24
N GLN F 42 13.96 11.13 -36.67
CA GLN F 42 14.38 9.85 -36.12
C GLN F 42 14.71 9.99 -34.63
N ALA F 43 15.64 10.88 -34.33
CA ALA F 43 16.07 11.13 -32.97
C ALA F 43 14.88 11.24 -32.01
N ALA F 44 13.85 11.99 -32.39
CA ALA F 44 12.69 12.15 -31.54
C ALA F 44 11.95 10.82 -31.41
N ILE F 45 11.86 10.10 -32.52
CA ILE F 45 11.18 8.84 -32.51
C ILE F 45 11.85 7.87 -31.56
N ASP F 46 13.14 7.63 -31.79
CA ASP F 46 13.92 6.74 -30.94
C ASP F 46 13.70 7.08 -29.46
N GLN F 47 13.71 8.37 -29.14
CA GLN F 47 13.50 8.79 -27.76
C GLN F 47 12.11 8.45 -27.25
N ILE F 48 11.07 8.71 -28.03
CA ILE F 48 9.73 8.42 -27.57
C ILE F 48 9.44 6.92 -27.58
N ASN F 49 10.22 6.17 -28.34
CA ASN F 49 10.02 4.72 -28.39
C ASN F 49 10.53 4.10 -27.10
N ARG F 50 11.79 4.40 -26.76
CA ARG F 50 12.41 3.87 -25.55
C ARG F 50 11.57 4.19 -24.32
N LYS F 51 11.06 5.43 -24.27
CA LYS F 51 10.18 5.88 -23.18
C LYS F 51 8.98 4.94 -23.13
N LEU F 52 8.41 4.68 -24.30
CA LEU F 52 7.27 3.79 -24.36
C LEU F 52 7.67 2.43 -23.78
N ASN F 53 8.60 1.75 -24.46
CA ASN F 53 9.07 0.42 -24.02
C ASN F 53 9.20 0.31 -22.49
N ARG F 54 9.95 1.23 -21.88
CA ARG F 54 10.10 1.19 -20.43
C ARG F 54 8.74 0.97 -19.77
N VAL F 55 7.73 1.70 -20.22
CA VAL F 55 6.38 1.61 -19.67
C VAL F 55 5.54 0.37 -19.96
N ILE F 56 5.72 -0.26 -21.13
CA ILE F 56 4.89 -1.43 -21.49
C ILE F 56 5.45 -2.85 -21.34
N GLU F 57 6.76 -3.01 -21.43
CA GLU F 57 7.39 -4.33 -21.34
C GLU F 57 7.40 -4.90 -19.90
N LYS F 58 6.57 -4.36 -19.01
CA LYS F 58 6.62 -4.86 -17.65
C LYS F 58 5.30 -5.25 -16.97
N THR F 59 5.26 -6.48 -16.46
CA THR F 59 4.10 -7.02 -15.73
C THR F 59 4.64 -8.01 -14.70
N ASN F 60 3.91 -8.17 -13.59
CA ASN F 60 4.32 -9.07 -12.53
C ASN F 60 3.33 -10.23 -12.40
N GLU F 61 3.83 -11.44 -12.18
CA GLU F 61 2.97 -12.60 -12.01
C GLU F 61 2.50 -12.68 -10.57
N LYS F 62 1.21 -12.96 -10.38
CA LYS F 62 0.69 -13.11 -9.03
C LYS F 62 -0.35 -14.22 -9.05
N PHE F 63 0.09 -15.39 -8.59
CA PHE F 63 -0.75 -16.59 -8.54
C PHE F 63 -1.75 -16.57 -7.39
N HIS F 64 -1.65 -17.50 -6.44
CA HIS F 64 -2.60 -17.52 -5.33
C HIS F 64 -2.44 -16.24 -4.52
N GLN F 65 -3.56 -15.61 -4.19
CA GLN F 65 -3.57 -14.35 -3.45
C GLN F 65 -4.61 -14.41 -2.36
N ILE F 66 -5.31 -13.30 -2.12
CA ILE F 66 -6.37 -13.29 -1.13
C ILE F 66 -7.66 -13.19 -1.89
N GLU F 67 -8.76 -13.56 -1.25
CA GLU F 67 -10.06 -13.49 -1.91
C GLU F 67 -10.46 -12.03 -2.00
N LYS F 68 -11.39 -11.71 -2.89
CA LYS F 68 -11.77 -10.32 -3.02
C LYS F 68 -13.26 -10.04 -3.13
N GLU F 69 -14.07 -11.10 -3.17
CA GLU F 69 -15.52 -10.99 -3.25
C GLU F 69 -16.07 -11.95 -2.22
N PHE F 70 -17.12 -11.56 -1.52
CA PHE F 70 -17.66 -12.43 -0.49
C PHE F 70 -19.14 -12.68 -0.57
N SER F 71 -19.53 -13.94 -0.38
CA SER F 71 -20.92 -14.36 -0.44
C SER F 71 -21.68 -14.26 0.89
N GLU F 72 -21.02 -13.84 1.97
CA GLU F 72 -21.67 -13.74 3.27
C GLU F 72 -21.01 -12.71 4.16
N VAL F 73 -21.76 -12.20 5.12
CA VAL F 73 -21.24 -11.19 6.05
C VAL F 73 -20.39 -11.86 7.12
N GLU F 74 -19.23 -11.27 7.41
CA GLU F 74 -18.33 -11.85 8.40
C GLU F 74 -17.83 -10.86 9.45
N GLY F 75 -17.54 -9.63 9.06
CA GLY F 75 -17.06 -8.67 10.05
C GLY F 75 -15.56 -8.41 10.01
N ARG F 76 -15.03 -8.04 11.17
CA ARG F 76 -13.63 -7.71 11.36
C ARG F 76 -12.67 -8.22 10.29
N ILE F 77 -12.48 -9.53 10.24
CA ILE F 77 -11.54 -10.10 9.29
C ILE F 77 -11.84 -9.78 7.81
N GLN F 78 -13.11 -9.74 7.42
CA GLN F 78 -13.43 -9.43 6.02
C GLN F 78 -13.23 -7.96 5.70
N ASP F 79 -13.59 -7.08 6.64
CA ASP F 79 -13.42 -5.66 6.44
C ASP F 79 -11.96 -5.40 6.10
N LEU F 80 -11.07 -6.08 6.84
CA LEU F 80 -9.65 -5.93 6.65
C LEU F 80 -9.22 -6.41 5.26
N GLU F 81 -9.72 -7.59 4.85
CA GLU F 81 -9.36 -8.12 3.52
C GLU F 81 -9.75 -7.14 2.42
N LYS F 82 -10.83 -6.39 2.63
CA LYS F 82 -11.30 -5.41 1.66
C LYS F 82 -10.43 -4.15 1.65
N TYR F 83 -10.27 -3.54 2.81
CA TYR F 83 -9.46 -2.33 2.94
C TYR F 83 -8.11 -2.54 2.30
N VAL F 84 -7.53 -3.72 2.50
CA VAL F 84 -6.23 -4.01 1.94
C VAL F 84 -6.26 -3.95 0.44
N GLU F 85 -7.25 -4.60 -0.17
CA GLU F 85 -7.39 -4.62 -1.63
C GLU F 85 -7.85 -3.27 -2.17
N ASP F 86 -8.66 -2.56 -1.40
CA ASP F 86 -9.12 -1.26 -1.86
C ASP F 86 -7.99 -0.23 -1.79
N THR F 87 -7.22 -0.28 -0.71
CA THR F 87 -6.09 0.61 -0.55
C THR F 87 -5.07 0.38 -1.69
N LYS F 88 -4.83 -0.90 -1.96
CA LYS F 88 -3.89 -1.31 -3.00
C LYS F 88 -4.29 -0.73 -4.33
N ILE F 89 -5.55 -0.94 -4.71
CA ILE F 89 -6.06 -0.45 -5.97
C ILE F 89 -5.94 1.08 -6.11
N ASP F 90 -6.25 1.79 -5.04
CA ASP F 90 -6.16 3.25 -5.06
C ASP F 90 -4.72 3.76 -5.24
N LEU F 91 -3.74 3.05 -4.68
CA LEU F 91 -2.35 3.48 -4.82
C LEU F 91 -1.85 3.36 -6.28
N TRP F 92 -2.16 2.25 -6.94
CA TRP F 92 -1.76 2.06 -8.32
C TRP F 92 -2.45 3.02 -9.28
N SER F 93 -3.77 3.21 -9.09
CA SER F 93 -4.56 4.13 -9.91
C SER F 93 -3.91 5.51 -9.86
N TYR F 94 -3.35 5.83 -8.70
CA TYR F 94 -2.66 7.08 -8.52
C TYR F 94 -1.34 7.00 -9.29
N ASN F 95 -0.67 5.86 -9.21
CA ASN F 95 0.59 5.68 -9.91
C ASN F 95 0.40 5.76 -11.41
N ALA F 96 -0.70 5.17 -11.87
CA ALA F 96 -1.06 5.13 -13.28
C ALA F 96 -1.40 6.52 -13.82
N GLU F 97 -2.20 7.27 -13.05
CA GLU F 97 -2.57 8.62 -13.46
C GLU F 97 -1.31 9.49 -13.52
N LEU F 98 -0.63 9.61 -12.38
CA LEU F 98 0.58 10.41 -12.34
C LEU F 98 1.60 9.99 -13.40
N LEU F 99 1.70 8.69 -13.67
CA LEU F 99 2.66 8.27 -14.66
C LEU F 99 2.45 8.94 -16.02
N VAL F 100 1.29 8.76 -16.62
CA VAL F 100 1.04 9.35 -17.93
C VAL F 100 1.12 10.88 -17.96
N ALA F 101 0.61 11.53 -16.91
CA ALA F 101 0.64 12.99 -16.83
C ALA F 101 2.09 13.45 -16.95
N LEU F 102 2.96 12.86 -16.13
CA LEU F 102 4.39 13.15 -16.13
C LEU F 102 5.03 12.76 -17.47
N GLU F 103 4.81 11.52 -17.90
CA GLU F 103 5.36 11.04 -19.17
C GLU F 103 4.97 11.93 -20.35
N ASN F 104 3.68 12.29 -20.42
CA ASN F 104 3.15 13.13 -21.50
C ASN F 104 3.73 14.53 -21.58
N GLN F 105 3.79 15.20 -20.43
CA GLN F 105 4.34 16.52 -20.38
C GLN F 105 5.75 16.43 -20.96
N HIS F 106 6.55 15.49 -20.47
CA HIS F 106 7.91 15.31 -20.96
C HIS F 106 7.99 14.89 -22.41
N THR F 107 6.93 14.25 -22.90
CA THR F 107 6.90 13.85 -24.31
C THR F 107 6.76 15.11 -25.14
N ILE F 108 5.69 15.86 -24.89
CA ILE F 108 5.43 17.10 -25.60
C ILE F 108 6.62 18.06 -25.56
N ASP F 109 7.21 18.26 -24.39
CA ASP F 109 8.36 19.15 -24.27
C ASP F 109 9.55 18.61 -25.06
N LEU F 110 9.71 17.29 -25.12
CA LEU F 110 10.84 16.70 -25.85
C LEU F 110 10.77 16.94 -27.36
N ALA F 111 9.55 16.97 -27.90
CA ALA F 111 9.34 17.21 -29.32
C ALA F 111 9.67 18.68 -29.62
N ASP F 112 9.20 19.55 -28.74
CA ASP F 112 9.43 20.99 -28.85
C ASP F 112 10.93 21.21 -28.86
N SER F 113 11.61 20.59 -27.89
CA SER F 113 13.06 20.68 -27.75
C SER F 113 13.76 20.27 -29.05
N GLU F 114 13.39 19.11 -29.58
CA GLU F 114 13.96 18.63 -30.84
C GLU F 114 13.81 19.68 -31.95
N MET F 115 12.57 20.09 -32.20
CA MET F 115 12.22 21.10 -33.22
C MET F 115 13.22 22.24 -33.18
N ASN F 116 13.39 22.77 -31.97
CA ASN F 116 14.28 23.88 -31.71
C ASN F 116 15.75 23.56 -31.98
N LYS F 117 16.21 22.34 -31.68
CA LYS F 117 17.60 22.00 -31.95
C LYS F 117 17.87 22.11 -33.45
N LEU F 118 16.90 21.66 -34.23
CA LEU F 118 17.02 21.70 -35.67
C LEU F 118 17.05 23.12 -36.20
N PHE F 119 16.37 24.02 -35.49
CA PHE F 119 16.32 25.41 -35.87
C PHE F 119 17.65 26.08 -35.50
N GLU F 120 18.16 25.79 -34.30
CA GLU F 120 19.43 26.34 -33.82
C GLU F 120 20.60 25.66 -34.53
N LYS F 121 20.36 24.45 -35.04
CA LYS F 121 21.36 23.70 -35.79
C LYS F 121 21.49 24.47 -37.09
N THR F 122 20.35 24.74 -37.69
CA THR F 122 20.24 25.48 -38.96
C THR F 122 20.83 26.89 -38.87
N ARG F 123 20.43 27.64 -37.85
CA ARG F 123 20.89 29.01 -37.65
C ARG F 123 22.41 29.13 -37.67
N ARG F 124 23.08 28.29 -36.89
CA ARG F 124 24.55 28.31 -36.82
C ARG F 124 25.24 27.97 -38.15
N GLN F 125 24.55 27.26 -39.04
CA GLN F 125 25.11 26.92 -40.33
C GLN F 125 25.17 28.21 -41.18
N LEU F 126 24.00 28.81 -41.39
CA LEU F 126 23.84 30.05 -42.17
C LEU F 126 24.68 31.27 -41.79
N ARG F 127 25.25 31.29 -40.59
CA ARG F 127 26.07 32.42 -40.16
C ARG F 127 25.50 33.79 -40.52
N GLU F 128 26.39 34.68 -40.99
CA GLU F 128 26.02 36.05 -41.36
C GLU F 128 25.29 36.19 -42.69
N ASN F 129 24.90 35.08 -43.29
CA ASN F 129 24.25 35.13 -44.59
C ASN F 129 22.73 35.17 -44.57
N ALA F 130 22.13 34.85 -43.44
CA ALA F 130 20.68 34.85 -43.33
C ALA F 130 20.23 35.52 -42.05
N GLU F 131 18.92 35.70 -41.92
CA GLU F 131 18.34 36.32 -40.76
C GLU F 131 17.09 35.58 -40.29
N ASP F 132 16.87 35.55 -38.97
CA ASP F 132 15.72 34.88 -38.37
C ASP F 132 14.47 35.77 -38.48
N MET F 133 13.66 35.52 -39.50
CA MET F 133 12.45 36.30 -39.73
C MET F 133 11.37 36.19 -38.66
N GLY F 134 11.61 35.35 -37.66
CA GLY F 134 10.66 35.19 -36.56
C GLY F 134 9.50 34.21 -36.66
N ASN F 135 9.21 33.70 -37.85
CA ASN F 135 8.11 32.75 -38.04
C ASN F 135 8.72 31.39 -38.26
N GLY F 136 9.97 31.25 -37.85
CA GLY F 136 10.68 30.00 -38.02
C GLY F 136 11.35 29.97 -39.38
N CYS F 137 11.31 31.08 -40.11
CA CYS F 137 11.95 31.14 -41.42
C CYS F 137 13.26 31.88 -41.44
N PHE F 138 14.20 31.37 -42.22
CA PHE F 138 15.49 32.03 -42.38
C PHE F 138 15.49 32.70 -43.76
N LYS F 139 15.75 34.00 -43.82
CA LYS F 139 15.79 34.70 -45.10
C LYS F 139 17.24 34.71 -45.56
N ILE F 140 17.59 33.79 -46.47
CA ILE F 140 18.96 33.70 -46.96
C ILE F 140 19.21 34.88 -47.91
N TYR F 141 20.10 35.76 -47.47
CA TYR F 141 20.42 36.97 -48.21
C TYR F 141 21.32 36.85 -49.42
N HIS F 142 21.28 35.69 -50.07
CA HIS F 142 22.08 35.50 -51.27
C HIS F 142 21.30 34.53 -52.13
N LYS F 143 21.76 34.31 -53.36
CA LYS F 143 21.07 33.39 -54.24
C LYS F 143 21.42 31.97 -53.86
N CYS F 144 20.40 31.24 -53.43
CA CYS F 144 20.54 29.86 -52.98
C CYS F 144 19.60 28.95 -53.78
N ASP F 145 20.17 28.25 -54.75
CA ASP F 145 19.43 27.33 -55.61
C ASP F 145 19.28 25.97 -54.94
N ASN F 146 18.54 25.07 -55.57
CA ASN F 146 18.28 23.75 -55.03
C ASN F 146 19.54 22.99 -54.63
N ALA F 147 20.68 23.29 -55.26
CA ALA F 147 21.94 22.62 -54.91
C ALA F 147 22.41 23.20 -53.60
N CYS F 148 22.18 24.50 -53.46
CA CYS F 148 22.53 25.28 -52.29
C CYS F 148 21.61 24.89 -51.11
N ILE F 149 20.29 24.94 -51.31
CA ILE F 149 19.34 24.58 -50.26
C ILE F 149 19.68 23.24 -49.65
N GLU F 150 19.99 22.26 -50.50
CA GLU F 150 20.32 20.91 -50.06
C GLU F 150 21.59 20.89 -49.21
N SER F 151 22.63 21.55 -49.71
CA SER F 151 23.89 21.61 -48.97
C SER F 151 23.58 21.96 -47.53
N ILE F 152 22.60 22.83 -47.33
CA ILE F 152 22.19 23.25 -45.99
C ILE F 152 21.46 22.16 -45.23
N ARG F 153 20.42 21.61 -45.84
CA ARG F 153 19.64 20.56 -45.21
C ARG F 153 20.45 19.47 -44.54
N ASN F 154 21.49 18.94 -45.17
CA ASN F 154 22.27 17.97 -44.38
C ASN F 154 23.66 18.49 -44.11
N GLY F 155 23.69 19.74 -43.69
CA GLY F 155 24.92 20.39 -43.29
C GLY F 155 26.22 20.30 -44.03
N THR F 156 26.22 20.59 -45.33
CA THR F 156 27.45 20.61 -46.09
C THR F 156 27.72 22.08 -46.48
N TYR F 157 26.66 22.90 -46.45
CA TYR F 157 26.72 24.33 -46.77
C TYR F 157 28.03 24.97 -46.27
N ASP F 158 28.58 25.91 -47.04
CA ASP F 158 29.81 26.59 -46.65
C ASP F 158 29.53 28.08 -46.69
N HIS F 159 29.35 28.68 -45.52
CA HIS F 159 29.03 30.09 -45.42
C HIS F 159 30.00 31.00 -46.18
N ASP F 160 31.29 30.70 -46.12
CA ASP F 160 32.29 31.52 -46.80
C ASP F 160 31.95 31.82 -48.25
N ILE F 161 31.59 30.78 -49.00
CA ILE F 161 31.25 30.89 -50.40
C ILE F 161 30.22 31.96 -50.78
N TYR F 162 29.25 32.22 -49.91
CA TYR F 162 28.22 33.22 -50.20
C TYR F 162 28.23 34.42 -49.25
N ARG F 163 29.17 34.45 -48.31
CA ARG F 163 29.26 35.54 -47.34
C ARG F 163 29.24 36.93 -47.96
N ASP F 164 30.26 37.23 -48.77
CA ASP F 164 30.37 38.53 -49.42
C ASP F 164 29.10 39.00 -50.12
N GLU F 165 28.43 38.09 -50.80
CA GLU F 165 27.20 38.44 -51.49
C GLU F 165 26.16 38.84 -50.46
N ALA F 166 25.97 37.97 -49.47
CA ALA F 166 25.02 38.17 -48.39
C ALA F 166 25.24 39.47 -47.63
N LEU F 167 26.44 39.62 -47.08
CA LEU F 167 26.73 40.84 -46.34
C LEU F 167 26.33 42.03 -47.19
N ASN F 168 26.72 42.05 -48.46
CA ASN F 168 26.37 43.13 -49.37
C ASN F 168 24.86 43.44 -49.39
N ASN F 169 24.05 42.41 -49.48
CA ASN F 169 22.60 42.59 -49.52
C ASN F 169 22.03 42.92 -48.16
N ARG F 170 22.70 42.48 -47.09
CA ARG F 170 22.23 42.71 -45.74
C ARG F 170 22.40 44.15 -45.27
N PHE F 171 23.63 44.63 -45.33
CA PHE F 171 23.98 45.97 -44.91
C PHE F 171 24.06 46.95 -46.08
N GLN F 172 22.91 47.19 -46.70
CA GLN F 172 22.79 48.13 -47.80
C GLN F 172 21.45 48.83 -47.61
C1 NAG G . -2.30 32.89 -5.30
C2 NAG G . -3.11 33.91 -4.46
C3 NAG G . -4.48 33.46 -3.99
C4 NAG G . -5.11 32.63 -5.11
C5 NAG G . -4.30 31.36 -5.20
C6 NAG G . -4.85 30.27 -6.14
C7 NAG G . -2.23 35.69 -3.12
C8 NAG G . -2.77 36.21 -1.79
N2 NAG G . -2.31 34.39 -3.35
O1 NAG G . -1.94 33.48 -6.50
O3 NAG G . -5.30 34.58 -3.65
O4 NAG G . -6.44 32.30 -4.77
O5 NAG G . -2.92 31.61 -5.62
O6 NAG G . -3.80 29.67 -6.88
O7 NAG G . -1.75 36.49 -3.93
C1 NDG H . -39.53 -0.32 14.66
C2 NDG H . -40.31 -1.54 14.27
C3 NDG H . -41.67 -1.49 14.93
C4 NDG H . -41.57 -1.35 16.44
C5 NDG H . -40.47 -0.29 16.86
C6 NDG H . -39.99 -0.60 18.23
C7 NDG H . -39.53 -1.16 12.03
C8 NDG H . -39.65 0.22 11.39
O5 NDG H . -39.26 -0.34 16.04
O3 NDG H . -42.36 -2.68 14.59
O4 NDG H . -42.85 -1.03 17.00
O6 NDG H . -40.12 0.51 19.09
O7 NDG H . -38.56 -1.87 11.78
N2 NDG H . -40.51 -1.55 12.83
O1 NDG H . -40.24 0.82 14.35
C1 NAG I . -45.19 -2.48 17.64
C2 NAG I . -45.50 -2.72 19.18
C3 NAG I . -45.89 -4.13 19.63
C4 NAG I . -46.46 -4.89 18.45
C5 NAG I . -45.39 -4.89 17.35
C6 NAG I . -45.55 -5.92 16.21
C7 NAG I . -44.52 -1.00 20.57
C8 NAG I . -45.24 -0.93 21.92
N2 NAG I . -44.41 -2.21 20.01
O1 NAG I . -46.05 -1.52 17.16
O3 NAG I . -46.84 -4.06 20.69
O4 NAG I . -46.80 -6.22 18.82
O5 NAG I . -45.32 -3.61 16.74
O6 NAG I . -44.71 -5.63 15.10
O7 NAG I . -44.06 0.03 20.07
C1 NAG J . -38.11 -30.35 16.27
C2 NAG J . -38.07 -31.84 15.88
C3 NAG J . -37.18 -32.04 14.65
C4 NAG J . -37.19 -30.90 13.64
C5 NAG J . -37.50 -29.51 14.20
C6 NAG J . -37.94 -28.54 13.09
C7 NAG J . -38.10 -33.68 17.39
C8 NAG J . -37.59 -34.98 16.77
N2 NAG J . -37.50 -32.58 16.98
O1 NAG J . -38.96 -30.13 17.35
O3 NAG J . -37.54 -33.21 13.97
O4 NAG J . -35.90 -30.88 13.03
O5 NAG J . -38.52 -29.56 15.18
O6 NAG J . -39.25 -28.03 13.31
O7 NAG J . -39.01 -33.66 18.20
C1 NDG K . -6.71 14.61 16.71
C2 NDG K . -5.81 15.59 17.49
C3 NDG K . -4.85 14.77 18.36
C4 NDG K . -5.71 13.93 19.30
C5 NDG K . -6.59 12.98 18.49
C6 NDG K . -7.46 12.08 19.37
C7 NDG K . -5.67 17.65 16.21
C8 NDG K . -5.75 17.96 14.71
O5 NDG K . -7.45 13.76 17.63
O3 NDG K . -3.97 15.61 19.10
O4 NDG K . -4.92 13.20 20.22
O6 NDG K . -7.88 10.94 18.65
O7 NDG K . -6.15 18.45 17.01
N2 NDG K . -5.09 16.51 16.60
O1 NDG K . -5.91 13.79 15.92
C1 NAG L . -18.64 -11.60 46.23
C2 NAG L . -18.23 -10.13 46.11
C3 NAG L . -18.45 -9.30 47.40
C4 NAG L . -19.19 -9.95 48.57
C5 NAG L . -19.28 -11.48 48.49
C6 NAG L . -20.37 -12.11 49.37
C7 NAG L . -16.42 -9.94 44.54
C8 NAG L . -14.92 -10.06 44.21
N2 NAG L . -16.81 -10.11 45.79
O1 NAG L . -19.09 -12.09 45.04
O3 NAG L . -19.07 -8.07 47.07
O4 NAG L . -18.57 -9.53 49.77
O5 NAG L . -19.68 -11.78 47.16
O6 NAG L . -20.88 -13.30 48.75
O7 NAG L . -17.22 -9.70 43.63
C1 MAN M . -21.03 -7.84 48.89
C2 MAN M . -22.24 -7.58 49.70
C3 MAN M . -23.07 -6.44 49.07
C4 MAN M . -22.23 -5.16 48.86
C5 MAN M . -20.90 -5.52 48.14
C6 MAN M . -19.91 -4.35 48.18
O1 MAN M . -21.41 -8.27 47.65
O2 MAN M . -21.78 -7.28 51.00
O3 MAN M . -24.24 -6.15 49.80
O4 MAN M . -22.95 -4.19 48.10
O5 MAN M . -20.24 -6.65 48.81
O6 MAN M . -19.72 -3.69 46.93
C1 MAN N . -23.53 -6.86 53.56
C2 MAN N . -24.84 -7.63 53.37
C3 MAN N . -26.04 -6.72 53.05
C4 MAN N . -26.09 -5.45 53.91
C5 MAN N . -24.73 -4.74 53.99
C6 MAN N . -24.74 -3.60 55.01
O1 MAN N . -22.98 -6.55 52.33
O2 MAN N . -25.12 -8.47 54.48
O3 MAN N . -27.27 -7.44 53.21
O4 MAN N . -27.03 -4.54 53.36
O5 MAN N . -23.67 -5.66 54.37
O6 MAN N . -23.84 -2.55 54.67
C1 NDG O . -3.00 12.51 19.27
C2 NDG O . -2.07 12.96 20.41
C3 NDG O . -0.72 12.22 20.32
C4 NDG O . -0.94 10.71 20.17
C5 NDG O . -1.98 10.35 19.08
C6 NDG O . -2.36 8.88 19.10
C7 NDG O . -1.87 15.07 21.53
C8 NDG O . -0.60 15.83 21.88
O5 NDG O . -3.21 11.09 19.27
O3 NDG O . 0.03 12.47 21.51
O4 NDG O . 0.30 10.07 19.88
O6 NDG O . -2.67 8.39 17.80
O7 NDG O . -2.85 15.12 22.28
N2 NDG O . -1.87 14.39 20.38
O1 NDG O . -2.53 12.91 18.02
C1 NDG P . 0.63 50.07 -30.61
C2 NDG P . -0.88 50.21 -30.79
C3 NDG P . -1.22 51.22 -31.92
C4 NDG P . -0.45 52.55 -31.69
C5 NDG P . 1.04 52.31 -31.42
C6 NDG P . 1.77 53.57 -30.99
C7 NDG P . -2.17 48.34 -30.10
C8 NDG P . -3.54 47.78 -30.46
O5 NDG P . 1.22 51.35 -30.35
O3 NDG P . -2.62 51.48 -31.91
O4 NDG P . -0.62 53.39 -32.83
O6 NDG P . 1.96 53.62 -29.58
O7 NDG P . -1.76 48.23 -28.93
N2 NDG P . -1.47 48.92 -31.06
O1 NDG P . 1.21 49.54 -31.75
C1 NDG Q . 31.27 11.47 -7.24
C2 NDG Q . 30.78 11.27 -5.78
C3 NDG Q . 31.28 12.42 -4.83
C4 NDG Q . 32.77 12.73 -5.05
C5 NDG Q . 33.03 12.92 -6.55
C6 NDG Q . 34.47 13.27 -6.88
C7 NDG Q . 28.69 11.56 -4.66
C8 NDG Q . 28.02 12.94 -4.64
O5 NDG Q . 32.68 11.73 -7.29
O3 NDG Q . 31.08 12.03 -3.47
O4 NDG Q . 33.12 13.90 -4.32
O6 NDG Q . 34.54 14.17 -7.99
O7 NDG Q . 28.60 10.82 -3.68
N2 NDG Q . 29.33 11.22 -5.76
O1 NDG Q . 30.61 12.55 -7.82
C1 NAG R . 12.42 -10.74 40.20
C2 NAG R . 11.44 -9.88 41.00
C3 NAG R . 11.89 -9.61 42.45
C4 NAG R . 12.48 -10.87 43.10
C5 NAG R . 13.62 -11.34 42.19
C6 NAG R . 14.44 -12.51 42.68
C7 NAG R . 10.47 -7.71 40.75
C8 NAG R . 11.09 -6.49 41.45
N2 NAG R . 11.30 -8.63 40.28
O1 NAG R . 11.69 -11.40 39.23
O3 NAG R . 10.78 -9.15 43.23
O4 NAG R . 12.97 -10.56 44.39
O5 NAG R . 13.07 -11.77 40.95
O6 NAG R . 15.23 -13.04 41.62
O7 NAG R . 9.25 -7.81 40.67
C1 NDG S . -15.74 -16.71 45.75
C2 NDG S . -16.99 -16.50 46.48
C3 NDG S . -17.72 -15.24 45.98
C4 NDG S . -16.85 -14.03 45.53
C5 NDG S . -15.41 -14.42 45.04
C6 NDG S . -14.46 -13.28 45.30
C7 NDG S . -18.65 -18.15 47.09
C8 NDG S . -20.15 -18.28 46.81
O5 NDG S . -14.90 -15.55 45.80
O3 NDG S . -18.61 -14.82 46.99
O4 NDG S . -17.51 -13.34 44.51
O6 NDG S . -14.20 -13.15 46.70
O7 NDG S . -18.19 -18.53 48.15
N2 NDG S . -17.86 -17.63 46.15
O1 NDG S . -16.06 -16.96 44.45
C1 NDG T . 2.61 -45.72 23.13
C2 NDG T . 3.77 -44.80 22.93
C3 NDG T . 5.09 -45.57 23.18
C4 NDG T . 5.08 -46.14 24.57
C5 NDG T . 3.74 -46.89 24.91
C6 NDG T . 3.63 -46.97 26.41
C7 NDG T . 3.53 -42.98 21.42
C8 NDG T . 4.17 -42.23 20.27
O5 NDG T . 2.56 -46.14 24.48
O3 NDG T . 6.13 -44.63 23.12
O4 NDG T . 6.21 -46.96 24.81
O6 NDG T . 2.89 -48.09 26.84
O7 NDG T . 2.82 -42.37 22.20
N2 NDG T . 3.75 -44.28 21.58
O1 NDG T . 2.77 -46.82 22.33
C1 MAN U . 8.63 -47.03 25.03
C2 MAN U . 9.09 -47.28 26.49
C3 MAN U . 10.21 -46.42 27.04
C4 MAN U . 10.98 -45.82 25.85
C5 MAN U . 10.04 -45.01 25.00
C6 MAN U . 10.78 -44.27 23.89
O1 MAN U . 8.85 -48.13 24.23
O2 MAN U . 9.49 -48.63 26.65
O3 MAN U . 11.07 -47.29 27.79
O4 MAN U . 12.04 -44.97 26.26
O5 MAN U . 9.08 -45.84 24.35
O6 MAN U . 11.97 -43.59 24.33
C1 MAN V . 8.44 -48.56 29.53
C2 MAN V . 9.32 -48.40 30.79
C3 MAN V . 10.75 -48.88 30.53
C4 MAN V . 10.73 -50.29 29.89
C5 MAN V . 9.85 -50.29 28.65
C6 MAN V . 9.77 -51.64 27.98
O1 MAN V . 7.11 -48.28 29.83
O2 MAN V . 8.77 -49.10 31.90
O3 MAN V . 11.49 -48.92 31.74
O4 MAN V . 12.05 -50.67 29.51
O5 MAN V . 8.51 -49.89 28.98
O6 MAN V . 10.24 -51.54 26.66
C1 NDG W . 40.29 39.78 -15.15
C2 NDG W . 40.75 40.05 -13.71
C3 NDG W . 41.56 41.36 -13.63
C4 NDG W . 42.70 41.36 -14.66
C5 NDG W . 42.15 41.02 -16.06
C6 NDG W . 43.28 40.84 -17.07
C7 NDG W . 39.29 39.08 -12.07
C8 NDG W . 38.25 39.29 -10.97
O5 NDG W . 41.42 39.76 -16.02
O3 NDG W . 42.09 41.50 -12.32
O4 NDG W . 43.32 42.62 -14.69
O6 NDG W . 43.92 39.58 -16.91
O7 NDG W . 39.81 37.97 -12.22
N2 NDG W . 39.61 40.12 -12.83
O1 NDG W . 39.42 40.78 -15.57
C1 NDG X . -38.68 -30.85 11.38
C2 NDG X . -38.13 -30.81 9.97
C3 NDG X . -39.10 -31.57 9.07
C4 NDG X . -39.36 -32.98 9.53
C5 NDG X . -39.64 -33.03 11.07
C6 NDG X . -39.49 -34.43 11.60
C7 NDG X . -36.87 -28.84 9.44
C8 NDG X . -36.80 -27.52 8.74
O5 NDG X . -38.70 -32.20 11.83
O3 NDG X . -38.56 -31.61 7.78
O4 NDG X . -40.44 -33.51 8.80
O6 NDG X . -40.71 -34.89 12.19
O7 NDG X . -35.85 -29.36 9.87
N2 NDG X . -38.05 -29.43 9.53
O1 NDG X . -39.96 -30.34 11.40
C1 MAN Y . -41.41 -34.23 6.43
C2 MAN Y . -41.38 -35.67 5.86
C3 MAN Y . -40.13 -35.80 5.02
C4 MAN Y . -40.13 -34.68 3.95
C5 MAN Y . -40.19 -33.33 4.63
C6 MAN Y . -40.21 -32.14 3.68
O1 MAN Y . -42.49 -33.98 7.24
O2 MAN Y . -42.51 -35.95 5.07
O3 MAN Y . -40.15 -37.08 4.43
O4 MAN Y . -38.98 -34.73 3.12
O5 MAN Y . -41.41 -33.26 5.38
O6 MAN Y . -39.68 -32.46 2.40
C1 MAN Z . -43.09 -38.18 6.77
C2 MAN Z . -42.51 -39.57 6.46
C3 MAN Z . -42.54 -39.82 4.96
C4 MAN Z . -43.97 -39.62 4.44
C5 MAN Z . -44.50 -38.21 4.83
C6 MAN Z . -45.95 -38.00 4.44
O1 MAN Z . -43.11 -37.96 8.14
O2 MAN Z . -43.24 -40.59 7.13
O3 MAN Z . -42.11 -41.15 4.69
O4 MAN Z . -43.97 -39.77 3.03
O5 MAN Z . -44.42 -38.05 6.26
O6 MAN Z . -46.18 -38.24 3.06
C1 NDG AA . -2.67 6.75 -32.21
C2 NDG AA . -2.65 5.26 -31.81
C3 NDG AA . -4.07 4.71 -31.73
C4 NDG AA . -4.84 5.56 -30.71
C5 NDG AA . -4.78 7.07 -31.04
C6 NDG AA . -5.39 7.95 -29.94
C7 NDG AA . -1.47 3.24 -32.29
C8 NDG AA . -2.19 2.11 -33.01
O5 NDG AA . -3.41 7.53 -31.25
O3 NDG AA . -4.02 3.35 -31.31
O4 NDG AA . -6.20 5.12 -30.62
O6 NDG AA . -5.30 7.38 -28.64
O7 NDG AA . -0.62 3.00 -31.42
N2 NDG AA . -1.81 4.47 -32.67
O1 NDG AA . -3.27 6.93 -33.44
C1 NDG BA . -3.45 -41.95 -6.26
C2 NDG BA . -3.70 -43.47 -6.39
C3 NDG BA . -2.75 -44.28 -5.52
C4 NDG BA . -1.29 -43.82 -5.68
C5 NDG BA . -1.21 -42.31 -5.43
C6 NDG BA . 0.19 -41.74 -5.58
C7 NDG BA . -6.11 -43.55 -6.77
C8 NDG BA . -7.36 -42.98 -6.09
O5 NDG BA . -2.05 -41.62 -6.39
O3 NDG BA . -2.85 -45.65 -5.87
O4 NDG BA . -0.48 -44.52 -4.73
O6 NDG BA . 0.20 -40.35 -5.26
O7 NDG BA . -6.11 -43.75 -8.00
N2 NDG BA . -5.07 -43.80 -5.99
O1 NDG BA . -3.90 -41.47 -5.04
C1 NAG CA . -2.61 -45.35 23.13
C2 NAG CA . -1.92 -45.82 24.39
C3 NAG CA . -0.53 -45.24 24.59
C4 NAG CA . 0.15 -44.63 23.38
C5 NAG CA . -0.73 -44.34 22.19
C6 NAG CA . 0.06 -44.32 20.93
C7 NAG CA . -3.37 -46.36 26.18
C8 NAG CA . -3.80 -46.14 27.63
N2 NAG CA . -2.72 -45.42 25.53
O1 NAG CA . -3.64 -46.22 22.82
O3 NAG CA . 0.32 -46.23 25.13
O4 NAG CA . 0.73 -43.41 23.82
O5 NAG CA . -1.69 -45.36 22.06
O6 NAG CA . 0.13 -45.63 20.43
O7 NAG CA . -3.63 -47.43 25.63
C1 NDG DA . -16.34 -8.19 -13.92
C2 NDG DA . -17.51 -7.35 -14.45
C3 NDG DA . -18.19 -6.67 -13.24
C4 NDG DA . -18.64 -7.76 -12.24
C5 NDG DA . -17.48 -8.73 -11.86
C6 NDG DA . -17.91 -9.96 -11.05
C7 NDG DA . -16.30 -6.76 -16.47
C8 NDG DA . -14.80 -6.47 -16.42
O5 NDG DA . -16.84 -9.24 -13.06
O3 NDG DA . -19.31 -5.93 -13.68
O4 NDG DA . -19.13 -7.12 -11.05
O6 NDG DA . -16.82 -10.87 -10.90
O7 NDG DA . -16.76 -7.33 -17.47
N2 NDG DA . -17.05 -6.38 -15.44
O1 NDG DA . -15.46 -7.40 -13.18
C1 NAG EA . 24.13 18.37 -50.45
C2 NAG EA . 24.70 16.96 -50.41
C3 NAG EA . 25.95 17.03 -51.29
C4 NAG EA . 25.60 17.41 -52.72
C5 NAG EA . 24.85 18.74 -52.75
C6 NAG EA . 24.22 18.92 -54.10
C7 NAG EA . 25.65 15.39 -48.80
C8 NAG EA . 26.93 15.42 -47.97
N2 NAG EA . 25.05 16.56 -49.04
O1 NAG EA . 23.00 18.46 -49.64
O3 NAG EA . 26.59 15.77 -51.29
O4 NAG EA . 26.77 17.48 -53.54
O5 NAG EA . 23.74 18.73 -51.81
O6 NAG EA . 22.85 18.55 -54.07
O7 NAG EA . 25.25 14.32 -49.21
#